data_6PA7
#
_entry.id   6PA7
#
_cell.length_a   1.00
_cell.length_b   1.00
_cell.length_c   1.00
_cell.angle_alpha   90.00
_cell.angle_beta   90.00
_cell.angle_gamma   90.00
#
_symmetry.space_group_name_H-M   'P 1'
#
loop_
_entity.id
_entity.type
_entity.pdbx_description
1 polymer 'Histone H3.2'
2 polymer 'Histone H4'
3 polymer 'Histone H2A type 1'
4 polymer 'Histone H2B 1.1'
5 polymer 'DNA (167-MER)'
6 polymer 'DNA (167-MER)'
7 polymer 'DNA (cytosine-5)-methyltransferase 3A'
8 polymer 'DNA (cytosine-5)-methyltransferase 3B'
9 non-polymer 'CHLORIDE ION'
10 non-polymer S-ADENOSYL-L-HOMOCYSTEINE
#
loop_
_entity_poly.entity_id
_entity_poly.type
_entity_poly.pdbx_seq_one_letter_code
_entity_poly.pdbx_strand_id
1 'polypeptide(L)'
;ARTKQTARKSTGGKAPRKQLATKAARKSAPATGGVKKPHRYRPGTVALREIRRYQKSTELLIRKLPFQRLVREIAQDFKT
DLRFQSSAVMALQEASEAYLVALFEDTNLCAIHAKRVTIMPKDIQLARRIRGERA
;
A,E
2 'polypeptide(L)'
;MSGRGKGGKGLGKGGAKRHRKVLRDNIQGITKPAIRRLARRGGVKRISGLIYEETRGVLKVFLENVIRDAVTYTEHAKRK
TVTAMDVVYALKRQGRTLYGFGG
;
B,F
3 'polypeptide(L)'
;SGRGKQGGKTRAKAKTRSSRAGLQFPVGRVHRLLRKGNYAERVGAGAPVYLAAVLEYLTAEILELAGNAARDNKKTRIIP
RHLQLAVRNDEELNKLLGRVTIAQGGVLPNIQSVLLPKKTESSKSAKSK
;
C,G
4 'polypeptide(L)'
;MAKSAPAPKKGSKKAVTKTQKKDGKKRRKTRKESYAIYVYKVLKQVHPDTGISSKAMSIMNSFVNDVFERIAGEASRLAH
YNKRSTITSREIQTAVRLLLPGELAKHAVSEGTKAVTKYTSAK
;
D,H
5 'polydeoxyribonucleotide'
;(DA)(DT)(DC)(DG)(DG)(DC)(DC)(DG)(DC)(DC)(DC)(DT)(DG)(DG)(DA)(DG)(DA)(DA)(DT)(DC)
(DC)(DC)(DG)(DG)(DT)(DG)(DC)(DC)(DG)(DA)(DG)(DG)(DC)(DC)(DG)(DC)(DT)(DC)(DA)(DA)
(DT)(DT)(DG)(DG)(DT)(DC)(DG)(DT)(DA)(DG)(DA)(DC)(DA)(DG)(DC)(DT)(DC)(DT)(DA)(DG)
(DC)(DA)(DC)(DC)(DG)(DC)(DT)(DT)(DA)(DA)(DA)(DC)(DG)(DC)(DA)(DC)(DG)(DT)(DA)(DC)
(DG)(DC)(DG)(DC)(DT)(DG)(DT)(DC)(DC)(DC)(DC)(DC)(DG)(DC)(DG)(DT)(DT)(DT)(DT)(DA)
(DA)(DC)(DC)(DG)(DC)(DC)(DA)(DA)(DG)(DG)(DG)(DG)(DA)(DT)(DT)(DA)(DC)(DT)(DC)(DC)
(DC)(DT)(DA)(DG)(DT)(DC)(DT)(DC)(DC)(DA)(DG)(DG)(DC)(DA)(DC)(DG)(DT)(DG)(DT)(DC)
(DA)(DG)(DA)(DT)(DA)(DT)(DA)(DT)(DA)(DC)(DA)(DT)(DC)(DC)(DT)(DG)(DT)(DG)(DG)(DC)
(DG)(DG)(DC)(DC)(DG)(DA)(DT)
;
I
6 'polydeoxyribonucleotide'
;(DA)(DT)(DC)(DG)(DG)(DC)(DC)(DG)(DC)(DC)(DA)(DC)(DA)(DG)(DG)(DA)(DT)(DG)(DT)(DA)
(DT)(DA)(DT)(DA)(DT)(DC)(DT)(DG)(DA)(DC)(DA)(DC)(DG)(DT)(DG)(DC)(DC)(DT)(DG)(DG)
(DA)(DG)(DA)(DC)(DT)(DA)(DG)(DG)(DG)(DA)(DG)(DT)(DA)(DA)(DT)(DC)(DC)(DC)(DC)(DT)
(DT)(DG)(DG)(DC)(DG)(DG)(DT)(DT)(DA)(DA)(DA)(DA)(DC)(DG)(DC)(DG)(DG)(DG)(DG)(DG)
(DA)(DC)(DA)(DG)(DC)(DG)(DC)(DG)(DT)(DA)(DC)(DG)(DT)(DG)(DC)(DG)(DT)(DT)(DT)(DA)
(DA)(DG)(DC)(DG)(DG)(DT)(DG)(DC)(DT)(DA)(DG)(DA)(DG)(DC)(DT)(DG)(DT)(DC)(DT)(DA)
(DC)(DG)(DA)(DC)(DC)(DA)(DA)(DT)(DT)(DG)(DA)(DG)(DC)(DG)(DG)(DC)(DC)(DT)(DC)(DG)
(DG)(DC)(DA)(DC)(DC)(DG)(DG)(DG)(DA)(DT)(DT)(DC)(DT)(DC)(DC)(DA)(DG)(DG)(DG)(DC)
(DG)(DG)(DC)(DC)(DG)(DA)(DT)
;
J
7 'polypeptide(L)'
;MNAVEENQGPGESQKVEEASPPAVQQPTDPASPTVATTPEPVGSDAGDKNATKAGDDEPEYEDGRGFGIGELVWGKLRGF
SWWPGRIVSWWMTGRSRAAEGTRWVMWFGDGKFSVVCVEKLMPLSSFCSAFHQATYNKQPMYRKAIYEVLQVASSRAGKL
FPVCHDSDESDTAKAVEVQNKPMIEWALGGFQPSGPKGLEPPEEEKNPYKEVYTDMWVEPEAAAYAPPPPAKKPRKSTAE
KPKVKEIIDERTRERLVYEVRQKCRNIEDICISCGSLNVTLEHPLFVGGMCQNCKNCFLECAYQYDDDGYQSYCTICCGG
REVLMCGNNNCCRCFCVECVDLLVGPGAAQAAIKEDPWNCYMCGHKGTYGLLRRREDWPSRLQMFFANNHDQEFDPPKVY
PPVPAEKRKPIRVLSLFDGIATGLLVLKDLGIQVDRYIASEVCEDSITVGMVRHQGKIMYVGDVRSVTQKHIQEWGPFDL
VIGGSPCNDLSIVNPARKGLYEGTGRLFFEFYRLLHDARPKEGDDRPFFWLFENVVAMGVSDKRDISRFLESNPVMIDAK
EVSAAHRARYFWGNLPGMNRPLASTVNDKLELQECLEHGRIAKFSKVRTITTRSNSIKQGKDQHFPVFMNEKEDILWCTE
MERVFGFPVHYTDVSNMSRLARQRLLGRSWSVPVIRHLFAPLKEYFACV
;
K,P
8 'polypeptide(L)'
;MKGDTRHLNGEEDAGGREDSILVNGACSDQSSDSPPILEAIRTPEIRGRRSSSRLSKREVSSLLSYTQDLTGDGDGEDGD
GSDTPVMPKLFRETRTRSESPAVRTRNNNSVSSRERHRPSPRSTRGRQGRNHVDESPVEFPATRSLRRRATASAGTPWPS
PPSSYLTIDLTDDTEDTHGTPQSSSTPYARLAQDSQQGGMESPQVEADSGDGDSSEYQDGKEFGIGDLVWGKIKGFSWWP
AMVVSWKATSKRQAMSGMRWVQWFGDGKFSEVSADKLVALGLFSQHFNLATFNKLVSYRKAMYHALEKARVRAGKTFPSS
PGDSLEDQLKPMLEWAHGGFKPTGIEGLKPNNTQPENKTRRRTADDSATSDYCPAPKRLKTNCYNNGKDRGDEDQSREQM
ASDVANNKSSLEDGCLSCGRKNPVSFHPLFEGGLCQTCRDRFLELFYMYDDDGYQSYCTVCCEGRELLLCSNTSCCRCFC
VECLEVLVGTGTAAEAKLQEPWSCYMCLPQRCHGVLRRRKDWNVRLQAFFTSDTGLEYEAPKLYPAIPAARRRPIRVLSL
FDGIATGYLVLKELGIKVGKYVASEVCEESIAVGTVKHEGNIKYVNDVRNITKKNIEEWGPFDLVIGGSPCNDLSNVNPA
RKGLYEGTGRLFFEFYHLLNYSRPKEGDDRPFFWMFENVVAMKVGDKRDISRFLECNPVMIDAIKVSAAHRARYFWGNLP
GMNRIFGFPVHYTDVSNMGRGARQKLLGRSWSVPVIRHLFAPLKDYFACE
;
N,S
#
loop_
_chem_comp.id
_chem_comp.type
_chem_comp.name
_chem_comp.formula
CL non-polymer 'CHLORIDE ION' 'Cl -1'
DA DNA linking 2'-DEOXYADENOSINE-5'-MONOPHOSPHATE 'C10 H14 N5 O6 P'
DC DNA linking 2'-DEOXYCYTIDINE-5'-MONOPHOSPHATE 'C9 H14 N3 O7 P'
DG DNA linking 2'-DEOXYGUANOSINE-5'-MONOPHOSPHATE 'C10 H14 N5 O7 P'
DT DNA linking THYMIDINE-5'-MONOPHOSPHATE 'C10 H15 N2 O8 P'
#
# COMPACT_ATOMS: atom_id res chain seq x y z
N LYS A 37 26.02 13.84 -0.64
CA LYS A 37 26.74 13.22 -1.76
C LYS A 37 26.95 11.67 -1.66
N PRO A 38 27.30 11.08 -0.51
CA PRO A 38 27.32 9.60 -0.46
C PRO A 38 25.91 9.04 -0.41
N HIS A 39 25.65 8.05 -1.27
CA HIS A 39 24.34 7.43 -1.35
C HIS A 39 24.23 6.30 -0.34
N ARG A 40 23.05 6.17 0.27
CA ARG A 40 22.78 5.12 1.23
C ARG A 40 21.35 4.65 1.07
N TYR A 41 21.14 3.34 1.09
CA TYR A 41 19.81 2.78 0.95
C TYR A 41 19.15 2.62 2.32
N ARG A 42 17.84 2.35 2.28
CA ARG A 42 17.12 1.92 3.47
C ARG A 42 17.47 0.46 3.77
N PRO A 43 17.27 0.01 5.02
CA PRO A 43 17.58 -1.41 5.34
C PRO A 43 16.77 -2.44 4.59
N GLY A 44 15.45 -2.25 4.51
CA GLY A 44 14.57 -3.18 3.84
C GLY A 44 14.90 -3.47 2.38
N THR A 45 15.46 -2.48 1.68
CA THR A 45 15.65 -2.66 0.24
C THR A 45 16.86 -3.52 -0.06
N VAL A 46 17.96 -3.33 0.68
CA VAL A 46 19.12 -4.19 0.49
C VAL A 46 18.87 -5.57 1.10
N ALA A 47 18.09 -5.63 2.19
CA ALA A 47 17.69 -6.91 2.76
C ALA A 47 16.88 -7.75 1.76
N LEU A 48 15.82 -7.17 1.20
CA LEU A 48 15.04 -7.84 0.15
C LEU A 48 15.85 -8.13 -1.10
N ARG A 49 16.81 -7.27 -1.43
CA ARG A 49 17.69 -7.51 -2.57
C ARG A 49 18.56 -8.73 -2.36
N GLU A 50 19.05 -8.92 -1.13
CA GLU A 50 19.85 -10.09 -0.83
C GLU A 50 18.99 -11.34 -0.77
N ILE A 51 17.78 -11.23 -0.22
CA ILE A 51 16.79 -12.33 -0.25
C ILE A 51 16.55 -12.80 -1.68
N ARG A 52 16.36 -11.86 -2.61
CA ARG A 52 16.16 -12.22 -4.02
C ARG A 52 17.42 -12.84 -4.63
N ARG A 53 18.59 -12.23 -4.37
CA ARG A 53 19.85 -12.69 -4.94
C ARG A 53 20.20 -14.10 -4.49
N TYR A 54 19.97 -14.43 -3.21
CA TYR A 54 20.29 -15.76 -2.73
C TYR A 54 19.17 -16.77 -2.95
N GLN A 55 17.91 -16.35 -3.10
CA GLN A 55 16.90 -17.30 -3.56
C GLN A 55 16.99 -17.58 -5.05
N LYS A 56 17.69 -16.75 -5.82
CA LYS A 56 17.96 -17.09 -7.21
C LYS A 56 19.18 -17.98 -7.39
N SER A 57 20.20 -17.81 -6.55
CA SER A 57 21.44 -18.55 -6.71
C SER A 57 21.30 -19.97 -6.13
N THR A 58 22.23 -20.84 -6.53
CA THR A 58 22.25 -22.22 -6.10
C THR A 58 23.55 -22.64 -5.42
N GLU A 59 24.55 -21.76 -5.36
CA GLU A 59 25.85 -22.15 -4.84
C GLU A 59 25.81 -22.31 -3.32
N LEU A 60 26.80 -23.02 -2.80
CA LEU A 60 26.88 -23.29 -1.37
C LEU A 60 27.35 -22.04 -0.63
N LEU A 61 26.62 -21.67 0.41
CA LEU A 61 26.84 -20.40 1.09
C LEU A 61 27.87 -20.52 2.21
N ILE A 62 27.86 -21.63 2.95
CA ILE A 62 28.96 -21.93 3.86
C ILE A 62 30.19 -22.25 3.04
N ARG A 63 31.34 -21.70 3.45
CA ARG A 63 32.59 -21.99 2.77
C ARG A 63 32.98 -23.45 2.97
N LYS A 64 33.75 -23.98 2.01
CA LYS A 64 34.02 -25.42 1.96
C LYS A 64 34.94 -25.85 3.10
N LEU A 65 36.04 -25.13 3.30
CA LEU A 65 37.08 -25.54 4.23
C LEU A 65 36.71 -25.39 5.72
N PRO A 66 36.05 -24.31 6.18
CA PRO A 66 35.63 -24.32 7.60
C PRO A 66 34.53 -25.33 7.89
N PHE A 67 33.64 -25.60 6.94
CA PHE A 67 32.67 -26.68 7.11
C PHE A 67 33.37 -28.03 7.21
N GLN A 68 34.39 -28.25 6.36
CA GLN A 68 35.19 -29.47 6.44
C GLN A 68 35.89 -29.61 7.79
N ARG A 69 36.42 -28.50 8.32
CA ARG A 69 37.03 -28.53 9.65
C ARG A 69 36.01 -28.83 10.75
N LEU A 70 34.80 -28.27 10.62
CA LEU A 70 33.72 -28.58 11.56
C LEU A 70 33.33 -30.05 11.51
N VAL A 71 33.30 -30.61 10.30
CA VAL A 71 32.93 -32.03 10.12
C VAL A 71 34.00 -32.93 10.74
N ARG A 72 35.27 -32.60 10.53
CA ARG A 72 36.35 -33.38 11.15
C ARG A 72 36.35 -33.24 12.67
N GLU A 73 36.03 -32.04 13.17
CA GLU A 73 35.97 -31.81 14.61
C GLU A 73 34.86 -32.64 15.27
N ILE A 74 33.67 -32.64 14.65
CA ILE A 74 32.56 -33.44 15.18
C ILE A 74 32.85 -34.93 15.03
N ALA A 75 33.49 -35.33 13.93
CA ALA A 75 33.81 -36.74 13.70
C ALA A 75 34.82 -37.27 14.72
N GLN A 76 35.83 -36.45 15.05
CA GLN A 76 36.87 -36.71 16.06
C GLN A 76 36.35 -37.32 17.37
N ASP A 77 35.18 -36.87 17.82
CA ASP A 77 34.56 -37.39 19.03
C ASP A 77 33.80 -38.70 18.80
N PHE A 78 33.95 -39.35 17.65
CA PHE A 78 33.39 -40.68 17.42
C PHE A 78 34.44 -41.72 17.09
N LYS A 79 35.42 -41.38 16.26
CA LYS A 79 36.54 -42.27 15.97
C LYS A 79 37.74 -41.41 15.58
N THR A 80 38.90 -41.75 16.12
CA THR A 80 40.12 -41.06 15.73
C THR A 80 40.57 -41.49 14.34
N ASP A 81 41.24 -40.57 13.64
CA ASP A 81 41.86 -40.77 12.33
C ASP A 81 40.83 -41.21 11.28
N LEU A 82 39.76 -40.41 11.15
CA LEU A 82 38.75 -40.66 10.13
C LEU A 82 39.07 -39.89 8.87
N ARG A 83 38.80 -40.52 7.73
CA ARG A 83 39.01 -39.92 6.43
C ARG A 83 37.65 -39.67 5.77
N PHE A 84 37.65 -38.78 4.78
CA PHE A 84 36.42 -38.36 4.13
C PHE A 84 36.64 -38.22 2.64
N GLN A 85 35.74 -38.77 1.84
CA GLN A 85 35.69 -38.40 0.44
C GLN A 85 35.26 -36.95 0.31
N SER A 86 35.70 -36.32 -0.79
CA SER A 86 35.31 -34.93 -1.06
C SER A 86 33.82 -34.83 -1.29
N SER A 87 33.26 -35.77 -2.06
CA SER A 87 31.82 -35.80 -2.31
C SER A 87 31.02 -36.08 -1.05
N ALA A 88 31.61 -36.73 -0.05
CA ALA A 88 30.93 -36.92 1.24
C ALA A 88 30.76 -35.60 1.97
N VAL A 89 31.81 -34.79 2.01
CA VAL A 89 31.72 -33.49 2.66
C VAL A 89 30.83 -32.54 1.86
N MET A 90 30.85 -32.65 0.53
CA MET A 90 29.92 -31.88 -0.30
C MET A 90 28.48 -32.29 -0.05
N ALA A 91 28.22 -33.59 0.15
CA ALA A 91 26.88 -34.06 0.46
C ALA A 91 26.41 -33.56 1.81
N LEU A 92 27.30 -33.62 2.81
CA LEU A 92 27.04 -33.04 4.12
C LEU A 92 26.70 -31.56 4.03
N GLN A 93 27.43 -30.82 3.20
CA GLN A 93 27.20 -29.38 3.08
C GLN A 93 25.89 -29.06 2.36
N GLU A 94 25.59 -29.80 1.28
CA GLU A 94 24.30 -29.65 0.58
C GLU A 94 23.13 -29.90 1.53
N ALA A 95 23.21 -30.99 2.31
CA ALA A 95 22.10 -31.32 3.19
C ALA A 95 22.02 -30.36 4.38
N SER A 96 23.17 -29.90 4.88
CA SER A 96 23.19 -29.02 6.03
C SER A 96 22.64 -27.65 5.67
N GLU A 97 23.08 -27.09 4.53
CA GLU A 97 22.55 -25.81 4.08
C GLU A 97 21.07 -25.90 3.72
N ALA A 98 20.64 -26.99 3.05
CA ALA A 98 19.21 -27.16 2.77
C ALA A 98 18.38 -27.27 4.05
N TYR A 99 18.91 -27.96 5.06
CA TYR A 99 18.24 -28.09 6.35
C TYR A 99 18.13 -26.75 7.04
N LEU A 100 19.20 -25.96 7.05
CA LEU A 100 19.14 -24.66 7.69
C LEU A 100 18.27 -23.67 6.91
N VAL A 101 18.16 -23.84 5.59
CA VAL A 101 17.31 -22.93 4.82
C VAL A 101 15.83 -23.25 5.07
N ALA A 102 15.48 -24.54 5.16
CA ALA A 102 14.13 -24.90 5.59
C ALA A 102 13.86 -24.48 7.03
N LEU A 103 14.88 -24.53 7.88
CA LEU A 103 14.75 -24.10 9.27
C LEU A 103 14.50 -22.60 9.35
N PHE A 104 15.26 -21.79 8.58
CA PHE A 104 15.02 -20.35 8.56
C PHE A 104 13.71 -20.00 7.90
N GLU A 105 13.25 -20.79 6.92
CA GLU A 105 11.89 -20.63 6.39
C GLU A 105 10.84 -20.76 7.49
N ASP A 106 10.92 -21.83 8.28
CA ASP A 106 9.97 -22.02 9.38
C ASP A 106 10.15 -20.97 10.46
N THR A 107 11.39 -20.53 10.68
CA THR A 107 11.71 -19.50 11.66
C THR A 107 11.13 -18.15 11.25
N ASN A 108 11.21 -17.83 9.96
CA ASN A 108 10.59 -16.63 9.42
C ASN A 108 9.07 -16.71 9.53
N LEU A 109 8.49 -17.89 9.34
CA LEU A 109 7.05 -18.04 9.52
C LEU A 109 6.65 -17.86 10.98
N CYS A 110 7.50 -18.30 11.91
CA CYS A 110 7.25 -18.06 13.33
C CYS A 110 7.33 -16.57 13.67
N ALA A 111 8.33 -15.88 13.11
CA ALA A 111 8.49 -14.45 13.33
C ALA A 111 7.30 -13.65 12.80
N ILE A 112 6.97 -13.87 11.52
CA ILE A 112 5.79 -13.26 10.90
C ILE A 112 4.51 -13.55 11.68
N HIS A 113 4.36 -14.80 12.15
CA HIS A 113 3.20 -15.15 12.96
C HIS A 113 3.13 -14.37 14.27
N ALA A 114 4.28 -14.03 14.86
CA ALA A 114 4.32 -13.28 16.11
C ALA A 114 4.36 -11.77 15.89
N LYS A 115 3.88 -11.31 14.74
CA LYS A 115 3.82 -9.89 14.35
C LYS A 115 5.20 -9.22 14.37
N ARG A 116 6.22 -9.99 13.99
CA ARG A 116 7.58 -9.49 13.88
C ARG A 116 8.10 -9.73 12.46
N VAL A 117 9.20 -9.06 12.14
CA VAL A 117 9.91 -9.31 10.89
C VAL A 117 11.36 -9.64 11.23
N THR A 118 11.64 -9.77 12.52
CA THR A 118 12.97 -10.11 13.02
C THR A 118 12.92 -11.48 13.66
N ILE A 119 13.74 -12.40 13.17
CA ILE A 119 13.76 -13.75 13.72
C ILE A 119 14.51 -13.75 15.05
N MET A 120 14.11 -14.66 15.93
CA MET A 120 14.60 -14.74 17.30
C MET A 120 14.85 -16.21 17.63
N PRO A 121 15.66 -16.49 18.65
CA PRO A 121 15.82 -17.89 19.08
C PRO A 121 14.55 -18.52 19.63
N LYS A 122 13.63 -17.71 20.16
CA LYS A 122 12.24 -18.12 20.35
C LYS A 122 11.66 -18.78 19.10
N ASP A 123 11.86 -18.16 17.93
CA ASP A 123 11.28 -18.67 16.70
C ASP A 123 11.93 -19.97 16.27
N ILE A 124 13.26 -20.07 16.42
CA ILE A 124 13.98 -21.31 16.12
C ILE A 124 13.53 -22.44 17.02
N GLN A 125 13.36 -22.14 18.33
CA GLN A 125 12.95 -23.17 19.28
C GLN A 125 11.52 -23.62 19.02
N LEU A 126 10.62 -22.68 18.71
CA LEU A 126 9.25 -23.04 18.31
C LEU A 126 9.24 -23.92 17.05
N ALA A 127 10.04 -23.56 16.05
CA ALA A 127 10.12 -24.33 14.80
C ALA A 127 10.59 -25.76 15.05
N ARG A 128 11.72 -25.90 15.76
CA ARG A 128 12.25 -27.22 16.08
C ARG A 128 11.32 -28.02 16.99
N ARG A 129 10.59 -27.34 17.87
CA ARG A 129 9.64 -28.02 18.75
C ARG A 129 8.46 -28.59 17.96
N ILE A 130 7.89 -27.79 17.05
CA ILE A 130 6.79 -28.28 16.23
C ILE A 130 7.26 -29.36 15.25
N ARG A 131 8.51 -29.27 14.78
CA ARG A 131 9.02 -30.31 13.89
C ARG A 131 9.37 -31.59 14.64
N GLY A 132 9.46 -31.54 15.97
CA GLY A 132 9.69 -32.73 16.75
C GLY A 132 11.13 -33.05 17.04
N GLU A 133 12.03 -32.10 16.83
CA GLU A 133 13.46 -32.34 16.92
C GLU A 133 14.05 -31.99 18.28
N ARG A 134 13.26 -31.47 19.21
CA ARG A 134 13.73 -31.14 20.54
C ARG A 134 13.97 -32.44 21.32
N ALA A 135 15.22 -32.87 21.38
CA ALA A 135 15.57 -34.13 22.03
C ALA A 135 16.99 -34.08 22.59
N LEU B 23 41.26 -26.52 17.91
CA LEU B 23 40.31 -27.55 17.50
C LEU B 23 38.96 -27.33 18.19
N ARG B 24 38.70 -26.08 18.57
CA ARG B 24 37.44 -25.72 19.21
C ARG B 24 36.72 -24.57 18.54
N ASP B 25 37.39 -23.75 17.74
CA ASP B 25 36.78 -22.66 17.01
C ASP B 25 36.25 -23.09 15.64
N ASN B 26 36.09 -24.40 15.42
CA ASN B 26 35.60 -24.87 14.13
C ASN B 26 34.11 -24.61 13.98
N ILE B 27 33.37 -24.53 15.09
CA ILE B 27 31.97 -24.12 15.01
C ILE B 27 31.87 -22.63 14.70
N GLN B 28 32.90 -21.85 15.06
CA GLN B 28 32.97 -20.45 14.67
C GLN B 28 33.35 -20.26 13.21
N GLY B 29 33.78 -21.32 12.52
CA GLY B 29 33.94 -21.28 11.08
C GLY B 29 32.65 -21.12 10.32
N ILE B 30 31.52 -21.45 10.93
CA ILE B 30 30.21 -21.12 10.38
C ILE B 30 29.99 -19.65 10.71
N THR B 31 30.34 -18.77 9.77
CA THR B 31 30.48 -17.37 10.09
C THR B 31 29.12 -16.67 10.13
N LYS B 32 29.13 -15.49 10.75
CA LYS B 32 27.96 -14.61 10.76
C LYS B 32 27.50 -14.16 9.37
N PRO B 33 28.36 -13.77 8.41
CA PRO B 33 27.89 -13.64 7.01
C PRO B 33 27.31 -14.91 6.42
N ALA B 34 27.83 -16.09 6.78
CA ALA B 34 27.35 -17.31 6.13
C ALA B 34 25.97 -17.70 6.62
N ILE B 35 25.74 -17.58 7.94
CA ILE B 35 24.40 -17.76 8.50
C ILE B 35 23.46 -16.69 7.98
N ARG B 36 23.96 -15.48 7.72
CA ARG B 36 23.11 -14.44 7.14
C ARG B 36 22.71 -14.76 5.71
N ARG B 37 23.64 -15.30 4.91
CA ARG B 37 23.34 -15.73 3.55
C ARG B 37 22.32 -16.87 3.53
N LEU B 38 22.50 -17.85 4.42
CA LEU B 38 21.54 -18.93 4.58
C LEU B 38 20.14 -18.40 4.92
N ALA B 39 20.06 -17.48 5.88
CA ALA B 39 18.77 -16.89 6.23
C ALA B 39 18.18 -16.06 5.09
N ARG B 40 19.02 -15.40 4.28
CA ARG B 40 18.51 -14.71 3.09
C ARG B 40 17.92 -15.70 2.09
N ARG B 41 18.58 -16.85 1.90
CA ARG B 41 18.00 -17.88 1.05
C ARG B 41 16.71 -18.44 1.64
N GLY B 42 16.61 -18.49 2.96
CA GLY B 42 15.37 -18.85 3.62
C GLY B 42 14.30 -17.78 3.62
N GLY B 43 14.63 -16.57 3.20
CA GLY B 43 13.67 -15.49 3.11
C GLY B 43 13.62 -14.56 4.30
N VAL B 44 14.61 -14.60 5.19
CA VAL B 44 14.59 -13.80 6.41
C VAL B 44 15.04 -12.38 6.07
N LYS B 45 14.25 -11.40 6.51
CA LYS B 45 14.56 -9.99 6.30
C LYS B 45 15.48 -9.44 7.39
N ARG B 46 15.19 -9.70 8.66
CA ARG B 46 15.96 -9.16 9.77
C ARG B 46 16.40 -10.29 10.70
N ILE B 47 17.65 -10.21 11.15
CA ILE B 47 18.29 -11.26 11.95
C ILE B 47 18.77 -10.64 13.24
N SER B 48 18.25 -11.12 14.38
CA SER B 48 18.75 -10.65 15.65
C SER B 48 20.13 -11.23 15.93
N GLY B 49 20.83 -10.62 16.90
CA GLY B 49 22.19 -11.04 17.18
C GLY B 49 22.29 -12.38 17.88
N LEU B 50 21.28 -12.73 18.67
CA LEU B 50 21.22 -14.03 19.34
C LEU B 50 20.89 -15.19 18.42
N ILE B 51 20.61 -14.93 17.13
CA ILE B 51 20.37 -15.99 16.17
C ILE B 51 21.61 -16.86 15.98
N TYR B 52 22.77 -16.22 15.80
CA TYR B 52 23.95 -16.87 15.20
C TYR B 52 24.51 -17.99 16.07
N GLU B 53 24.63 -17.77 17.39
CA GLU B 53 25.09 -18.82 18.28
C GLU B 53 24.09 -19.97 18.36
N GLU B 54 22.80 -19.66 18.41
CA GLU B 54 21.75 -20.68 18.37
C GLU B 54 21.82 -21.50 17.08
N THR B 55 22.09 -20.85 15.96
CA THR B 55 22.11 -21.53 14.67
C THR B 55 23.33 -22.44 14.56
N ARG B 56 24.50 -21.94 14.99
CA ARG B 56 25.68 -22.80 15.16
C ARG B 56 25.39 -24.00 16.04
N GLY B 57 24.66 -23.82 17.15
CA GLY B 57 24.27 -24.94 18.00
C GLY B 57 23.40 -25.97 17.29
N VAL B 58 22.35 -25.50 16.61
CA VAL B 58 21.41 -26.39 15.93
C VAL B 58 22.10 -27.14 14.79
N LEU B 59 22.90 -26.43 13.99
CA LEU B 59 23.71 -27.03 12.94
C LEU B 59 24.67 -28.06 13.51
N LYS B 60 25.31 -27.76 14.65
CA LYS B 60 26.21 -28.71 15.29
C LYS B 60 25.48 -29.97 15.75
N VAL B 61 24.24 -29.82 16.23
CA VAL B 61 23.48 -30.99 16.68
C VAL B 61 23.06 -31.85 15.50
N PHE B 62 22.60 -31.21 14.42
CA PHE B 62 22.26 -31.91 13.18
C PHE B 62 23.47 -32.66 12.62
N LEU B 63 24.63 -32.00 12.57
CA LEU B 63 25.85 -32.64 12.10
C LEU B 63 26.30 -33.76 13.03
N GLU B 64 26.05 -33.63 14.34
CA GLU B 64 26.36 -34.71 15.27
C GLU B 64 25.55 -35.95 14.95
N ASN B 65 24.23 -35.80 14.77
CA ASN B 65 23.38 -36.94 14.42
C ASN B 65 23.78 -37.57 13.08
N VAL B 66 24.01 -36.74 12.06
CA VAL B 66 24.33 -37.25 10.73
C VAL B 66 25.69 -37.94 10.70
N ILE B 67 26.73 -37.27 11.24
CA ILE B 67 28.08 -37.84 11.26
C ILE B 67 28.13 -39.07 12.15
N ARG B 68 27.36 -39.09 13.26
CA ARG B 68 27.23 -40.28 14.10
C ARG B 68 26.72 -41.48 13.30
N ASP B 69 25.63 -41.28 12.55
CA ASP B 69 25.09 -42.36 11.72
C ASP B 69 26.06 -42.78 10.61
N ALA B 70 26.67 -41.80 9.92
CA ALA B 70 27.59 -42.10 8.83
C ALA B 70 28.85 -42.84 9.32
N VAL B 71 29.34 -42.49 10.50
CA VAL B 71 30.52 -43.15 11.05
C VAL B 71 30.16 -44.55 11.52
N THR B 72 28.99 -44.73 12.14
CA THR B 72 28.42 -46.07 12.35
C THR B 72 28.40 -46.93 11.08
N TYR B 73 27.94 -46.35 9.96
CA TYR B 73 27.93 -47.09 8.70
C TYR B 73 29.34 -47.40 8.21
N THR B 74 30.28 -46.49 8.44
CA THR B 74 31.69 -46.74 8.09
C THR B 74 32.27 -47.87 8.93
N GLU B 75 31.98 -47.86 10.24
CA GLU B 75 32.35 -48.95 11.15
C GLU B 75 31.85 -50.30 10.68
N HIS B 76 30.59 -50.34 10.19
CA HIS B 76 30.05 -51.64 9.75
C HIS B 76 30.74 -52.15 8.50
N ALA B 77 31.22 -51.26 7.64
CA ALA B 77 31.92 -51.65 6.42
C ALA B 77 33.40 -51.93 6.64
N LYS B 78 33.88 -51.80 7.89
CA LYS B 78 35.27 -52.03 8.30
C LYS B 78 36.25 -51.16 7.52
N ARG B 79 35.83 -49.93 7.21
CA ARG B 79 36.63 -48.99 6.46
C ARG B 79 37.10 -47.86 7.36
N LYS B 80 38.03 -47.07 6.83
CA LYS B 80 38.57 -45.91 7.53
C LYS B 80 38.13 -44.59 6.92
N THR B 81 37.55 -44.59 5.73
CA THR B 81 37.06 -43.38 5.09
C THR B 81 35.54 -43.40 5.03
N VAL B 82 34.95 -42.21 5.07
CA VAL B 82 33.51 -42.04 5.02
C VAL B 82 33.15 -41.68 3.58
N THR B 83 32.48 -42.59 2.88
CA THR B 83 32.07 -42.33 1.52
C THR B 83 30.83 -41.45 1.50
N ALA B 84 30.52 -40.93 0.30
CA ALA B 84 29.30 -40.13 0.15
C ALA B 84 28.06 -41.01 0.24
N MET B 85 28.16 -42.27 -0.19
CA MET B 85 27.08 -43.22 -0.04
C MET B 85 26.71 -43.42 1.43
N ASP B 86 27.68 -43.36 2.34
CA ASP B 86 27.40 -43.46 3.77
C ASP B 86 26.56 -42.29 4.25
N VAL B 87 26.89 -41.08 3.81
CA VAL B 87 26.13 -39.90 4.22
C VAL B 87 24.74 -39.91 3.58
N VAL B 88 24.63 -40.44 2.36
CA VAL B 88 23.32 -40.60 1.71
C VAL B 88 22.46 -41.59 2.48
N TYR B 89 23.03 -42.74 2.85
CA TYR B 89 22.32 -43.75 3.64
C TYR B 89 21.91 -43.21 5.00
N ALA B 90 22.78 -42.40 5.63
CA ALA B 90 22.47 -41.81 6.94
C ALA B 90 21.31 -40.83 6.86
N LEU B 91 21.42 -39.86 5.95
CA LEU B 91 20.35 -38.89 5.70
C LEU B 91 19.05 -39.55 5.27
N LYS B 92 19.13 -40.64 4.50
CA LYS B 92 17.95 -41.41 4.12
C LYS B 92 17.32 -42.09 5.33
N ARG B 93 18.16 -42.64 6.22
CA ARG B 93 17.66 -43.21 7.48
C ARG B 93 16.98 -42.15 8.33
N GLN B 94 17.52 -40.93 8.35
CA GLN B 94 16.94 -39.87 9.14
C GLN B 94 15.79 -39.15 8.45
N GLY B 95 15.28 -39.68 7.34
CA GLY B 95 14.14 -39.11 6.67
C GLY B 95 14.40 -37.82 5.93
N ARG B 96 15.65 -37.56 5.54
CA ARG B 96 16.00 -36.39 4.73
C ARG B 96 16.79 -36.91 3.53
N THR B 97 16.08 -37.38 2.51
CA THR B 97 16.73 -38.04 1.39
C THR B 97 17.47 -37.02 0.53
N LEU B 98 18.72 -37.34 0.19
CA LEU B 98 19.59 -36.46 -0.57
C LEU B 98 19.87 -37.06 -1.94
N TYR B 99 19.58 -36.29 -2.99
CA TYR B 99 19.80 -36.72 -4.37
C TYR B 99 21.10 -36.15 -4.89
N GLY B 100 21.70 -36.87 -5.83
CA GLY B 100 22.87 -36.38 -6.54
C GLY B 100 24.22 -36.84 -6.03
N PHE B 101 24.24 -37.84 -5.16
CA PHE B 101 25.50 -38.36 -4.62
C PHE B 101 25.49 -39.88 -4.64
N GLY B 102 25.08 -40.44 -5.78
CA GLY B 102 24.99 -41.88 -5.93
C GLY B 102 23.58 -42.39 -5.83
N GLY B 103 23.24 -42.99 -4.68
CA GLY B 103 21.92 -43.54 -4.48
C GLY B 103 21.68 -44.86 -5.18
N ARG C 11 19.93 -88.73 20.91
CA ARG C 11 19.62 -88.84 22.33
C ARG C 11 20.35 -87.77 23.14
N ALA C 12 19.68 -86.63 23.33
CA ALA C 12 20.27 -85.52 24.07
C ALA C 12 19.13 -84.67 24.65
N LYS C 13 19.45 -83.97 25.74
CA LYS C 13 18.50 -83.05 26.35
C LYS C 13 18.28 -81.85 25.45
N ALA C 14 17.03 -81.62 25.04
CA ALA C 14 16.69 -80.55 24.09
C ALA C 14 16.75 -79.21 24.81
N LYS C 15 17.97 -78.69 24.93
CA LYS C 15 18.19 -77.38 25.55
C LYS C 15 17.87 -76.30 24.52
N THR C 16 16.90 -75.46 24.84
CA THR C 16 16.49 -74.40 23.92
C THR C 16 17.57 -73.34 23.80
N ARG C 17 17.58 -72.65 22.66
CA ARG C 17 18.60 -71.63 22.40
C ARG C 17 18.41 -70.39 23.26
N SER C 18 17.17 -70.14 23.72
CA SER C 18 16.92 -69.09 24.71
C SER C 18 17.68 -69.35 26.00
N SER C 19 17.49 -70.54 26.57
CA SER C 19 18.20 -70.91 27.79
C SER C 19 19.70 -71.09 27.53
N ARG C 20 20.08 -71.55 26.34
CA ARG C 20 21.49 -71.67 25.98
C ARG C 20 22.18 -70.31 25.95
N ALA C 21 21.48 -69.28 25.47
CA ALA C 21 22.01 -67.93 25.42
C ALA C 21 21.77 -67.15 26.72
N GLY C 22 21.12 -67.76 27.71
CA GLY C 22 20.80 -67.06 28.93
C GLY C 22 19.74 -66.01 28.76
N LEU C 23 18.78 -66.22 27.87
CA LEU C 23 17.77 -65.24 27.52
C LEU C 23 16.38 -65.83 27.77
N GLN C 24 15.35 -65.03 27.50
CA GLN C 24 13.98 -65.46 27.67
C GLN C 24 13.18 -65.43 26.38
N PHE C 25 13.40 -64.44 25.51
CA PHE C 25 12.66 -64.37 24.25
C PHE C 25 13.10 -65.50 23.31
N PRO C 26 12.17 -66.05 22.52
CA PRO C 26 12.48 -67.28 21.77
C PRO C 26 13.42 -67.01 20.59
N VAL C 27 14.58 -67.67 20.61
CA VAL C 27 15.53 -67.53 19.52
C VAL C 27 15.02 -68.25 18.27
N GLY C 28 14.18 -69.28 18.46
CA GLY C 28 13.64 -70.00 17.31
C GLY C 28 12.59 -69.20 16.56
N ARG C 29 11.70 -68.51 17.29
CA ARG C 29 10.67 -67.71 16.65
C ARG C 29 11.26 -66.48 15.97
N VAL C 30 12.21 -65.81 16.64
CA VAL C 30 12.96 -64.71 16.04
C VAL C 30 13.71 -65.18 14.79
N HIS C 31 14.32 -66.38 14.87
CA HIS C 31 15.07 -66.91 13.74
C HIS C 31 14.17 -67.24 12.55
N ARG C 32 13.01 -67.85 12.79
CA ARG C 32 12.12 -68.14 11.67
C ARG C 32 11.36 -66.91 11.18
N LEU C 33 11.30 -65.84 11.98
CA LEU C 33 10.77 -64.59 11.43
C LEU C 33 11.83 -63.84 10.64
N LEU C 34 13.11 -64.00 10.99
CA LEU C 34 14.17 -63.44 10.16
C LEU C 34 14.32 -64.21 8.86
N ARG C 35 14.03 -65.51 8.87
CA ARG C 35 14.03 -66.29 7.63
C ARG C 35 12.79 -66.02 6.80
N LYS C 36 11.60 -66.13 7.39
CA LYS C 36 10.35 -65.90 6.68
C LYS C 36 10.18 -64.45 6.23
N GLY C 37 10.73 -63.49 6.98
CA GLY C 37 10.45 -62.08 6.75
C GLY C 37 11.10 -61.47 5.51
N ASN C 38 11.86 -62.24 4.73
CA ASN C 38 12.49 -61.82 3.47
C ASN C 38 13.43 -60.63 3.69
N TYR C 39 14.43 -60.85 4.53
CA TYR C 39 15.43 -59.84 4.83
C TYR C 39 16.76 -60.10 4.15
N ALA C 40 17.20 -61.37 4.12
CA ALA C 40 18.41 -61.74 3.40
C ALA C 40 18.29 -63.21 3.01
N GLU C 41 19.29 -63.68 2.26
CA GLU C 41 19.32 -65.08 1.87
C GLU C 41 19.70 -65.97 3.06
N ARG C 42 20.76 -65.60 3.77
CA ARG C 42 21.26 -66.36 4.90
C ARG C 42 21.03 -65.58 6.18
N VAL C 43 20.68 -66.29 7.26
CA VAL C 43 20.49 -65.71 8.59
C VAL C 43 21.24 -66.58 9.57
N GLY C 44 22.14 -65.98 10.35
CA GLY C 44 22.97 -66.72 11.28
C GLY C 44 22.23 -67.17 12.53
N ALA C 45 23.02 -67.48 13.57
CA ALA C 45 22.50 -67.76 14.90
C ALA C 45 22.82 -66.66 15.89
N GLY C 46 23.98 -66.02 15.75
CA GLY C 46 24.29 -64.85 16.54
C GLY C 46 23.33 -63.70 16.29
N ALA C 47 22.78 -63.61 15.07
CA ALA C 47 21.81 -62.56 14.78
C ALA C 47 20.51 -62.74 15.57
N PRO C 48 19.80 -63.89 15.55
CA PRO C 48 18.61 -63.97 16.40
C PRO C 48 18.92 -64.04 17.89
N VAL C 49 20.09 -64.54 18.30
CA VAL C 49 20.47 -64.48 19.73
C VAL C 49 20.62 -63.03 20.17
N TYR C 50 21.42 -62.25 19.45
CA TYR C 50 21.62 -60.83 19.73
C TYR C 50 20.31 -60.06 19.68
N LEU C 51 19.44 -60.38 18.71
CA LEU C 51 18.21 -59.61 18.55
C LEU C 51 17.20 -59.94 19.64
N ALA C 52 17.14 -61.22 20.06
CA ALA C 52 16.33 -61.59 21.22
C ALA C 52 16.84 -60.92 22.49
N ALA C 53 18.17 -60.78 22.61
CA ALA C 53 18.75 -60.08 23.75
C ALA C 53 18.35 -58.60 23.78
N VAL C 54 18.47 -57.92 22.63
CA VAL C 54 18.08 -56.51 22.52
C VAL C 54 16.60 -56.32 22.84
N LEU C 55 15.74 -57.17 22.25
CA LEU C 55 14.30 -57.05 22.49
C LEU C 55 13.95 -57.33 23.95
N GLU C 56 14.57 -58.35 24.55
CA GLU C 56 14.38 -58.62 25.97
C GLU C 56 14.82 -57.47 26.85
N TYR C 57 15.95 -56.83 26.51
CA TYR C 57 16.41 -55.69 27.31
C TYR C 57 15.47 -54.49 27.21
N LEU C 58 14.96 -54.21 26.01
CA LEU C 58 14.06 -53.07 25.86
C LEU C 58 12.71 -53.34 26.51
N THR C 59 12.21 -54.58 26.39
CA THR C 59 10.99 -54.99 27.07
C THR C 59 11.16 -54.94 28.59
N ALA C 60 12.34 -55.35 29.07
CA ALA C 60 12.67 -55.29 30.50
C ALA C 60 12.65 -53.86 31.02
N GLU C 61 13.37 -52.95 30.34
CA GLU C 61 13.43 -51.56 30.75
C GLU C 61 12.06 -50.89 30.74
N ILE C 62 11.25 -51.16 29.71
CA ILE C 62 9.95 -50.52 29.62
C ILE C 62 8.99 -51.09 30.65
N LEU C 63 8.97 -52.41 30.85
CA LEU C 63 8.12 -53.00 31.88
C LEU C 63 8.59 -52.62 33.28
N GLU C 64 9.89 -52.36 33.45
CA GLU C 64 10.41 -51.83 34.71
C GLU C 64 9.83 -50.45 35.01
N LEU C 65 10.04 -49.51 34.09
CA LEU C 65 9.45 -48.18 34.23
C LEU C 65 7.92 -48.20 34.34
N ALA C 66 7.26 -49.18 33.71
CA ALA C 66 5.81 -49.26 33.78
C ALA C 66 5.33 -49.81 35.12
N GLY C 67 6.04 -50.80 35.67
CA GLY C 67 5.79 -51.21 37.04
C GLY C 67 6.06 -50.10 38.05
N ASN C 68 7.07 -49.26 37.78
CA ASN C 68 7.33 -48.09 38.60
C ASN C 68 6.15 -47.11 38.58
N ALA C 69 5.64 -46.83 37.37
CA ALA C 69 4.49 -45.93 37.26
C ALA C 69 3.20 -46.56 37.78
N ALA C 70 3.11 -47.89 37.79
CA ALA C 70 1.98 -48.57 38.44
C ALA C 70 2.09 -48.46 39.96
N ARG C 71 3.31 -48.58 40.49
CA ARG C 71 3.55 -48.41 41.91
C ARG C 71 3.22 -46.99 42.36
N ASP C 72 3.69 -45.99 41.61
CA ASP C 72 3.36 -44.59 41.86
C ASP C 72 1.86 -44.33 41.81
N ASN C 73 1.12 -45.06 40.98
CA ASN C 73 -0.33 -44.95 40.91
C ASN C 73 -1.02 -45.92 41.86
N LYS C 74 -0.25 -46.59 42.73
CA LYS C 74 -0.72 -47.52 43.74
C LYS C 74 -1.51 -48.68 43.13
N LYS C 75 -1.00 -49.21 42.02
CA LYS C 75 -1.66 -50.27 41.29
C LYS C 75 -0.68 -51.40 41.01
N THR C 76 -1.21 -52.62 40.94
CA THR C 76 -0.42 -53.81 40.67
C THR C 76 -0.71 -54.41 39.31
N ARG C 77 -1.41 -53.68 38.44
CA ARG C 77 -1.73 -54.14 37.10
C ARG C 77 -1.38 -53.03 36.13
N ILE C 78 -0.48 -53.32 35.19
CA ILE C 78 -0.02 -52.30 34.25
C ILE C 78 -1.11 -52.05 33.21
N ILE C 79 -1.55 -50.80 33.11
CA ILE C 79 -2.58 -50.37 32.18
C ILE C 79 -1.88 -49.69 31.01
N PRO C 80 -2.56 -49.38 29.88
CA PRO C 80 -1.94 -48.52 28.84
C PRO C 80 -1.36 -47.20 29.32
N ARG C 81 -2.08 -46.45 30.17
CA ARG C 81 -1.58 -45.21 30.76
C ARG C 81 -0.21 -45.37 31.44
N HIS C 82 0.06 -46.54 32.03
CA HIS C 82 1.34 -46.73 32.70
C HIS C 82 2.46 -46.93 31.70
N LEU C 83 2.20 -47.62 30.60
CA LEU C 83 3.16 -47.68 29.49
C LEU C 83 3.40 -46.31 28.87
N GLN C 84 2.32 -45.54 28.70
CA GLN C 84 2.39 -44.15 28.22
C GLN C 84 3.32 -43.31 29.07
N LEU C 85 3.10 -43.33 30.40
CA LEU C 85 3.96 -42.57 31.31
C LEU C 85 5.39 -43.11 31.32
N ALA C 86 5.55 -44.44 31.24
CA ALA C 86 6.86 -45.05 31.26
C ALA C 86 7.71 -44.65 30.05
N VAL C 87 7.07 -44.53 28.89
CA VAL C 87 7.81 -44.17 27.70
C VAL C 87 8.02 -42.66 27.63
N ARG C 88 6.97 -41.88 27.88
CA ARG C 88 7.04 -40.44 27.66
C ARG C 88 7.75 -39.68 28.77
N ASN C 89 7.88 -40.26 29.97
CA ASN C 89 8.68 -39.62 31.01
C ASN C 89 10.16 -39.93 30.91
N ASP C 90 10.53 -40.99 30.19
CA ASP C 90 11.93 -41.24 29.86
C ASP C 90 12.29 -40.50 28.58
N GLU C 91 13.51 -39.96 28.55
CA GLU C 91 13.92 -39.14 27.41
C GLU C 91 14.25 -40.01 26.19
N GLU C 92 15.01 -41.08 26.40
CA GLU C 92 15.47 -41.89 25.28
C GLU C 92 14.38 -42.80 24.73
N LEU C 93 13.44 -43.24 25.57
CA LEU C 93 12.27 -43.94 25.07
C LEU C 93 11.34 -42.99 24.33
N ASN C 94 11.35 -41.71 24.70
CA ASN C 94 10.61 -40.72 23.93
C ASN C 94 11.25 -40.50 22.56
N LYS C 95 12.59 -40.47 22.53
CA LYS C 95 13.30 -40.39 21.26
C LYS C 95 13.05 -41.63 20.40
N LEU C 96 12.93 -42.79 21.02
CA LEU C 96 12.63 -44.02 20.28
C LEU C 96 11.21 -44.02 19.72
N LEU C 97 10.24 -43.57 20.51
CA LEU C 97 8.83 -43.64 20.14
C LEU C 97 8.22 -42.25 20.02
N GLY C 98 8.92 -41.34 19.35
CA GLY C 98 8.39 -39.99 19.19
C GLY C 98 7.24 -39.93 18.20
N ARG C 99 7.32 -40.72 17.12
CA ARG C 99 6.29 -40.76 16.10
C ARG C 99 5.37 -41.97 16.27
N VAL C 100 5.15 -42.40 17.51
CA VAL C 100 4.41 -43.62 17.80
C VAL C 100 3.29 -43.31 18.78
N THR C 101 2.06 -43.66 18.40
CA THR C 101 0.90 -43.48 19.24
C THR C 101 0.62 -44.75 20.04
N ILE C 102 0.50 -44.61 21.36
CA ILE C 102 0.09 -45.68 22.24
C ILE C 102 -1.38 -45.46 22.58
N ALA C 103 -2.22 -46.44 22.25
CA ALA C 103 -3.65 -46.30 22.47
C ALA C 103 -4.00 -46.38 23.96
N GLN C 104 -5.10 -45.70 24.31
CA GLN C 104 -5.62 -45.60 25.69
C GLN C 104 -4.60 -45.02 26.66
N GLY C 105 -3.72 -44.16 26.16
CA GLY C 105 -2.65 -43.62 26.99
C GLY C 105 -2.76 -42.14 27.26
N GLY C 106 -3.30 -41.39 26.30
CA GLY C 106 -3.35 -39.95 26.47
C GLY C 106 -1.97 -39.32 26.32
N VAL C 107 -1.76 -38.20 27.03
CA VAL C 107 -0.51 -37.49 27.03
C VAL C 107 -0.06 -37.29 28.48
N LEU C 108 1.12 -36.69 28.64
CA LEU C 108 1.63 -36.38 29.96
C LEU C 108 0.84 -35.22 30.56
N PRO C 109 0.72 -35.18 31.90
CA PRO C 109 0.08 -34.01 32.54
C PRO C 109 0.99 -32.80 32.49
N ASN C 110 1.03 -32.12 31.34
CA ASN C 110 1.92 -30.99 31.11
C ASN C 110 1.09 -29.73 31.01
N ILE C 111 1.38 -28.77 31.89
CA ILE C 111 0.72 -27.47 31.89
C ILE C 111 1.79 -26.40 31.76
N GLN C 112 1.64 -25.53 30.77
CA GLN C 112 2.60 -24.47 30.53
C GLN C 112 2.55 -23.42 31.63
N SER C 113 3.66 -22.70 31.78
CA SER C 113 3.81 -21.77 32.90
C SER C 113 3.02 -20.48 32.72
N VAL C 114 2.88 -20.00 31.49
CA VAL C 114 2.21 -18.73 31.26
C VAL C 114 0.69 -18.87 31.38
N LEU C 115 0.16 -20.09 31.27
CA LEU C 115 -1.28 -20.29 31.39
C LEU C 115 -1.75 -20.34 32.83
N LEU C 116 -0.84 -20.58 33.77
CA LEU C 116 -1.19 -20.62 35.19
C LEU C 116 -1.50 -19.21 35.70
N PRO C 117 -2.46 -19.08 36.60
CA PRO C 117 -2.75 -17.75 37.17
C PRO C 117 -1.66 -17.31 38.14
N LYS C 118 -1.38 -16.02 38.13
CA LYS C 118 -0.33 -15.46 38.98
C LYS C 118 -0.82 -15.29 40.42
N LYS D 29 -9.35 -73.10 14.38
CA LYS D 29 -8.84 -71.74 14.29
C LYS D 29 -7.32 -71.73 14.21
N THR D 30 -6.79 -70.96 13.26
CA THR D 30 -5.35 -70.83 13.13
C THR D 30 -4.79 -69.99 14.29
N ARG D 31 -3.75 -70.51 14.94
CA ARG D 31 -3.18 -69.88 16.13
C ARG D 31 -2.44 -68.61 15.73
N LYS D 32 -2.93 -67.47 16.19
CA LYS D 32 -2.24 -66.20 16.01
C LYS D 32 -1.14 -66.11 17.07
N GLU D 33 0.11 -66.13 16.65
CA GLU D 33 1.23 -66.13 17.57
C GLU D 33 1.40 -64.75 18.22
N SER D 34 2.12 -64.74 19.33
CA SER D 34 2.30 -63.52 20.11
C SER D 34 3.54 -63.66 20.97
N TYR D 35 3.95 -62.53 21.57
CA TYR D 35 5.02 -62.50 22.55
C TYR D 35 4.48 -62.34 23.96
N ALA D 36 3.25 -62.77 24.20
CA ALA D 36 2.53 -62.36 25.41
C ALA D 36 3.08 -63.04 26.66
N ILE D 37 3.30 -64.35 26.59
CA ILE D 37 3.85 -65.06 27.75
C ILE D 37 5.29 -64.67 28.00
N TYR D 38 6.02 -64.27 26.96
CA TYR D 38 7.40 -63.83 27.15
C TYR D 38 7.46 -62.45 27.78
N VAL D 39 6.50 -61.58 27.44
CA VAL D 39 6.38 -60.29 28.12
C VAL D 39 6.01 -60.50 29.58
N TYR D 40 5.13 -61.47 29.86
CA TYR D 40 4.78 -61.80 31.23
C TYR D 40 5.97 -62.36 32.01
N LYS D 41 6.78 -63.20 31.36
CA LYS D 41 7.99 -63.73 31.99
C LYS D 41 8.99 -62.64 32.34
N VAL D 42 9.23 -61.72 31.41
CA VAL D 42 10.21 -60.66 31.67
C VAL D 42 9.63 -59.66 32.69
N LEU D 43 8.29 -59.53 32.74
CA LEU D 43 7.66 -58.67 33.73
C LEU D 43 7.81 -59.25 35.13
N LYS D 44 7.59 -60.56 35.28
CA LYS D 44 7.85 -61.22 36.56
C LYS D 44 9.33 -61.14 36.93
N GLN D 45 10.22 -61.23 35.93
CA GLN D 45 11.65 -61.06 36.20
C GLN D 45 12.02 -59.63 36.58
N VAL D 46 11.17 -58.63 36.31
CA VAL D 46 11.46 -57.26 36.73
C VAL D 46 10.48 -56.74 37.78
N HIS D 47 9.27 -57.29 37.87
CA HIS D 47 8.33 -56.96 38.95
C HIS D 47 7.58 -58.24 39.27
N PRO D 48 7.98 -58.94 40.34
CA PRO D 48 7.34 -60.24 40.64
C PRO D 48 5.91 -60.14 41.12
N ASP D 49 5.48 -58.97 41.60
CA ASP D 49 4.12 -58.80 42.11
C ASP D 49 3.20 -58.03 41.18
N THR D 50 3.74 -57.27 40.23
CA THR D 50 2.93 -56.41 39.38
C THR D 50 2.45 -57.17 38.15
N GLY D 51 1.15 -57.16 37.90
CA GLY D 51 0.57 -57.76 36.72
C GLY D 51 0.43 -56.76 35.60
N ILE D 52 -0.33 -57.16 34.58
CA ILE D 52 -0.51 -56.36 33.36
C ILE D 52 -1.84 -56.73 32.73
N SER D 53 -2.52 -55.74 32.17
CA SER D 53 -3.78 -55.96 31.49
C SER D 53 -3.55 -56.52 30.09
N SER D 54 -4.65 -56.90 29.43
CA SER D 54 -4.54 -57.49 28.10
C SER D 54 -4.36 -56.43 27.01
N LYS D 55 -4.90 -55.23 27.21
CA LYS D 55 -4.66 -54.16 26.25
C LYS D 55 -3.23 -53.65 26.33
N ALA D 56 -2.68 -53.56 27.55
CA ALA D 56 -1.26 -53.26 27.69
C ALA D 56 -0.39 -54.40 27.19
N MET D 57 -0.90 -55.64 27.24
CA MET D 57 -0.19 -56.76 26.64
C MET D 57 -0.17 -56.64 25.12
N SER D 58 -1.29 -56.21 24.53
CA SER D 58 -1.35 -55.94 23.10
C SER D 58 -0.38 -54.82 22.71
N ILE D 59 -0.29 -53.78 23.53
CA ILE D 59 0.62 -52.67 23.26
C ILE D 59 2.08 -53.13 23.35
N MET D 60 2.38 -54.02 24.30
CA MET D 60 3.74 -54.54 24.40
C MET D 60 4.08 -55.49 23.25
N ASN D 61 3.11 -56.33 22.84
CA ASN D 61 3.29 -57.21 21.69
C ASN D 61 3.51 -56.39 20.42
N SER D 62 2.79 -55.27 20.28
CA SER D 62 2.93 -54.44 19.10
C SER D 62 4.24 -53.68 19.10
N PHE D 63 4.68 -53.21 20.28
CA PHE D 63 6.02 -52.63 20.41
C PHE D 63 7.12 -53.62 20.05
N VAL D 64 6.97 -54.89 20.46
CA VAL D 64 8.01 -55.87 20.18
C VAL D 64 8.05 -56.20 18.70
N ASN D 65 6.88 -56.42 18.09
CA ASN D 65 6.77 -56.61 16.64
C ASN D 65 7.35 -55.42 15.87
N ASP D 66 7.00 -54.19 16.29
CA ASP D 66 7.48 -52.97 15.63
C ASP D 66 9.00 -52.84 15.69
N VAL D 67 9.59 -52.99 16.88
CA VAL D 67 11.03 -52.83 17.03
C VAL D 67 11.78 -53.97 16.35
N PHE D 68 11.22 -55.18 16.39
CA PHE D 68 11.71 -56.31 15.60
C PHE D 68 11.80 -55.96 14.11
N GLU D 69 10.68 -55.50 13.54
CA GLU D 69 10.64 -55.14 12.12
C GLU D 69 11.60 -53.99 11.81
N ARG D 70 11.75 -53.02 12.72
CA ARG D 70 12.69 -51.92 12.53
C ARG D 70 14.13 -52.41 12.46
N ILE D 71 14.53 -53.25 13.41
CA ILE D 71 15.91 -53.70 13.47
C ILE D 71 16.22 -54.66 12.33
N ALA D 72 15.31 -55.60 12.05
CA ALA D 72 15.51 -56.52 10.93
C ALA D 72 15.48 -55.80 9.58
N GLY D 73 14.69 -54.72 9.46
CA GLY D 73 14.69 -53.88 8.29
C GLY D 73 16.01 -53.16 8.06
N GLU D 74 16.44 -52.37 9.05
CA GLU D 74 17.73 -51.70 8.99
C GLU D 74 18.89 -52.67 8.80
N ALA D 75 18.81 -53.87 9.36
CA ALA D 75 19.88 -54.85 9.20
C ALA D 75 19.89 -55.44 7.79
N SER D 76 18.71 -55.70 7.23
CA SER D 76 18.60 -56.12 5.84
C SER D 76 19.16 -55.06 4.90
N ARG D 77 18.83 -53.80 5.15
CA ARG D 77 19.39 -52.68 4.40
C ARG D 77 20.92 -52.63 4.54
N LEU D 78 21.44 -52.87 5.75
CA LEU D 78 22.88 -52.93 5.96
C LEU D 78 23.54 -54.05 5.16
N ALA D 79 22.91 -55.23 5.14
CA ALA D 79 23.45 -56.34 4.37
C ALA D 79 23.41 -56.05 2.87
N HIS D 80 22.35 -55.39 2.41
CA HIS D 80 22.24 -55.03 1.00
C HIS D 80 23.27 -53.98 0.59
N TYR D 81 23.48 -52.97 1.45
CA TYR D 81 24.49 -51.93 1.20
C TYR D 81 25.89 -52.52 1.02
N ASN D 82 26.27 -53.46 1.89
CA ASN D 82 27.61 -54.03 1.87
C ASN D 82 27.72 -55.25 0.97
N LYS D 83 26.75 -55.45 0.07
CA LYS D 83 26.74 -56.51 -0.94
C LYS D 83 26.80 -57.91 -0.33
N ARG D 84 26.24 -58.07 0.87
CA ARG D 84 26.23 -59.34 1.57
C ARG D 84 24.82 -59.92 1.59
N SER D 85 24.75 -61.23 1.84
CA SER D 85 23.47 -61.93 1.93
C SER D 85 23.31 -62.69 3.24
N THR D 86 24.23 -62.52 4.18
CA THR D 86 24.18 -63.20 5.47
C THR D 86 24.02 -62.15 6.56
N ILE D 87 22.94 -62.26 7.33
CA ILE D 87 22.74 -61.41 8.49
C ILE D 87 23.37 -62.11 9.70
N THR D 88 24.44 -61.52 10.21
CA THR D 88 25.12 -62.00 11.41
C THR D 88 24.82 -61.05 12.55
N SER D 89 25.47 -61.28 13.69
CA SER D 89 25.30 -60.42 14.85
C SER D 89 25.81 -59.01 14.60
N ARG D 90 26.76 -58.82 13.68
CA ARG D 90 27.31 -57.50 13.42
C ARG D 90 26.30 -56.59 12.74
N GLU D 91 25.51 -57.13 11.80
CA GLU D 91 24.45 -56.36 11.16
C GLU D 91 23.37 -55.93 12.15
N ILE D 92 22.98 -56.84 13.05
CA ILE D 92 21.99 -56.50 14.06
C ILE D 92 22.59 -55.50 15.06
N GLN D 93 23.89 -55.61 15.33
CA GLN D 93 24.55 -54.69 16.26
C GLN D 93 24.60 -53.28 15.70
N THR D 94 24.92 -53.14 14.42
CA THR D 94 24.95 -51.83 13.80
C THR D 94 23.55 -51.27 13.63
N ALA D 95 22.55 -52.13 13.39
CA ALA D 95 21.15 -51.69 13.35
C ALA D 95 20.68 -51.17 14.70
N VAL D 96 21.04 -51.86 15.78
CA VAL D 96 20.68 -51.41 17.13
C VAL D 96 21.41 -50.12 17.48
N ARG D 97 22.66 -49.97 17.03
CA ARG D 97 23.39 -48.73 17.27
C ARG D 97 22.83 -47.57 16.46
N LEU D 98 22.20 -47.85 15.33
CA LEU D 98 21.50 -46.82 14.57
C LEU D 98 20.17 -46.44 15.24
N LEU D 99 19.34 -47.43 15.57
CA LEU D 99 17.96 -47.15 15.93
C LEU D 99 17.81 -46.71 17.38
N LEU D 100 18.52 -47.33 18.30
CA LEU D 100 18.36 -46.94 19.69
C LEU D 100 19.21 -45.70 19.97
N PRO D 101 18.66 -44.69 20.64
CA PRO D 101 19.41 -43.43 20.83
C PRO D 101 20.35 -43.50 22.02
N GLY D 102 21.65 -43.46 21.73
CA GLY D 102 22.66 -43.26 22.75
C GLY D 102 22.83 -44.36 23.77
N GLU D 103 22.35 -44.10 25.00
CA GLU D 103 22.55 -45.04 26.10
C GLU D 103 21.74 -46.31 25.93
N LEU D 104 20.57 -46.23 25.28
CA LEU D 104 19.84 -47.45 24.93
C LEU D 104 20.63 -48.31 23.96
N ALA D 105 21.35 -47.66 23.04
CA ALA D 105 22.21 -48.38 22.11
C ALA D 105 23.37 -49.02 22.84
N LYS D 106 24.02 -48.29 23.73
CA LYS D 106 25.18 -48.81 24.44
C LYS D 106 24.81 -49.97 25.38
N HIS D 107 23.69 -49.83 26.11
CA HIS D 107 23.27 -50.92 26.99
C HIS D 107 22.74 -52.12 26.22
N ALA D 108 22.10 -51.90 25.06
CA ALA D 108 21.65 -53.04 24.28
C ALA D 108 22.81 -53.75 23.60
N VAL D 109 23.86 -53.02 23.21
CA VAL D 109 25.07 -53.64 22.66
C VAL D 109 25.78 -54.44 23.74
N SER D 110 25.82 -53.92 24.97
CA SER D 110 26.40 -54.66 26.10
C SER D 110 25.63 -55.94 26.39
N GLU D 111 24.31 -55.84 26.57
CA GLU D 111 23.47 -57.00 26.85
C GLU D 111 23.49 -58.02 25.72
N GLY D 112 23.58 -57.55 24.47
CA GLY D 112 23.55 -58.44 23.34
C GLY D 112 24.86 -59.17 23.16
N THR D 113 25.99 -58.46 23.30
CA THR D 113 27.30 -59.10 23.23
C THR D 113 27.47 -60.09 24.38
N LYS D 114 26.98 -59.74 25.57
CA LYS D 114 26.90 -60.67 26.70
C LYS D 114 26.14 -61.94 26.35
N ALA D 115 24.95 -61.81 25.78
CA ALA D 115 24.16 -63.00 25.42
C ALA D 115 24.76 -63.78 24.27
N VAL D 116 25.53 -63.13 23.39
CA VAL D 116 26.12 -63.88 22.28
C VAL D 116 27.36 -64.64 22.77
N THR D 117 28.09 -64.06 23.73
CA THR D 117 29.14 -64.79 24.43
C THR D 117 28.57 -66.00 25.18
N LYS D 118 27.55 -65.76 26.01
CA LYS D 118 26.82 -66.83 26.71
C LYS D 118 26.23 -67.88 25.77
N TYR D 119 25.96 -67.52 24.52
CA TYR D 119 25.47 -68.52 23.56
C TYR D 119 26.63 -69.32 22.96
N THR D 120 27.69 -68.65 22.53
CA THR D 120 28.77 -69.33 21.84
C THR D 120 29.71 -70.05 22.81
N SER D 121 29.57 -69.85 24.11
CA SER D 121 30.40 -70.54 25.09
C SER D 121 29.55 -71.33 26.07
N ALA D 122 28.56 -72.06 25.55
CA ALA D 122 27.69 -72.86 26.39
C ALA D 122 27.83 -74.35 26.05
N LYS E 37 -26.78 -13.74 44.61
CA LYS E 37 -26.43 -14.56 43.46
C LYS E 37 -25.54 -15.73 43.90
N PRO E 38 -25.62 -16.88 43.18
CA PRO E 38 -24.80 -18.03 43.58
C PRO E 38 -23.32 -17.87 43.24
N HIS E 39 -22.52 -18.86 43.63
CA HIS E 39 -21.09 -18.81 43.40
C HIS E 39 -20.75 -18.99 41.92
N ARG E 40 -19.75 -18.25 41.47
CA ARG E 40 -19.30 -18.33 40.08
C ARG E 40 -17.79 -18.15 40.05
N TYR E 41 -17.12 -19.02 39.32
CA TYR E 41 -15.66 -19.00 39.28
C TYR E 41 -15.15 -18.03 38.21
N ARG E 42 -13.85 -17.77 38.27
CA ARG E 42 -13.15 -17.10 37.18
C ARG E 42 -12.99 -18.06 36.01
N PRO E 43 -12.79 -17.53 34.79
CA PRO E 43 -12.56 -18.43 33.64
C PRO E 43 -11.30 -19.27 33.73
N GLY E 44 -10.17 -18.66 34.11
CA GLY E 44 -8.90 -19.37 34.21
C GLY E 44 -8.90 -20.56 35.15
N THR E 45 -9.72 -20.50 36.21
CA THR E 45 -9.64 -21.55 37.23
C THR E 45 -10.36 -22.82 36.77
N VAL E 46 -11.54 -22.68 36.16
CA VAL E 46 -12.24 -23.84 35.62
C VAL E 46 -11.55 -24.32 34.35
N ALA E 47 -10.97 -23.41 33.57
CA ALA E 47 -10.18 -23.79 32.41
C ALA E 47 -8.99 -24.66 32.78
N LEU E 48 -8.16 -24.21 33.73
CA LEU E 48 -7.05 -25.02 34.25
C LEU E 48 -7.52 -26.29 34.94
N ARG E 49 -8.68 -26.25 35.58
CA ARG E 49 -9.24 -27.45 36.21
C ARG E 49 -9.58 -28.51 35.17
N GLU E 50 -10.12 -28.08 34.03
CA GLU E 50 -10.43 -29.03 32.96
C GLU E 50 -9.17 -29.53 32.27
N ILE E 51 -8.19 -28.63 32.07
CA ILE E 51 -6.87 -29.02 31.57
C ILE E 51 -6.26 -30.13 32.43
N ARG E 52 -6.33 -29.98 33.75
CA ARG E 52 -5.83 -31.00 34.66
C ARG E 52 -6.67 -32.29 34.58
N ARG E 53 -8.00 -32.14 34.58
CA ARG E 53 -8.90 -33.29 34.58
C ARG E 53 -8.76 -34.16 33.33
N TYR E 54 -8.63 -33.54 32.16
CA TYR E 54 -8.53 -34.32 30.92
C TYR E 54 -7.13 -34.77 30.57
N GLN E 55 -6.08 -34.13 31.09
CA GLN E 55 -4.74 -34.69 30.94
C GLN E 55 -4.48 -35.86 31.89
N LYS E 56 -5.31 -36.04 32.91
CA LYS E 56 -5.22 -37.24 33.74
C LYS E 56 -6.01 -38.41 33.18
N SER E 57 -7.13 -38.13 32.51
CA SER E 57 -8.01 -39.17 32.01
C SER E 57 -7.45 -39.80 30.74
N THR E 58 -7.96 -40.99 30.43
CA THR E 58 -7.52 -41.75 29.27
C THR E 58 -8.63 -42.11 28.30
N GLU E 59 -9.88 -41.83 28.62
CA GLU E 59 -10.98 -42.26 27.78
C GLU E 59 -11.06 -41.42 26.50
N LEU E 60 -11.80 -41.95 25.53
CA LEU E 60 -11.98 -41.28 24.25
C LEU E 60 -12.95 -40.12 24.41
N LEU E 61 -12.52 -38.94 23.94
CA LEU E 61 -13.28 -37.71 24.17
C LEU E 61 -14.32 -37.46 23.10
N ILE E 62 -14.01 -37.77 21.83
CA ILE E 62 -15.03 -37.81 20.80
C ILE E 62 -15.95 -39.00 21.07
N ARG E 63 -17.25 -38.78 20.92
CA ARG E 63 -18.20 -39.86 21.07
C ARG E 63 -18.03 -40.89 19.97
N LYS E 64 -18.41 -42.14 20.28
CA LYS E 64 -18.10 -43.26 19.39
C LYS E 64 -18.96 -43.23 18.13
N LEU E 65 -20.26 -43.03 18.29
CA LEU E 65 -21.21 -43.16 17.17
C LEU E 65 -21.14 -42.01 16.15
N PRO E 66 -21.01 -40.72 16.52
CA PRO E 66 -20.82 -39.72 15.46
C PRO E 66 -19.48 -39.84 14.75
N PHE E 67 -18.42 -40.27 15.45
CA PHE E 67 -17.16 -40.56 14.79
C PHE E 67 -17.31 -41.71 13.80
N GLN E 68 -18.03 -42.75 14.19
CA GLN E 68 -18.31 -43.86 13.29
C GLN E 68 -19.09 -43.40 12.06
N ARG E 69 -20.07 -42.51 12.25
CA ARG E 69 -20.81 -41.96 11.11
C ARG E 69 -19.91 -41.13 10.20
N LEU E 70 -18.99 -40.35 10.80
CA LEU E 70 -18.02 -39.59 10.02
C LEU E 70 -17.09 -40.49 9.22
N VAL E 71 -16.67 -41.61 9.82
CA VAL E 71 -15.79 -42.56 9.14
C VAL E 71 -16.52 -43.21 7.97
N ARG E 72 -17.78 -43.59 8.16
CA ARG E 72 -18.56 -44.15 7.07
C ARG E 72 -18.82 -43.12 5.97
N GLU E 73 -19.01 -41.85 6.36
CA GLU E 73 -19.24 -40.78 5.39
C GLU E 73 -18.01 -40.56 4.52
N ILE E 74 -16.83 -40.50 5.14
CA ILE E 74 -15.58 -40.32 4.39
C ILE E 74 -15.28 -41.56 3.54
N ALA E 75 -15.56 -42.75 4.07
CA ALA E 75 -15.31 -43.99 3.34
C ALA E 75 -16.20 -44.12 2.10
N GLN E 76 -17.48 -43.73 2.22
CA GLN E 76 -18.49 -43.69 1.15
C GLN E 76 -17.98 -43.13 -0.18
N ASP E 77 -17.13 -42.11 -0.13
CA ASP E 77 -16.55 -41.52 -1.33
C ASP E 77 -15.35 -42.30 -1.85
N PHE E 78 -15.09 -43.51 -1.36
CA PHE E 78 -14.06 -44.39 -1.92
C PHE E 78 -14.63 -45.71 -2.43
N LYS E 79 -15.54 -46.33 -1.69
CA LYS E 79 -16.25 -47.51 -2.16
C LYS E 79 -17.61 -47.59 -1.46
N THR E 80 -18.64 -47.89 -2.24
CA THR E 80 -19.96 -48.12 -1.65
C THR E 80 -19.97 -49.47 -0.91
N ASP E 81 -20.80 -49.53 0.13
CA ASP E 81 -21.06 -50.73 0.93
C ASP E 81 -19.79 -51.28 1.58
N LEU E 82 -19.08 -50.41 2.29
CA LEU E 82 -17.92 -50.81 3.07
C LEU E 82 -18.32 -51.17 4.49
N ARG E 83 -17.70 -52.22 5.01
CA ARG E 83 -17.93 -52.66 6.38
C ARG E 83 -16.71 -52.36 7.23
N PHE E 84 -16.93 -52.31 8.55
CA PHE E 84 -15.88 -51.91 9.48
C PHE E 84 -15.96 -52.78 10.72
N GLN E 85 -14.83 -53.36 11.11
CA GLN E 85 -14.72 -53.96 12.42
C GLN E 85 -14.81 -52.88 13.50
N SER E 86 -15.27 -53.27 14.68
CA SER E 86 -15.39 -52.34 15.79
C SER E 86 -14.02 -51.85 16.24
N SER E 87 -13.05 -52.77 16.32
CA SER E 87 -11.68 -52.41 16.68
C SER E 87 -11.01 -51.51 15.64
N ALA E 88 -11.44 -51.57 14.38
CA ALA E 88 -10.93 -50.66 13.36
C ALA E 88 -11.36 -49.23 13.63
N VAL E 89 -12.64 -49.04 13.95
CA VAL E 89 -13.15 -47.70 14.26
C VAL E 89 -12.58 -47.19 15.58
N MET E 90 -12.37 -48.11 16.54
CA MET E 90 -11.70 -47.73 17.79
C MET E 90 -10.25 -47.31 17.54
N ALA E 91 -9.56 -47.99 16.62
CA ALA E 91 -8.20 -47.63 16.26
C ALA E 91 -8.14 -46.26 15.58
N LEU E 92 -9.08 -46.02 14.65
CA LEU E 92 -9.24 -44.71 14.04
C LEU E 92 -9.48 -43.62 15.06
N GLN E 93 -10.30 -43.90 16.07
CA GLN E 93 -10.63 -42.89 17.07
C GLN E 93 -9.44 -42.60 17.98
N GLU E 94 -8.73 -43.66 18.43
CA GLU E 94 -7.52 -43.49 19.22
C GLU E 94 -6.48 -42.64 18.48
N ALA E 95 -6.26 -42.95 17.19
CA ALA E 95 -5.24 -42.22 16.44
C ALA E 95 -5.70 -40.80 16.11
N SER E 96 -6.99 -40.61 15.85
CA SER E 96 -7.50 -39.30 15.49
C SER E 96 -7.46 -38.36 16.69
N GLU E 97 -7.90 -38.84 17.86
CA GLU E 97 -7.81 -38.02 19.06
C GLU E 97 -6.36 -37.74 19.47
N ALA E 98 -5.47 -38.74 19.36
CA ALA E 98 -4.05 -38.49 19.64
C ALA E 98 -3.44 -37.47 18.68
N TYR E 99 -3.81 -37.52 17.40
CA TYR E 99 -3.33 -36.57 16.41
C TYR E 99 -3.84 -35.16 16.70
N LEU E 100 -5.13 -35.04 17.03
CA LEU E 100 -5.67 -33.71 17.32
C LEU E 100 -5.15 -33.17 18.64
N VAL E 101 -4.80 -34.04 19.60
CA VAL E 101 -4.24 -33.55 20.86
C VAL E 101 -2.81 -33.07 20.66
N ALA E 102 -2.01 -33.78 19.84
CA ALA E 102 -0.70 -33.27 19.48
C ALA E 102 -0.80 -31.98 18.66
N LEU E 103 -1.85 -31.87 17.85
CA LEU E 103 -2.09 -30.66 17.08
C LEU E 103 -2.43 -29.48 17.99
N PHE E 104 -3.29 -29.70 18.97
CA PHE E 104 -3.59 -28.63 19.93
C PHE E 104 -2.40 -28.31 20.83
N GLU E 105 -1.50 -29.27 21.06
CA GLU E 105 -0.27 -28.95 21.81
C GLU E 105 0.62 -28.00 21.03
N ASP E 106 0.81 -28.29 19.73
CA ASP E 106 1.61 -27.39 18.90
C ASP E 106 0.89 -26.07 18.66
N THR E 107 -0.44 -26.11 18.60
CA THR E 107 -1.25 -24.90 18.44
C THR E 107 -1.17 -24.01 19.66
N ASN E 108 -1.20 -24.61 20.86
CA ASN E 108 -1.00 -23.87 22.09
C ASN E 108 0.40 -23.27 22.17
N LEU E 109 1.41 -24.00 21.68
CA LEU E 109 2.75 -23.42 21.63
C LEU E 109 2.84 -22.25 20.65
N CYS E 110 2.08 -22.32 19.55
CA CYS E 110 2.02 -21.20 18.62
C CYS E 110 1.33 -19.99 19.24
N ALA E 111 0.24 -20.25 19.98
CA ALA E 111 -0.49 -19.18 20.66
C ALA E 111 0.37 -18.49 21.71
N ILE E 112 0.96 -19.28 22.62
CA ILE E 112 1.88 -18.78 23.64
C ILE E 112 3.05 -18.02 23.02
N HIS E 113 3.59 -18.52 21.91
CA HIS E 113 4.66 -17.83 21.19
C HIS E 113 4.23 -16.46 20.68
N ALA E 114 2.97 -16.30 20.31
CA ALA E 114 2.45 -15.02 19.81
C ALA E 114 1.93 -14.12 20.93
N LYS E 115 2.40 -14.34 22.17
CA LYS E 115 2.02 -13.55 23.35
C LYS E 115 0.52 -13.59 23.61
N ARG E 116 -0.10 -14.74 23.35
CA ARG E 116 -1.53 -14.94 23.51
C ARG E 116 -1.78 -16.22 24.27
N VAL E 117 -2.96 -16.30 24.89
CA VAL E 117 -3.44 -17.54 25.51
C VAL E 117 -4.60 -18.12 24.74
N THR E 118 -4.93 -17.56 23.58
CA THR E 118 -6.06 -18.00 22.77
C THR E 118 -5.53 -18.65 21.51
N ILE E 119 -5.93 -19.89 21.26
CA ILE E 119 -5.55 -20.56 20.03
C ILE E 119 -6.40 -20.03 18.89
N MET E 120 -5.81 -19.98 17.71
CA MET E 120 -6.43 -19.39 16.53
C MET E 120 -6.17 -20.28 15.33
N PRO E 121 -6.98 -20.13 14.25
CA PRO E 121 -6.65 -20.85 13.02
C PRO E 121 -5.34 -20.42 12.39
N LYS E 122 -4.90 -19.17 12.64
CA LYS E 122 -3.50 -18.79 12.43
C LYS E 122 -2.55 -19.78 13.09
N ASP E 123 -2.82 -20.13 14.35
CA ASP E 123 -1.92 -21.01 15.09
C ASP E 123 -1.98 -22.45 14.55
N ILE E 124 -3.19 -22.92 14.20
CA ILE E 124 -3.34 -24.25 13.60
C ILE E 124 -2.63 -24.34 12.26
N GLN E 125 -2.77 -23.30 11.42
CA GLN E 125 -2.12 -23.29 10.11
C GLN E 125 -0.61 -23.20 10.24
N LEU E 126 -0.10 -22.39 11.17
CA LEU E 126 1.33 -22.34 11.46
C LEU E 126 1.86 -23.71 11.90
N ALA E 127 1.13 -24.38 12.79
CA ALA E 127 1.52 -25.71 13.29
C ALA E 127 1.59 -26.72 12.14
N ARG E 128 0.53 -26.82 11.35
CA ARG E 128 0.51 -27.75 10.23
C ARG E 128 1.53 -27.39 9.16
N ARG E 129 1.82 -26.11 8.97
CA ARG E 129 2.82 -25.67 7.99
C ARG E 129 4.22 -26.08 8.43
N ILE E 130 4.57 -25.83 9.69
CA ILE E 130 5.89 -26.23 10.19
C ILE E 130 6.01 -27.75 10.28
N ARG E 131 4.92 -28.45 10.53
CA ARG E 131 4.98 -29.91 10.56
C ARG E 131 5.07 -30.50 9.16
N GLY E 132 4.64 -29.77 8.14
CA GLY E 132 4.83 -30.17 6.76
C GLY E 132 3.65 -30.83 6.09
N GLU E 133 2.44 -30.65 6.62
CA GLU E 133 1.25 -31.31 6.08
C GLU E 133 0.37 -30.36 5.26
N ARG E 134 0.84 -29.16 4.97
CA ARG E 134 0.07 -28.20 4.19
C ARG E 134 0.06 -28.57 2.71
N LYS F 21 -28.65 -45.43 2.32
CA LYS F 21 -28.72 -43.98 2.43
C LYS F 21 -27.32 -43.35 2.39
N VAL F 22 -27.16 -42.32 1.56
CA VAL F 22 -25.90 -41.61 1.47
C VAL F 22 -25.73 -40.75 2.72
N LEU F 23 -24.67 -41.03 3.49
CA LEU F 23 -24.42 -40.29 4.71
C LEU F 23 -23.89 -38.89 4.38
N ARG F 24 -24.47 -37.88 5.03
CA ARG F 24 -24.07 -36.49 4.81
C ARG F 24 -24.07 -35.76 6.15
N ASP F 25 -23.30 -34.67 6.19
CA ASP F 25 -23.23 -33.71 7.30
C ASP F 25 -22.79 -34.37 8.61
N ASN F 26 -21.96 -35.40 8.52
CA ASN F 26 -21.47 -36.09 9.72
C ASN F 26 -20.26 -35.41 10.33
N ILE F 27 -19.68 -34.41 9.66
CA ILE F 27 -18.55 -33.68 10.23
C ILE F 27 -19.02 -32.81 11.39
N GLN F 28 -20.30 -32.42 11.40
CA GLN F 28 -20.89 -31.71 12.54
C GLN F 28 -21.04 -32.61 13.76
N GLY F 29 -21.01 -33.93 13.59
CA GLY F 29 -20.98 -34.86 14.70
C GLY F 29 -19.75 -34.73 15.58
N ILE F 30 -18.67 -34.16 15.07
CA ILE F 30 -17.55 -33.77 15.92
C ILE F 30 -17.98 -32.47 16.59
N THR F 31 -18.58 -32.58 17.77
CA THR F 31 -19.26 -31.47 18.39
C THR F 31 -18.27 -30.47 18.98
N LYS F 32 -18.78 -29.30 19.32
CA LYS F 32 -17.97 -28.28 20.00
C LYS F 32 -17.42 -28.71 21.37
N PRO F 33 -18.18 -29.36 22.28
CA PRO F 33 -17.52 -29.81 23.52
C PRO F 33 -16.49 -30.90 23.34
N ALA F 34 -16.61 -31.75 22.31
CA ALA F 34 -15.60 -32.78 22.08
C ALA F 34 -14.29 -32.15 21.64
N ILE F 35 -14.37 -31.13 20.78
CA ILE F 35 -13.18 -30.36 20.39
C ILE F 35 -12.62 -29.62 21.61
N ARG F 36 -13.48 -29.17 22.52
CA ARG F 36 -12.99 -28.52 23.73
C ARG F 36 -12.28 -29.51 24.65
N ARG F 37 -12.77 -30.74 24.75
CA ARG F 37 -12.11 -31.79 25.54
C ARG F 37 -10.75 -32.13 24.96
N LEU F 38 -10.68 -32.32 23.63
CA LEU F 38 -9.42 -32.52 22.94
C LEU F 38 -8.45 -31.37 23.18
N ALA F 39 -8.95 -30.13 23.17
CA ALA F 39 -8.13 -28.97 23.51
C ALA F 39 -7.61 -29.03 24.94
N ARG F 40 -8.45 -29.46 25.89
CA ARG F 40 -8.01 -29.58 27.28
C ARG F 40 -6.92 -30.63 27.45
N ARG F 41 -7.04 -31.77 26.78
CA ARG F 41 -5.98 -32.78 26.82
C ARG F 41 -4.69 -32.24 26.22
N GLY F 42 -4.79 -31.40 25.19
CA GLY F 42 -3.64 -30.72 24.66
C GLY F 42 -3.11 -29.56 25.47
N GLY F 43 -3.79 -29.19 26.55
CA GLY F 43 -3.32 -28.12 27.41
C GLY F 43 -3.77 -26.73 27.03
N VAL F 44 -4.82 -26.61 26.21
CA VAL F 44 -5.27 -25.31 25.74
C VAL F 44 -6.16 -24.66 26.80
N LYS F 45 -5.86 -23.41 27.15
CA LYS F 45 -6.65 -22.69 28.14
C LYS F 45 -7.87 -22.03 27.52
N ARG F 46 -7.70 -21.33 26.41
CA ARG F 46 -8.75 -20.52 25.82
C ARG F 46 -8.84 -20.81 24.32
N ILE F 47 -10.07 -20.92 23.82
CA ILE F 47 -10.34 -21.45 22.49
C ILE F 47 -11.23 -20.45 21.75
N SER F 48 -10.77 -19.99 20.59
CA SER F 48 -11.59 -19.07 19.79
C SER F 48 -12.65 -19.84 19.01
N GLY F 49 -13.53 -19.10 18.35
CA GLY F 49 -14.72 -19.70 17.76
C GLY F 49 -14.50 -20.39 16.43
N LEU F 50 -13.50 -19.95 15.66
CA LEU F 50 -13.20 -20.56 14.38
C LEU F 50 -12.37 -21.83 14.51
N ILE F 51 -11.85 -22.09 15.71
CA ILE F 51 -11.12 -23.33 16.03
C ILE F 51 -11.93 -24.56 15.67
N TYR F 52 -13.23 -24.53 15.98
CA TYR F 52 -14.06 -25.71 15.82
C TYR F 52 -14.23 -26.08 14.36
N GLU F 53 -14.48 -25.11 13.48
CA GLU F 53 -14.59 -25.37 12.06
C GLU F 53 -13.24 -25.76 11.46
N GLU F 54 -12.18 -25.05 11.83
CA GLU F 54 -10.83 -25.41 11.37
C GLU F 54 -10.44 -26.82 11.79
N THR F 55 -10.79 -27.20 13.03
CA THR F 55 -10.46 -28.51 13.57
C THR F 55 -11.24 -29.62 12.88
N ARG F 56 -12.53 -29.38 12.63
CA ARG F 56 -13.32 -30.30 11.80
C ARG F 56 -12.71 -30.47 10.41
N GLY F 57 -12.17 -29.38 9.84
CA GLY F 57 -11.50 -29.49 8.55
C GLY F 57 -10.23 -30.33 8.61
N VAL F 58 -9.39 -30.08 9.62
CA VAL F 58 -8.12 -30.79 9.74
C VAL F 58 -8.35 -32.27 10.03
N LEU F 59 -9.27 -32.57 10.95
CA LEU F 59 -9.65 -33.96 11.24
C LEU F 59 -10.26 -34.63 10.03
N LYS F 60 -11.03 -33.88 9.23
CA LYS F 60 -11.58 -34.44 7.99
C LYS F 60 -10.48 -34.81 7.01
N VAL F 61 -9.45 -33.96 6.87
CA VAL F 61 -8.39 -34.24 5.90
C VAL F 61 -7.50 -35.39 6.39
N PHE F 62 -7.27 -35.45 7.71
CA PHE F 62 -6.54 -36.55 8.32
C PHE F 62 -7.25 -37.89 8.10
N LEU F 63 -8.54 -37.95 8.46
CA LEU F 63 -9.33 -39.14 8.21
C LEU F 63 -9.46 -39.47 6.72
N GLU F 64 -9.47 -38.45 5.85
CA GLU F 64 -9.41 -38.70 4.40
C GLU F 64 -8.18 -39.50 4.02
N ASN F 65 -7.00 -39.04 4.44
CA ASN F 65 -5.75 -39.74 4.12
C ASN F 65 -5.72 -41.14 4.73
N VAL F 66 -6.10 -41.27 6.01
CA VAL F 66 -5.97 -42.54 6.72
C VAL F 66 -6.98 -43.56 6.19
N ILE F 67 -8.25 -43.17 6.10
CA ILE F 67 -9.29 -44.04 5.55
C ILE F 67 -9.03 -44.36 4.08
N ARG F 68 -8.44 -43.43 3.32
CA ARG F 68 -8.05 -43.71 1.94
C ARG F 68 -7.03 -44.84 1.87
N ASP F 69 -6.01 -44.78 2.72
CA ASP F 69 -5.01 -45.84 2.74
C ASP F 69 -5.59 -47.16 3.23
N ALA F 70 -6.41 -47.12 4.29
CA ALA F 70 -7.03 -48.34 4.83
C ALA F 70 -7.97 -49.01 3.81
N VAL F 71 -8.78 -48.21 3.12
CA VAL F 71 -9.62 -48.71 2.03
C VAL F 71 -8.78 -49.34 0.93
N THR F 72 -7.64 -48.70 0.59
CA THR F 72 -6.71 -49.28 -0.39
C THR F 72 -6.19 -50.65 0.06
N TYR F 73 -5.80 -50.77 1.33
CA TYR F 73 -5.37 -52.07 1.89
C TYR F 73 -6.50 -53.09 1.86
N THR F 74 -7.75 -52.64 2.03
CA THR F 74 -8.89 -53.54 1.93
C THR F 74 -9.07 -54.03 0.50
N GLU F 75 -9.10 -53.09 -0.46
CA GLU F 75 -9.09 -53.38 -1.90
C GLU F 75 -8.09 -54.45 -2.32
N HIS F 76 -6.84 -54.34 -1.87
CA HIS F 76 -5.87 -55.34 -2.31
C HIS F 76 -6.01 -56.66 -1.56
N ALA F 77 -6.63 -56.66 -0.39
CA ALA F 77 -6.84 -57.89 0.36
C ALA F 77 -8.06 -58.68 -0.11
N LYS F 78 -8.70 -58.26 -1.21
CA LYS F 78 -9.88 -58.89 -1.81
C LYS F 78 -11.04 -58.98 -0.83
N ARG F 79 -11.17 -57.99 0.05
CA ARG F 79 -12.17 -57.98 1.09
C ARG F 79 -13.04 -56.73 0.97
N LYS F 80 -14.06 -56.67 1.81
CA LYS F 80 -14.94 -55.52 1.88
C LYS F 80 -15.11 -54.98 3.30
N THR F 81 -14.51 -55.62 4.28
CA THR F 81 -14.54 -55.16 5.67
C THR F 81 -13.16 -54.63 6.04
N VAL F 82 -13.11 -53.37 6.46
CA VAL F 82 -11.85 -52.75 6.87
C VAL F 82 -11.50 -53.26 8.26
N THR F 83 -10.44 -54.06 8.35
CA THR F 83 -10.00 -54.59 9.63
C THR F 83 -9.21 -53.53 10.40
N ALA F 84 -8.93 -53.85 11.67
CA ALA F 84 -8.07 -52.99 12.46
C ALA F 84 -6.63 -53.07 11.99
N MET F 85 -6.22 -54.23 11.47
CA MET F 85 -4.87 -54.40 10.93
C MET F 85 -4.61 -53.47 9.76
N ASP F 86 -5.64 -53.23 8.94
CA ASP F 86 -5.51 -52.31 7.80
C ASP F 86 -5.24 -50.88 8.28
N VAL F 87 -5.99 -50.44 9.30
CA VAL F 87 -5.81 -49.10 9.84
C VAL F 87 -4.47 -48.97 10.54
N VAL F 88 -4.01 -50.06 11.18
CA VAL F 88 -2.69 -50.06 11.83
C VAL F 88 -1.59 -49.93 10.79
N TYR F 89 -1.64 -50.77 9.74
CA TYR F 89 -0.70 -50.67 8.61
C TYR F 89 -0.71 -49.29 7.96
N ALA F 90 -1.88 -48.65 7.90
CA ALA F 90 -2.00 -47.35 7.25
C ALA F 90 -1.36 -46.26 8.08
N LEU F 91 -1.78 -46.14 9.35
CA LEU F 91 -1.15 -45.25 10.31
C LEU F 91 0.36 -45.47 10.44
N LYS F 92 0.80 -46.72 10.44
CA LYS F 92 2.23 -47.03 10.50
C LYS F 92 2.95 -46.54 9.25
N ARG F 93 2.34 -46.75 8.08
CA ARG F 93 2.91 -46.28 6.83
C ARG F 93 3.10 -44.77 6.80
N GLN F 94 2.16 -44.02 7.38
CA GLN F 94 2.25 -42.57 7.43
C GLN F 94 3.13 -42.05 8.57
N GLY F 95 3.92 -42.92 9.19
CA GLY F 95 4.81 -42.48 10.25
C GLY F 95 4.15 -42.18 11.57
N ARG F 96 2.97 -42.74 11.83
CA ARG F 96 2.29 -42.59 13.12
C ARG F 96 1.87 -43.99 13.57
N THR F 97 2.79 -44.71 14.20
CA THR F 97 2.58 -46.11 14.51
C THR F 97 1.64 -46.25 15.71
N LEU F 98 0.53 -46.97 15.51
CA LEU F 98 -0.47 -47.16 16.54
C LEU F 98 -0.29 -48.51 17.21
N TYR F 99 -0.08 -48.50 18.53
CA TYR F 99 0.02 -49.73 19.31
C TYR F 99 -1.34 -50.08 19.88
N GLY F 100 -1.56 -51.36 20.13
CA GLY F 100 -2.76 -51.85 20.78
C GLY F 100 -3.63 -52.75 19.93
N PHE F 101 -3.45 -52.72 18.61
CA PHE F 101 -4.29 -53.52 17.71
C PHE F 101 -3.46 -54.41 16.80
N GLY F 102 -2.22 -54.68 17.16
CA GLY F 102 -1.34 -55.50 16.33
C GLY F 102 -0.32 -54.67 15.58
N GLY F 103 0.37 -55.35 14.66
CA GLY F 103 1.38 -54.72 13.84
C GLY F 103 2.55 -55.62 13.53
N THR G 10 18.20 -71.83 -29.70
CA THR G 10 17.01 -71.12 -30.11
C THR G 10 17.24 -70.35 -31.43
N ARG G 11 16.16 -70.15 -32.18
CA ARG G 11 16.19 -69.41 -33.44
C ARG G 11 15.00 -68.45 -33.43
N ALA G 12 15.22 -67.25 -32.88
CA ALA G 12 14.17 -66.25 -32.78
C ALA G 12 14.80 -64.88 -32.64
N LYS G 13 14.08 -63.85 -33.10
CA LYS G 13 14.52 -62.48 -32.91
C LYS G 13 14.38 -62.10 -31.43
N ALA G 14 15.50 -61.74 -30.81
CA ALA G 14 15.55 -61.47 -29.36
C ALA G 14 14.89 -60.12 -29.09
N LYS G 15 13.56 -60.14 -29.03
CA LYS G 15 12.79 -58.95 -28.70
C LYS G 15 12.81 -58.74 -27.20
N THR G 16 13.34 -57.59 -26.76
CA THR G 16 13.44 -57.30 -25.35
C THR G 16 12.06 -57.02 -24.76
N ARG G 17 11.95 -57.24 -23.45
CA ARG G 17 10.67 -57.07 -22.76
C ARG G 17 10.26 -55.61 -22.66
N SER G 18 11.22 -54.68 -22.70
CA SER G 18 10.91 -53.26 -22.78
C SER G 18 10.12 -52.94 -24.05
N SER G 19 10.66 -53.33 -25.21
CA SER G 19 9.97 -53.12 -26.48
C SER G 19 8.71 -53.96 -26.58
N ARG G 20 8.72 -55.16 -25.99
CA ARG G 20 7.53 -56.01 -25.97
C ARG G 20 6.39 -55.36 -25.21
N ALA G 21 6.70 -54.65 -24.14
CA ALA G 21 5.69 -53.91 -23.37
C ALA G 21 5.47 -52.51 -23.89
N GLY G 22 6.20 -52.08 -24.92
CA GLY G 22 6.10 -50.72 -25.40
C GLY G 22 6.67 -49.69 -24.45
N LEU G 23 7.73 -50.04 -23.74
CA LEU G 23 8.32 -49.18 -22.72
C LEU G 23 9.78 -48.89 -23.07
N GLN G 24 10.42 -48.10 -22.23
CA GLN G 24 11.83 -47.77 -22.41
C GLN G 24 12.70 -48.26 -21.27
N PHE G 25 12.23 -48.19 -20.03
CA PHE G 25 13.02 -48.64 -18.89
C PHE G 25 13.16 -50.17 -18.91
N PRO G 26 14.31 -50.71 -18.50
CA PRO G 26 14.57 -52.14 -18.71
C PRO G 26 13.76 -53.02 -17.78
N VAL G 27 12.99 -53.95 -18.37
CA VAL G 27 12.23 -54.88 -17.56
C VAL G 27 13.15 -55.94 -16.97
N GLY G 28 14.29 -56.22 -17.63
CA GLY G 28 15.22 -57.20 -17.11
C GLY G 28 15.99 -56.70 -15.89
N ARG G 29 16.45 -55.45 -15.93
CA ARG G 29 17.18 -54.90 -14.81
C ARG G 29 16.27 -54.66 -13.61
N VAL G 30 15.07 -54.14 -13.84
CA VAL G 30 14.05 -54.02 -12.80
C VAL G 30 13.71 -55.38 -12.21
N HIS G 31 13.58 -56.39 -13.07
CA HIS G 31 13.24 -57.75 -12.61
C HIS G 31 14.36 -58.36 -11.77
N ARG G 32 15.61 -58.21 -12.19
CA ARG G 32 16.70 -58.77 -11.39
C ARG G 32 17.02 -57.92 -10.17
N LEU G 33 16.58 -56.66 -10.11
CA LEU G 33 16.67 -55.92 -8.86
C LEU G 33 15.53 -56.28 -7.91
N LEU G 34 14.37 -56.66 -8.46
CA LEU G 34 13.32 -57.18 -7.61
C LEU G 34 13.66 -58.57 -7.09
N ARG G 35 14.44 -59.34 -7.84
CA ARG G 35 14.91 -60.63 -7.34
C ARG G 35 16.03 -60.48 -6.32
N LYS G 36 17.06 -59.69 -6.66
CA LYS G 36 18.22 -59.54 -5.78
C LYS G 36 17.88 -58.71 -4.54
N GLY G 37 16.90 -57.81 -4.64
CA GLY G 37 16.60 -56.88 -3.57
C GLY G 37 15.94 -57.46 -2.34
N ASN G 38 15.64 -58.76 -2.33
CA ASN G 38 15.09 -59.50 -1.19
C ASN G 38 13.74 -58.92 -0.74
N TYR G 39 12.79 -58.94 -1.67
CA TYR G 39 11.44 -58.46 -1.41
C TYR G 39 10.42 -59.56 -1.27
N ALA G 40 10.53 -60.62 -2.09
CA ALA G 40 9.66 -61.78 -1.95
C ALA G 40 10.39 -63.00 -2.51
N GLU G 41 9.79 -64.16 -2.30
CA GLU G 41 10.35 -65.38 -2.87
C GLU G 41 10.13 -65.43 -4.37
N ARG G 42 8.91 -65.19 -4.83
CA ARG G 42 8.55 -65.20 -6.24
C ARG G 42 8.31 -63.79 -6.71
N VAL G 43 8.79 -63.48 -7.92
CA VAL G 43 8.58 -62.19 -8.57
C VAL G 43 8.10 -62.45 -9.99
N GLY G 44 6.94 -61.91 -10.34
CA GLY G 44 6.34 -62.18 -11.63
C GLY G 44 6.97 -61.47 -12.81
N ALA G 45 6.22 -61.35 -13.91
CA ALA G 45 6.62 -60.54 -15.06
C ALA G 45 5.79 -59.28 -15.21
N GLY G 46 4.51 -59.36 -14.85
CA GLY G 46 3.69 -58.16 -14.80
C GLY G 46 4.17 -57.15 -13.77
N ALA G 47 4.82 -57.64 -12.70
CA ALA G 47 5.37 -56.72 -11.70
C ALA G 47 6.52 -55.87 -12.26
N PRO G 48 7.60 -56.42 -12.87
CA PRO G 48 8.60 -55.51 -13.44
C PRO G 48 8.13 -54.77 -14.67
N VAL G 49 7.19 -55.31 -15.46
CA VAL G 49 6.63 -54.55 -16.58
C VAL G 49 5.88 -53.32 -16.07
N TYR G 50 4.96 -53.52 -15.12
CA TYR G 50 4.21 -52.44 -14.51
C TYR G 50 5.13 -51.43 -13.82
N LEU G 51 6.16 -51.91 -13.14
CA LEU G 51 7.02 -51.02 -12.38
C LEU G 51 7.92 -50.20 -13.29
N ALA G 52 8.39 -50.79 -14.39
CA ALA G 52 9.13 -50.04 -15.40
C ALA G 52 8.23 -48.98 -16.05
N ALA G 53 6.95 -49.31 -16.24
CA ALA G 53 5.99 -48.34 -16.78
C ALA G 53 5.79 -47.16 -15.83
N VAL G 54 5.58 -47.44 -14.55
CA VAL G 54 5.41 -46.38 -13.53
C VAL G 54 6.65 -45.50 -13.45
N LEU G 55 7.83 -46.11 -13.39
CA LEU G 55 9.07 -45.35 -13.30
C LEU G 55 9.31 -44.51 -14.54
N GLU G 56 9.03 -45.07 -15.74
CA GLU G 56 9.12 -44.31 -16.97
C GLU G 56 8.16 -43.13 -16.99
N TYR G 57 6.93 -43.31 -16.48
CA TYR G 57 5.99 -42.21 -16.45
C TYR G 57 6.42 -41.09 -15.50
N LEU G 58 6.96 -41.45 -14.33
CA LEU G 58 7.38 -40.41 -13.38
C LEU G 58 8.62 -39.69 -13.87
N THR G 59 9.56 -40.44 -14.47
CA THR G 59 10.74 -39.84 -15.08
C THR G 59 10.36 -38.94 -16.26
N ALA G 60 9.39 -39.37 -17.06
CA ALA G 60 8.88 -38.58 -18.18
C ALA G 60 8.28 -37.27 -17.71
N GLU G 61 7.36 -37.32 -16.74
CA GLU G 61 6.72 -36.12 -16.23
C GLU G 61 7.72 -35.14 -15.61
N ILE G 62 8.69 -35.65 -14.84
CA ILE G 62 9.64 -34.75 -14.19
C ILE G 62 10.62 -34.15 -15.20
N LEU G 63 11.11 -34.96 -16.15
CA LEU G 63 11.98 -34.40 -17.18
C LEU G 63 11.23 -33.47 -18.12
N GLU G 64 9.93 -33.68 -18.27
CA GLU G 64 9.07 -32.75 -19.01
C GLU G 64 9.02 -31.40 -18.34
N LEU G 65 8.59 -31.37 -17.07
CA LEU G 65 8.57 -30.12 -16.30
C LEU G 65 9.96 -29.48 -16.19
N ALA G 66 11.02 -30.27 -16.20
CA ALA G 66 12.37 -29.72 -16.10
C ALA G 66 12.82 -29.12 -17.42
N GLY G 67 12.46 -29.75 -18.55
CA GLY G 67 12.65 -29.11 -19.84
C GLY G 67 11.84 -27.84 -19.99
N ASN G 68 10.64 -27.81 -19.41
CA ASN G 68 9.83 -26.59 -19.38
C ASN G 68 10.53 -25.48 -18.61
N ALA G 69 11.06 -25.79 -17.43
CA ALA G 69 11.78 -24.80 -16.64
C ALA G 69 13.12 -24.41 -17.28
N ALA G 70 13.71 -25.31 -18.08
CA ALA G 70 14.88 -24.95 -18.86
C ALA G 70 14.53 -24.00 -19.99
N ARG G 71 13.38 -24.23 -20.63
CA ARG G 71 12.89 -23.33 -21.67
C ARG G 71 12.61 -21.95 -21.10
N ASP G 72 11.91 -21.89 -19.96
CA ASP G 72 11.67 -20.63 -19.25
C ASP G 72 12.96 -19.92 -18.88
N ASN G 73 14.02 -20.66 -18.58
CA ASN G 73 15.33 -20.09 -18.27
C ASN G 73 16.19 -19.93 -19.52
N LYS G 74 15.60 -20.19 -20.71
CA LYS G 74 16.24 -20.03 -22.02
C LYS G 74 17.50 -20.89 -22.15
N LYS G 75 17.41 -22.14 -21.68
CA LYS G 75 18.53 -23.07 -21.72
C LYS G 75 18.06 -24.40 -22.30
N THR G 76 18.99 -25.11 -22.94
CA THR G 76 18.72 -26.41 -23.53
C THR G 76 19.41 -27.55 -22.79
N ARG G 77 19.87 -27.29 -21.56
CA ARG G 77 20.50 -28.31 -20.74
C ARG G 77 19.88 -28.25 -19.35
N ILE G 78 19.31 -29.35 -18.90
CA ILE G 78 18.64 -29.41 -17.60
C ILE G 78 19.69 -29.45 -16.50
N ILE G 79 19.62 -28.50 -15.59
CA ILE G 79 20.56 -28.38 -14.47
C ILE G 79 19.82 -28.87 -13.23
N PRO G 80 20.49 -29.09 -12.08
CA PRO G 80 19.76 -29.35 -10.82
C PRO G 80 18.67 -28.35 -10.45
N ARG G 81 18.95 -27.04 -10.56
CA ARG G 81 17.95 -25.99 -10.33
C ARG G 81 16.65 -26.20 -11.12
N HIS G 82 16.75 -26.77 -12.33
CA HIS G 82 15.56 -26.96 -13.14
C HIS G 82 14.74 -28.15 -12.62
N LEU G 83 15.41 -29.20 -12.15
CA LEU G 83 14.71 -30.27 -11.45
C LEU G 83 14.05 -29.78 -10.16
N GLN G 84 14.77 -28.95 -9.40
CA GLN G 84 14.24 -28.31 -8.19
C GLN G 84 12.96 -27.54 -8.47
N LEU G 85 12.98 -26.66 -9.48
CA LEU G 85 11.80 -25.91 -9.85
C LEU G 85 10.69 -26.82 -10.39
N ALA G 86 11.06 -27.85 -11.15
CA ALA G 86 10.09 -28.77 -11.73
C ALA G 86 9.34 -29.55 -10.67
N VAL G 87 10.03 -29.94 -9.59
CA VAL G 87 9.38 -30.71 -8.54
C VAL G 87 8.61 -29.78 -7.60
N ARG G 88 9.24 -28.68 -7.17
CA ARG G 88 8.66 -27.86 -6.13
C ARG G 88 7.57 -26.91 -6.63
N ASN G 89 7.51 -26.64 -7.94
CA ASN G 89 6.40 -25.85 -8.46
C ASN G 89 5.18 -26.70 -8.79
N ASP G 90 5.34 -28.02 -8.89
CA ASP G 90 4.21 -28.93 -8.99
C ASP G 90 3.77 -29.34 -7.59
N GLU G 91 2.46 -29.45 -7.39
CA GLU G 91 1.95 -29.78 -6.06
C GLU G 91 2.15 -31.25 -5.72
N GLU G 92 1.86 -32.14 -6.67
CA GLU G 92 1.92 -33.57 -6.37
C GLU G 92 3.36 -34.08 -6.32
N LEU G 93 4.26 -33.49 -7.10
CA LEU G 93 5.67 -33.81 -6.95
C LEU G 93 6.24 -33.24 -5.65
N ASN G 94 5.65 -32.14 -5.15
CA ASN G 94 6.03 -31.64 -3.83
C ASN G 94 5.56 -32.58 -2.74
N LYS G 95 4.34 -33.12 -2.87
CA LYS G 95 3.85 -34.12 -1.93
C LYS G 95 4.70 -35.39 -1.97
N LEU G 96 5.18 -35.76 -3.17
CA LEU G 96 6.04 -36.92 -3.30
C LEU G 96 7.41 -36.71 -2.67
N LEU G 97 8.00 -35.53 -2.86
CA LEU G 97 9.38 -35.28 -2.43
C LEU G 97 9.47 -34.14 -1.42
N GLY G 98 8.50 -34.05 -0.50
CA GLY G 98 8.59 -33.05 0.56
C GLY G 98 9.72 -33.30 1.54
N ARG G 99 10.00 -34.56 1.84
CA ARG G 99 11.08 -34.92 2.76
C ARG G 99 12.36 -35.30 2.02
N VAL G 100 12.57 -34.75 0.83
CA VAL G 100 13.69 -35.10 -0.04
C VAL G 100 14.43 -33.84 -0.42
N THR G 101 15.75 -33.84 -0.20
CA THR G 101 16.60 -32.74 -0.61
C THR G 101 17.22 -33.03 -1.97
N ILE G 102 17.07 -32.09 -2.90
CA ILE G 102 17.74 -32.14 -4.19
C ILE G 102 18.96 -31.23 -4.12
N ALA G 103 20.14 -31.78 -4.35
CA ALA G 103 21.37 -31.01 -4.23
C ALA G 103 21.53 -30.04 -5.40
N GLN G 104 22.23 -28.94 -5.14
CA GLN G 104 22.47 -27.83 -6.07
C GLN G 104 21.17 -27.24 -6.62
N GLY G 105 20.11 -27.27 -5.81
CA GLY G 105 18.82 -26.81 -6.27
C GLY G 105 18.33 -25.56 -5.59
N GLY G 106 18.70 -25.38 -4.31
CA GLY G 106 18.18 -24.24 -3.57
C GLY G 106 16.70 -24.42 -3.25
N VAL G 107 16.00 -23.29 -3.15
CA VAL G 107 14.57 -23.26 -2.88
C VAL G 107 13.88 -22.42 -3.94
N LEU G 108 12.56 -22.35 -3.84
CA LEU G 108 11.77 -21.54 -4.74
C LEU G 108 11.95 -20.06 -4.41
N PRO G 109 11.85 -19.18 -5.40
CA PRO G 109 11.87 -17.74 -5.11
C PRO G 109 10.60 -17.29 -4.42
N ASN G 110 10.50 -17.51 -3.12
CA ASN G 110 9.31 -17.22 -2.33
C ASN G 110 9.63 -16.09 -1.36
N ILE G 111 8.91 -14.99 -1.50
CA ILE G 111 9.04 -13.84 -0.61
C ILE G 111 7.67 -13.57 -0.01
N GLN G 112 7.61 -13.51 1.32
CA GLN G 112 6.35 -13.28 2.02
C GLN G 112 5.86 -11.85 1.79
N SER G 113 4.54 -11.68 1.96
CA SER G 113 3.91 -10.41 1.62
C SER G 113 4.19 -9.32 2.65
N VAL G 114 4.30 -9.68 3.93
CA VAL G 114 4.49 -8.68 4.97
C VAL G 114 5.92 -8.16 4.98
N LEU G 115 6.87 -8.89 4.40
CA LEU G 115 8.25 -8.43 4.34
C LEU G 115 8.48 -7.41 3.23
N LEU G 116 7.59 -7.35 2.25
CA LEU G 116 7.71 -6.37 1.19
C LEU G 116 7.38 -4.97 1.70
N PRO G 117 8.04 -3.95 1.17
CA PRO G 117 7.68 -2.58 1.56
C PRO G 117 6.33 -2.18 1.00
N LYS G 118 5.64 -1.31 1.73
CA LYS G 118 4.27 -0.91 1.40
C LYS G 118 4.32 0.06 0.21
N LYS G 119 4.37 -0.53 -0.99
CA LYS G 119 4.37 0.24 -2.24
C LYS G 119 2.92 0.46 -2.65
N THR G 120 2.28 1.42 -1.97
CA THR G 120 0.88 1.73 -2.23
C THR G 120 0.72 3.20 -2.60
N ARG H 28 41.29 -53.71 -13.46
CA ARG H 28 40.34 -52.60 -13.52
C ARG H 28 39.15 -52.99 -14.40
N LYS H 29 38.17 -53.65 -13.80
CA LYS H 29 36.95 -54.03 -14.52
C LYS H 29 35.80 -54.06 -13.50
N THR H 30 35.09 -52.95 -13.38
CA THR H 30 33.92 -52.87 -12.53
C THR H 30 32.96 -51.85 -13.12
N ARG H 31 31.74 -52.28 -13.42
CA ARG H 31 30.73 -51.44 -14.04
C ARG H 31 29.60 -51.19 -13.05
N LYS H 32 29.51 -49.96 -12.55
CA LYS H 32 28.41 -49.57 -11.69
C LYS H 32 27.20 -49.25 -12.56
N GLU H 33 26.10 -49.98 -12.35
CA GLU H 33 24.92 -49.81 -13.18
C GLU H 33 24.21 -48.51 -12.84
N SER H 34 23.40 -48.03 -13.80
CA SER H 34 22.70 -46.78 -13.65
C SER H 34 21.51 -46.78 -14.60
N TYR H 35 20.67 -45.75 -14.46
CA TYR H 35 19.56 -45.51 -15.36
C TYR H 35 19.80 -44.34 -16.29
N ALA H 36 21.07 -44.01 -16.55
CA ALA H 36 21.41 -42.74 -17.19
C ALA H 36 20.99 -42.71 -18.65
N ILE H 37 21.32 -43.77 -19.41
CA ILE H 37 20.92 -43.86 -20.80
C ILE H 37 19.40 -43.88 -20.94
N TYR H 38 18.70 -44.49 -19.98
CA TYR H 38 17.26 -44.60 -20.09
C TYR H 38 16.56 -43.29 -19.74
N VAL H 39 17.11 -42.55 -18.77
CA VAL H 39 16.62 -41.20 -18.49
C VAL H 39 16.86 -40.29 -19.69
N TYR H 40 18.02 -40.43 -20.34
CA TYR H 40 18.30 -39.64 -21.53
C TYR H 40 17.38 -40.00 -22.70
N LYS H 41 17.10 -41.29 -22.89
CA LYS H 41 16.17 -41.72 -23.94
C LYS H 41 14.76 -41.21 -23.70
N VAL H 42 14.30 -41.23 -22.43
CA VAL H 42 12.96 -40.71 -22.15
C VAL H 42 12.93 -39.19 -22.28
N LEU H 43 14.07 -38.53 -22.03
CA LEU H 43 14.14 -37.09 -22.19
C LEU H 43 14.07 -36.70 -23.67
N LYS H 44 14.84 -37.40 -24.52
CA LYS H 44 14.75 -37.21 -25.96
C LYS H 44 13.36 -37.55 -26.49
N GLN H 45 12.69 -38.54 -25.92
CA GLN H 45 11.31 -38.83 -26.30
C GLN H 45 10.31 -37.85 -25.72
N VAL H 46 10.72 -36.93 -24.84
CA VAL H 46 9.86 -35.86 -24.35
C VAL H 46 10.32 -34.50 -24.89
N HIS H 47 11.56 -34.13 -24.62
CA HIS H 47 12.15 -32.90 -25.16
C HIS H 47 13.29 -33.28 -26.09
N PRO H 48 13.08 -33.30 -27.40
CA PRO H 48 14.13 -33.79 -28.32
C PRO H 48 15.31 -32.85 -28.46
N ASP H 49 15.17 -31.57 -28.12
CA ASP H 49 16.25 -30.60 -28.27
C ASP H 49 16.88 -30.17 -26.96
N THR H 50 16.41 -30.68 -25.83
CA THR H 50 16.91 -30.29 -24.52
C THR H 50 17.80 -31.38 -23.95
N GLY H 51 19.02 -31.01 -23.57
CA GLY H 51 19.94 -31.93 -22.93
C GLY H 51 19.84 -31.87 -21.42
N ILE H 52 20.83 -32.48 -20.77
CA ILE H 52 20.84 -32.60 -19.32
C ILE H 52 22.28 -32.77 -18.86
N SER H 53 22.61 -32.14 -17.73
CA SER H 53 23.94 -32.24 -17.15
C SER H 53 24.08 -33.56 -16.39
N SER H 54 25.33 -33.87 -16.00
CA SER H 54 25.59 -35.12 -15.30
C SER H 54 25.16 -35.06 -13.84
N LYS H 55 25.17 -33.87 -13.23
CA LYS H 55 24.65 -33.73 -11.87
C LYS H 55 23.14 -33.95 -11.84
N ALA H 56 22.42 -33.35 -12.79
CA ALA H 56 20.99 -33.58 -12.91
C ALA H 56 20.69 -35.02 -13.32
N MET H 57 21.60 -35.64 -14.09
CA MET H 57 21.45 -37.07 -14.41
C MET H 57 21.62 -37.93 -13.16
N SER H 58 22.55 -37.55 -12.28
CA SER H 58 22.71 -38.25 -11.01
C SER H 58 21.49 -38.07 -10.12
N ILE H 59 20.88 -36.89 -10.14
CA ILE H 59 19.69 -36.64 -9.34
C ILE H 59 18.50 -37.44 -9.87
N MET H 60 18.40 -37.57 -11.20
CA MET H 60 17.34 -38.41 -11.77
C MET H 60 17.59 -39.88 -11.51
N ASN H 61 18.85 -40.31 -11.55
CA ASN H 61 19.21 -41.69 -11.24
C ASN H 61 18.85 -42.04 -9.81
N SER H 62 19.18 -41.16 -8.87
CA SER H 62 18.87 -41.42 -7.47
C SER H 62 17.37 -41.29 -7.20
N PHE H 63 16.65 -40.46 -7.97
CA PHE H 63 15.19 -40.43 -7.87
C PHE H 63 14.57 -41.74 -8.34
N VAL H 64 15.09 -42.31 -9.44
CA VAL H 64 14.56 -43.58 -9.94
C VAL H 64 14.85 -44.70 -8.95
N ASN H 65 16.10 -44.80 -8.49
CA ASN H 65 16.47 -45.74 -7.44
C ASN H 65 15.61 -45.60 -6.18
N ASP H 66 15.35 -44.36 -5.75
CA ASP H 66 14.56 -44.08 -4.56
C ASP H 66 13.12 -44.56 -4.72
N VAL H 67 12.43 -44.06 -5.75
CA VAL H 67 11.04 -44.45 -6.04
C VAL H 67 10.92 -45.97 -6.24
N PHE H 68 11.87 -46.57 -6.98
CA PHE H 68 12.00 -48.02 -7.10
C PHE H 68 11.99 -48.72 -5.74
N GLU H 69 12.93 -48.34 -4.86
CA GLU H 69 13.01 -48.91 -3.53
C GLU H 69 11.72 -48.70 -2.72
N ARG H 70 11.08 -47.53 -2.88
CA ARG H 70 9.81 -47.26 -2.20
C ARG H 70 8.70 -48.20 -2.64
N ILE H 71 8.57 -48.39 -3.96
CA ILE H 71 7.46 -49.20 -4.47
C ILE H 71 7.72 -50.68 -4.19
N ALA H 72 8.96 -51.14 -4.41
CA ALA H 72 9.30 -52.53 -4.10
C ALA H 72 9.22 -52.81 -2.61
N GLY H 73 9.52 -51.82 -1.76
CA GLY H 73 9.33 -51.89 -0.32
C GLY H 73 7.88 -52.09 0.06
N GLU H 74 7.03 -51.19 -0.43
CA GLU H 74 5.60 -51.27 -0.13
C GLU H 74 5.00 -52.56 -0.64
N ALA H 75 5.41 -53.00 -1.83
CA ALA H 75 4.95 -54.25 -2.40
C ALA H 75 5.34 -55.45 -1.54
N SER H 76 6.61 -55.49 -1.10
CA SER H 76 7.08 -56.54 -0.20
C SER H 76 6.32 -56.54 1.11
N ARG H 77 6.08 -55.35 1.67
CA ARG H 77 5.29 -55.24 2.90
C ARG H 77 3.87 -55.76 2.73
N LEU H 78 3.18 -55.31 1.67
CA LEU H 78 1.87 -55.83 1.29
C LEU H 78 1.84 -57.35 1.11
N ALA H 79 2.85 -57.91 0.45
CA ALA H 79 2.91 -59.35 0.25
C ALA H 79 3.09 -60.09 1.57
N HIS H 80 3.90 -59.53 2.48
CA HIS H 80 4.03 -60.11 3.81
C HIS H 80 2.75 -59.99 4.62
N TYR H 81 2.03 -58.86 4.45
CA TYR H 81 0.76 -58.64 5.13
C TYR H 81 -0.29 -59.67 4.71
N ASN H 82 -0.42 -59.89 3.40
CA ASN H 82 -1.48 -60.74 2.88
C ASN H 82 -1.08 -62.20 2.79
N LYS H 83 -0.02 -62.61 3.51
CA LYS H 83 0.47 -63.99 3.58
C LYS H 83 0.81 -64.56 2.20
N ARG H 84 1.46 -63.74 1.37
CA ARG H 84 1.79 -64.10 0.01
C ARG H 84 3.29 -64.00 -0.20
N SER H 85 3.79 -64.76 -1.18
CA SER H 85 5.21 -64.75 -1.51
C SER H 85 5.48 -64.39 -2.96
N THR H 86 4.44 -64.03 -3.73
CA THR H 86 4.58 -63.71 -5.14
C THR H 86 4.18 -62.26 -5.36
N ILE H 87 5.13 -61.44 -5.79
CA ILE H 87 4.84 -60.06 -6.17
C ILE H 87 4.44 -60.05 -7.64
N THR H 88 3.17 -59.73 -7.89
CA THR H 88 2.64 -59.59 -9.23
C THR H 88 2.37 -58.11 -9.50
N SER H 89 1.73 -57.84 -10.64
CA SER H 89 1.41 -56.47 -11.02
C SER H 89 0.38 -55.82 -10.09
N ARG H 90 -0.46 -56.63 -9.44
CA ARG H 90 -1.48 -56.09 -8.54
C ARG H 90 -0.86 -55.51 -7.26
N GLU H 91 0.19 -56.15 -6.74
CA GLU H 91 0.92 -55.63 -5.58
C GLU H 91 1.60 -54.31 -5.90
N ILE H 92 2.33 -54.26 -7.02
CA ILE H 92 2.96 -53.02 -7.48
C ILE H 92 1.90 -51.95 -7.75
N GLN H 93 0.72 -52.37 -8.25
CA GLN H 93 -0.37 -51.45 -8.56
C GLN H 93 -0.91 -50.77 -7.32
N THR H 94 -1.19 -51.54 -6.27
CA THR H 94 -1.68 -50.92 -5.06
C THR H 94 -0.57 -50.19 -4.30
N ALA H 95 0.71 -50.56 -4.50
CA ALA H 95 1.81 -49.78 -3.94
C ALA H 95 1.91 -48.42 -4.61
N VAL H 96 1.66 -48.36 -5.91
CA VAL H 96 1.63 -47.09 -6.64
C VAL H 96 0.43 -46.25 -6.20
N ARG H 97 -0.74 -46.88 -6.08
CA ARG H 97 -1.94 -46.19 -5.58
C ARG H 97 -1.77 -45.68 -4.14
N LEU H 98 -0.89 -46.32 -3.35
CA LEU H 98 -0.55 -45.78 -2.04
C LEU H 98 0.46 -44.64 -2.14
N LEU H 99 1.53 -44.83 -2.90
CA LEU H 99 2.66 -43.91 -2.82
C LEU H 99 2.49 -42.63 -3.62
N LEU H 100 1.84 -42.69 -4.77
CA LEU H 100 1.72 -41.47 -5.55
C LEU H 100 0.48 -40.69 -5.12
N PRO H 101 0.57 -39.36 -4.98
CA PRO H 101 -0.53 -38.57 -4.43
C PRO H 101 -1.71 -38.32 -5.38
N GLY H 102 -2.67 -39.24 -5.41
CA GLY H 102 -3.93 -38.97 -6.06
C GLY H 102 -3.96 -39.10 -7.57
N GLU H 103 -4.01 -37.96 -8.28
CA GLU H 103 -4.13 -38.01 -9.74
C GLU H 103 -2.87 -38.52 -10.40
N LEU H 104 -1.70 -38.30 -9.77
CA LEU H 104 -0.46 -38.91 -10.23
C LEU H 104 -0.54 -40.43 -10.12
N ALA H 105 -1.18 -40.93 -9.07
CA ALA H 105 -1.40 -42.36 -8.93
C ALA H 105 -2.37 -42.87 -9.99
N LYS H 106 -3.43 -42.11 -10.28
CA LYS H 106 -4.39 -42.53 -11.31
C LYS H 106 -3.74 -42.59 -12.69
N HIS H 107 -2.88 -41.61 -13.02
CA HIS H 107 -2.20 -41.64 -14.31
C HIS H 107 -1.16 -42.75 -14.37
N ALA H 108 -0.51 -43.06 -13.25
CA ALA H 108 0.48 -44.11 -13.27
C ALA H 108 -0.14 -45.51 -13.28
N VAL H 109 -1.31 -45.66 -12.66
CA VAL H 109 -2.01 -46.94 -12.70
C VAL H 109 -2.57 -47.18 -14.09
N SER H 110 -3.03 -46.12 -14.75
CA SER H 110 -3.47 -46.25 -16.14
C SER H 110 -2.32 -46.57 -17.09
N GLU H 111 -1.20 -45.84 -16.98
CA GLU H 111 -0.04 -46.11 -17.82
C GLU H 111 0.52 -47.50 -17.59
N GLY H 112 0.54 -47.95 -16.33
CA GLY H 112 1.05 -49.27 -16.04
C GLY H 112 0.15 -50.38 -16.55
N THR H 113 -1.18 -50.23 -16.36
CA THR H 113 -2.10 -51.24 -16.85
C THR H 113 -2.12 -51.26 -18.38
N LYS H 114 -1.89 -50.12 -19.02
CA LYS H 114 -1.76 -50.06 -20.47
C LYS H 114 -0.51 -50.80 -20.93
N ALA H 115 0.60 -50.65 -20.22
CA ALA H 115 1.82 -51.35 -20.63
C ALA H 115 1.75 -52.84 -20.30
N VAL H 116 0.98 -53.23 -19.29
CA VAL H 116 0.88 -54.67 -18.99
C VAL H 116 -0.10 -55.33 -19.97
N THR H 117 -1.12 -54.58 -20.41
CA THR H 117 -1.98 -55.02 -21.50
C THR H 117 -1.19 -55.23 -22.79
N LYS H 118 -0.42 -54.21 -23.20
CA LYS H 118 0.45 -54.33 -24.38
C LYS H 118 1.46 -55.47 -24.23
N TYR H 119 1.97 -55.70 -23.01
CA TYR H 119 2.95 -56.76 -22.80
C TYR H 119 2.33 -58.15 -22.93
N THR H 120 1.16 -58.36 -22.35
CA THR H 120 0.59 -59.70 -22.31
C THR H 120 -0.04 -60.13 -23.63
N SER H 121 -0.15 -59.24 -24.60
CA SER H 121 -0.75 -59.52 -25.90
C SER H 121 0.13 -58.99 -27.02
N ALA H 122 1.42 -59.29 -26.95
CA ALA H 122 2.39 -58.85 -27.96
C ALA H 122 2.91 -60.06 -28.72
N LYS H 123 3.85 -59.80 -29.63
CA LYS H 123 4.49 -60.84 -30.41
C LYS H 123 5.45 -61.63 -29.53
N HIS K 390 -18.42 58.72 25.74
CA HIS K 390 -17.08 59.09 26.20
C HIS K 390 -16.68 60.47 25.70
N ASP K 391 -16.68 61.44 26.62
CA ASP K 391 -16.30 62.81 26.31
C ASP K 391 -15.02 63.14 27.08
N GLN K 392 -13.88 62.79 26.50
CA GLN K 392 -12.58 63.13 27.06
C GLN K 392 -11.98 64.37 26.42
N GLU K 393 -12.17 64.52 25.10
CA GLU K 393 -11.71 65.69 24.37
C GLU K 393 -12.91 66.39 23.74
N PHE K 394 -12.71 67.64 23.33
CA PHE K 394 -13.81 68.45 22.80
C PHE K 394 -13.27 69.38 21.73
N ASP K 395 -13.77 69.23 20.51
CA ASP K 395 -13.36 70.04 19.36
C ASP K 395 -14.43 70.02 18.27
N PRO K 396 -14.77 71.17 17.69
CA PRO K 396 -15.78 71.18 16.63
C PRO K 396 -15.20 70.69 15.31
N PRO K 397 -15.97 69.91 14.55
CA PRO K 397 -15.48 69.47 13.23
C PRO K 397 -15.56 70.61 12.22
N LYS K 398 -14.49 70.75 11.43
CA LYS K 398 -14.42 71.82 10.45
C LYS K 398 -15.26 71.46 9.23
N VAL K 399 -16.28 72.26 8.97
CA VAL K 399 -17.19 72.04 7.84
C VAL K 399 -16.83 73.05 6.75
N TYR K 400 -16.48 72.53 5.57
CA TYR K 400 -16.09 73.34 4.43
C TYR K 400 -17.32 73.81 3.65
N PRO K 401 -17.27 75.02 3.08
CA PRO K 401 -18.39 75.50 2.27
C PRO K 401 -18.49 74.74 0.96
N PRO K 402 -19.71 74.48 0.47
CA PRO K 402 -19.86 73.75 -0.80
C PRO K 402 -19.45 74.62 -1.98
N VAL K 403 -18.69 74.03 -2.89
CA VAL K 403 -18.24 74.69 -4.11
C VAL K 403 -19.27 74.44 -5.20
N PRO K 404 -19.63 75.45 -5.99
CA PRO K 404 -20.57 75.23 -7.09
C PRO K 404 -19.93 74.50 -8.26
N ALA K 405 -20.75 74.21 -9.28
CA ALA K 405 -20.33 73.37 -10.38
C ALA K 405 -19.38 74.07 -11.35
N GLU K 406 -19.36 75.40 -11.37
CA GLU K 406 -18.47 76.10 -12.29
C GLU K 406 -17.02 76.14 -11.81
N LYS K 407 -16.78 75.96 -10.51
CA LYS K 407 -15.45 75.87 -9.95
C LYS K 407 -15.16 74.46 -9.45
N ARG K 408 -15.68 73.47 -10.16
CA ARG K 408 -15.64 72.08 -9.74
C ARG K 408 -14.44 71.38 -10.39
N LYS K 409 -13.66 70.69 -9.59
CA LYS K 409 -12.40 70.08 -10.01
C LYS K 409 -12.37 68.60 -9.65
N PRO K 410 -11.63 67.78 -10.40
CA PRO K 410 -11.46 66.38 -10.01
C PRO K 410 -10.56 66.25 -8.79
N ILE K 411 -10.58 65.05 -8.21
CA ILE K 411 -9.93 64.79 -6.92
C ILE K 411 -8.48 64.35 -7.13
N ARG K 412 -7.63 64.78 -6.21
CA ARG K 412 -6.28 64.24 -6.06
C ARG K 412 -6.27 63.47 -4.76
N VAL K 413 -5.91 62.20 -4.82
CA VAL K 413 -6.07 61.27 -3.71
C VAL K 413 -4.72 60.69 -3.33
N LEU K 414 -4.35 60.84 -2.07
CA LEU K 414 -3.22 60.14 -1.48
C LEU K 414 -3.76 59.02 -0.60
N SER K 415 -3.26 57.80 -0.83
CA SER K 415 -3.74 56.60 -0.17
C SER K 415 -2.52 55.92 0.43
N LEU K 416 -2.38 56.00 1.74
CA LEU K 416 -1.11 55.59 2.34
C LEU K 416 -1.04 54.09 2.50
N PHE K 417 -1.90 53.52 3.32
CA PHE K 417 -1.90 52.07 3.52
C PHE K 417 -3.05 51.52 2.69
N ASP K 418 -2.80 51.44 1.39
CA ASP K 418 -3.84 51.10 0.43
C ASP K 418 -4.18 49.61 0.50
N GLY K 419 -3.18 48.76 0.30
CA GLY K 419 -3.45 47.32 0.24
C GLY K 419 -4.21 47.01 -1.02
N ILE K 420 -5.31 46.25 -0.87
CA ILE K 420 -6.31 46.17 -1.92
C ILE K 420 -6.89 47.56 -2.15
N ALA K 421 -6.88 48.00 -3.41
CA ALA K 421 -7.25 49.37 -3.73
C ALA K 421 -8.75 49.58 -3.60
N THR K 422 -9.23 49.65 -2.36
CA THR K 422 -10.65 49.79 -2.08
C THR K 422 -11.11 51.23 -2.32
N GLY K 423 -10.27 52.20 -1.96
CA GLY K 423 -10.62 53.61 -2.09
C GLY K 423 -10.89 54.04 -3.52
N LEU K 424 -9.96 53.73 -4.42
CA LEU K 424 -10.14 54.10 -5.83
C LEU K 424 -11.25 53.29 -6.49
N LEU K 425 -11.48 52.06 -6.01
CA LEU K 425 -12.60 51.26 -6.46
C LEU K 425 -13.93 51.93 -6.12
N VAL K 426 -14.07 52.38 -4.86
CA VAL K 426 -15.28 53.07 -4.42
C VAL K 426 -15.45 54.40 -5.17
N LEU K 427 -14.35 55.12 -5.40
CA LEU K 427 -14.40 56.38 -6.15
C LEU K 427 -14.83 56.18 -7.59
N LYS K 428 -14.30 55.15 -8.26
CA LYS K 428 -14.78 54.82 -9.60
C LYS K 428 -16.22 54.32 -9.60
N ASP K 429 -16.67 53.66 -8.52
CA ASP K 429 -18.05 53.20 -8.47
C ASP K 429 -19.03 54.35 -8.23
N LEU K 430 -18.60 55.40 -7.54
CA LEU K 430 -19.46 56.56 -7.34
C LEU K 430 -19.49 57.50 -8.53
N GLY K 431 -18.65 57.27 -9.53
CA GLY K 431 -18.59 58.13 -10.70
C GLY K 431 -17.97 59.48 -10.38
N ILE K 432 -16.73 59.47 -9.90
CA ILE K 432 -16.01 60.68 -9.55
C ILE K 432 -14.71 60.71 -10.35
N GLN K 433 -14.47 61.82 -11.04
CA GLN K 433 -13.26 61.97 -11.84
C GLN K 433 -12.03 62.06 -10.93
N VAL K 434 -11.06 61.21 -11.19
CA VAL K 434 -9.83 61.13 -10.40
C VAL K 434 -8.69 61.70 -11.25
N ASP K 435 -8.14 62.83 -10.84
CA ASP K 435 -7.02 63.42 -11.56
C ASP K 435 -5.71 62.72 -11.22
N ARG K 436 -5.53 62.33 -9.95
CA ARG K 436 -4.30 61.69 -9.52
C ARG K 436 -4.57 60.83 -8.31
N TYR K 437 -4.11 59.58 -8.35
CA TYR K 437 -4.23 58.64 -7.25
C TYR K 437 -2.84 58.08 -6.95
N ILE K 438 -2.37 58.30 -5.73
CA ILE K 438 -1.03 57.90 -5.32
C ILE K 438 -1.14 56.95 -4.15
N ALA K 439 -0.73 55.70 -4.35
CA ALA K 439 -0.79 54.66 -3.32
C ALA K 439 0.62 54.27 -2.91
N SER K 440 0.91 54.35 -1.61
CA SER K 440 2.23 53.98 -1.08
C SER K 440 2.18 52.59 -0.46
N GLU K 441 2.28 51.56 -1.31
CA GLU K 441 2.09 50.19 -0.87
C GLU K 441 3.38 49.39 -0.97
N VAL K 442 3.63 48.55 0.03
CA VAL K 442 4.81 47.70 0.08
C VAL K 442 4.57 46.35 -0.58
N CYS K 443 3.47 45.69 -0.22
CA CYS K 443 3.25 44.29 -0.59
C CYS K 443 2.97 44.15 -2.08
N GLU K 444 3.70 43.24 -2.72
CA GLU K 444 3.65 43.12 -4.18
C GLU K 444 2.33 42.54 -4.67
N ASP K 445 1.65 41.74 -3.83
CA ASP K 445 0.36 41.19 -4.21
C ASP K 445 -0.70 42.30 -4.27
N SER K 446 -0.65 43.23 -3.32
CA SER K 446 -1.57 44.37 -3.33
C SER K 446 -1.30 45.30 -4.51
N ILE K 447 -0.02 45.53 -4.82
CA ILE K 447 0.37 46.30 -5.99
C ILE K 447 -0.12 45.61 -7.26
N THR K 448 -0.10 44.28 -7.29
CA THR K 448 -0.61 43.54 -8.43
C THR K 448 -2.13 43.67 -8.55
N VAL K 449 -2.84 43.65 -7.40
CA VAL K 449 -4.28 43.90 -7.37
C VAL K 449 -4.59 45.27 -7.96
N GLY K 450 -3.82 46.28 -7.58
CA GLY K 450 -4.05 47.62 -8.11
C GLY K 450 -3.74 47.75 -9.58
N MET K 451 -2.64 47.14 -10.04
CA MET K 451 -2.26 47.21 -11.45
C MET K 451 -3.24 46.48 -12.34
N VAL K 452 -3.84 45.39 -11.86
CA VAL K 452 -4.85 44.69 -12.65
C VAL K 452 -6.16 45.46 -12.64
N ARG K 453 -6.63 45.87 -11.47
CA ARG K 453 -7.98 46.41 -11.35
C ARG K 453 -8.08 47.89 -11.66
N HIS K 454 -6.96 48.59 -11.93
CA HIS K 454 -7.04 50.00 -12.25
C HIS K 454 -6.21 50.42 -13.46
N GLN K 455 -5.43 49.49 -14.04
CA GLN K 455 -4.78 49.65 -15.35
C GLN K 455 -3.81 50.83 -15.39
N GLY K 456 -2.87 50.84 -14.44
CA GLY K 456 -1.82 51.84 -14.46
C GLY K 456 -2.23 53.23 -14.05
N LYS K 457 -3.46 53.42 -13.57
CA LYS K 457 -3.89 54.72 -13.07
C LYS K 457 -3.20 55.04 -11.75
N ILE K 458 -2.86 54.02 -10.97
CA ILE K 458 -2.28 54.21 -9.65
C ILE K 458 -0.80 54.56 -9.77
N MET K 459 -0.40 55.67 -9.16
CA MET K 459 1.00 56.02 -9.02
C MET K 459 1.53 55.36 -7.75
N TYR K 460 2.50 54.45 -7.90
CA TYR K 460 2.96 53.64 -6.79
C TYR K 460 4.18 54.28 -6.13
N VAL K 461 4.14 54.35 -4.81
CA VAL K 461 5.31 54.58 -3.99
C VAL K 461 5.61 53.25 -3.29
N GLY K 462 6.84 53.12 -2.79
CA GLY K 462 7.20 51.95 -2.02
C GLY K 462 6.78 52.10 -0.57
N ASP K 463 7.74 51.99 0.36
CA ASP K 463 7.42 52.13 1.77
C ASP K 463 7.03 53.57 2.09
N VAL K 464 6.20 53.73 3.13
CA VAL K 464 5.77 55.07 3.55
C VAL K 464 6.91 55.84 4.21
N ARG K 465 7.93 55.16 4.71
CA ARG K 465 9.09 55.85 5.28
C ARG K 465 9.93 56.54 4.21
N SER K 466 9.85 56.07 2.96
CA SER K 466 10.57 56.72 1.86
C SER K 466 9.91 58.02 1.42
N VAL K 467 8.70 58.33 1.88
CA VAL K 467 8.01 59.55 1.49
C VAL K 467 8.45 60.67 2.41
N THR K 468 8.88 61.78 1.83
CA THR K 468 9.28 62.97 2.57
C THR K 468 8.29 64.10 2.30
N GLN K 469 8.59 65.27 2.87
CA GLN K 469 7.78 66.46 2.61
C GLN K 469 7.99 66.96 1.19
N LYS K 470 9.18 66.72 0.62
CA LYS K 470 9.45 67.12 -0.76
C LYS K 470 8.60 66.34 -1.74
N HIS K 471 8.41 65.04 -1.48
CA HIS K 471 7.56 64.22 -2.34
C HIS K 471 6.10 64.65 -2.26
N ILE K 472 5.66 65.15 -1.11
CA ILE K 472 4.30 65.63 -0.98
C ILE K 472 4.13 66.96 -1.71
N GLN K 473 5.09 67.87 -1.55
CA GLN K 473 4.95 69.18 -2.17
C GLN K 473 5.27 69.19 -3.66
N GLU K 474 5.90 68.13 -4.19
CA GLU K 474 6.14 68.08 -5.63
C GLU K 474 5.04 67.34 -6.39
N TRP K 475 4.22 66.56 -5.70
CA TRP K 475 3.14 65.79 -6.33
C TRP K 475 1.81 66.53 -6.28
N GLY K 476 1.83 67.85 -6.12
CA GLY K 476 0.62 68.64 -6.12
C GLY K 476 -0.11 68.58 -4.80
N PRO K 477 -1.00 69.56 -4.58
CA PRO K 477 -1.82 69.54 -3.35
C PRO K 477 -2.90 68.49 -3.45
N PHE K 478 -3.15 67.80 -2.35
CA PHE K 478 -4.08 66.68 -2.33
C PHE K 478 -5.46 67.13 -1.87
N ASP K 479 -6.48 66.43 -2.36
CA ASP K 479 -7.86 66.70 -1.97
C ASP K 479 -8.45 65.64 -1.05
N LEU K 480 -7.88 64.44 -1.04
CA LEU K 480 -8.39 63.38 -0.17
C LEU K 480 -7.22 62.50 0.28
N VAL K 481 -7.04 62.39 1.59
CA VAL K 481 -6.00 61.53 2.16
C VAL K 481 -6.69 60.40 2.92
N ILE K 482 -6.31 59.15 2.64
CA ILE K 482 -6.98 58.01 3.25
C ILE K 482 -5.94 57.00 3.73
N GLY K 483 -6.36 56.17 4.68
CA GLY K 483 -5.51 55.08 5.12
C GLY K 483 -5.96 54.35 6.37
N GLY K 484 -5.53 53.09 6.49
CA GLY K 484 -5.72 52.33 7.70
C GLY K 484 -4.45 51.59 8.09
N SER K 485 -3.91 51.90 9.26
CA SER K 485 -2.63 51.35 9.70
C SER K 485 -2.77 49.85 9.99
N PRO K 486 -1.70 49.07 9.83
CA PRO K 486 -1.77 47.64 10.17
C PRO K 486 -1.93 47.44 11.66
N CYS K 487 -2.94 46.66 12.03
CA CYS K 487 -3.35 46.46 13.43
C CYS K 487 -2.81 45.17 14.01
N ASN K 488 -1.58 44.80 13.65
CA ASN K 488 -0.93 43.63 14.25
C ASN K 488 -0.72 43.82 15.74
N ASP K 489 -0.26 45.00 16.15
CA ASP K 489 -0.04 45.30 17.55
C ASP K 489 -1.04 46.28 18.14
N LEU K 490 -1.91 46.86 17.30
CA LEU K 490 -2.97 47.72 17.81
C LEU K 490 -4.16 46.92 18.33
N SER K 491 -4.37 45.72 17.78
CA SER K 491 -5.48 44.89 18.21
C SER K 491 -5.20 44.28 19.59
N ILE K 492 -6.23 44.25 20.43
CA ILE K 492 -6.09 43.72 21.79
C ILE K 492 -6.49 42.25 21.80
N VAL K 493 -6.71 41.67 20.62
CA VAL K 493 -6.94 40.23 20.53
C VAL K 493 -5.65 39.46 20.74
N ASN K 494 -4.50 40.10 20.55
CA ASN K 494 -3.23 39.49 20.91
C ASN K 494 -3.05 39.52 22.42
N PRO K 495 -2.76 38.39 23.06
CA PRO K 495 -2.37 38.45 24.48
C PRO K 495 -1.05 39.15 24.70
N ALA K 496 -0.04 38.85 23.87
CA ALA K 496 1.23 39.55 23.91
C ALA K 496 1.26 40.56 22.77
N ARG K 497 0.56 41.68 22.99
CA ARG K 497 0.56 42.77 22.03
C ARG K 497 1.69 43.73 22.36
N LYS K 498 2.23 44.37 21.31
CA LYS K 498 3.37 45.25 21.49
C LYS K 498 2.99 46.72 21.57
N GLY K 499 1.78 47.08 21.15
CA GLY K 499 1.24 48.40 21.39
C GLY K 499 1.33 49.33 20.20
N LEU K 500 1.08 50.60 20.49
CA LEU K 500 1.07 51.65 19.47
C LEU K 500 2.47 51.98 18.97
N TYR K 501 3.49 51.83 19.80
CA TYR K 501 4.81 52.37 19.53
C TYR K 501 5.79 51.30 19.05
N GLU K 502 5.27 50.28 18.38
CA GLU K 502 6.06 49.28 17.67
C GLU K 502 5.92 49.53 16.17
N GLY K 503 6.85 48.99 15.38
CA GLY K 503 6.98 49.21 13.95
C GLY K 503 5.76 48.84 13.11
N THR K 504 4.79 48.13 13.67
CA THR K 504 3.52 47.92 12.99
C THR K 504 2.51 49.01 13.35
N GLY K 505 2.54 49.51 14.59
CA GLY K 505 1.62 50.54 15.03
C GLY K 505 2.09 51.94 14.72
N ARG K 506 3.38 52.21 14.93
CA ARG K 506 3.97 53.55 14.77
C ARG K 506 3.91 54.05 13.33
N LEU K 507 3.60 53.18 12.37
CA LEU K 507 3.36 53.59 10.99
C LEU K 507 2.21 54.58 10.89
N PHE K 508 1.24 54.49 11.84
CA PHE K 508 0.20 55.52 12.01
C PHE K 508 0.80 56.91 12.10
N PHE K 509 1.89 57.08 12.86
CA PHE K 509 2.51 58.38 12.98
C PHE K 509 3.10 58.84 11.66
N GLU K 510 3.58 57.89 10.85
CA GLU K 510 3.97 58.17 9.47
C GLU K 510 2.81 58.82 8.72
N PHE K 511 1.61 58.26 8.92
CA PHE K 511 0.37 58.83 8.39
C PHE K 511 0.20 60.26 8.86
N TYR K 512 0.33 60.48 10.18
CA TYR K 512 0.21 61.82 10.75
C TYR K 512 1.22 62.78 10.12
N ARG K 513 2.45 62.28 9.86
CA ARG K 513 3.46 63.12 9.24
C ARG K 513 3.04 63.48 7.82
N LEU K 514 2.51 62.51 7.08
CA LEU K 514 1.99 62.82 5.76
C LEU K 514 0.67 63.57 5.85
N LEU K 515 -0.06 63.40 6.96
CA LEU K 515 -1.19 64.27 7.21
C LEU K 515 -0.73 65.71 7.45
N HIS K 516 0.46 65.88 8.05
CA HIS K 516 0.95 67.23 8.30
C HIS K 516 1.50 67.88 7.04
N ASP K 517 1.98 67.09 6.08
CA ASP K 517 2.56 67.62 4.86
C ASP K 517 1.51 67.90 3.80
N ALA K 518 0.47 67.06 3.70
CA ALA K 518 -0.56 67.24 2.70
C ALA K 518 -1.63 68.24 3.13
N ARG K 519 -1.64 68.65 4.39
CA ARG K 519 -2.63 69.62 4.84
C ARG K 519 -2.25 71.01 4.33
N PRO K 520 -3.19 71.77 3.77
CA PRO K 520 -2.87 73.13 3.32
C PRO K 520 -2.65 74.07 4.49
N LYS K 521 -1.87 75.12 4.22
CA LYS K 521 -1.54 76.10 5.24
C LYS K 521 -2.74 77.02 5.50
N GLU K 522 -2.58 77.90 6.48
CA GLU K 522 -3.63 78.83 6.85
C GLU K 522 -3.82 79.88 5.76
N GLY K 523 -5.08 80.26 5.53
CA GLY K 523 -5.44 81.15 4.46
C GLY K 523 -5.98 80.47 3.22
N ASP K 524 -5.75 79.16 3.09
CA ASP K 524 -6.21 78.41 1.93
C ASP K 524 -7.58 77.81 2.25
N ASP K 525 -8.59 78.21 1.49
CA ASP K 525 -9.95 77.71 1.65
C ASP K 525 -10.26 76.52 0.74
N ARG K 526 -9.25 75.76 0.34
CA ARG K 526 -9.47 74.58 -0.48
C ARG K 526 -10.05 73.47 0.39
N PRO K 527 -11.08 72.76 -0.08
CA PRO K 527 -11.63 71.65 0.72
C PRO K 527 -10.70 70.46 0.79
N PHE K 528 -10.11 70.25 1.96
CA PHE K 528 -9.18 69.16 2.22
C PHE K 528 -9.81 68.16 3.17
N PHE K 529 -9.84 66.90 2.77
CA PHE K 529 -10.51 65.86 3.54
C PHE K 529 -9.54 64.72 3.82
N TRP K 530 -9.75 64.07 4.96
CA TRP K 530 -8.87 63.00 5.40
C TRP K 530 -9.67 61.94 6.13
N LEU K 531 -9.15 60.71 6.12
CA LEU K 531 -9.87 59.57 6.68
C LEU K 531 -8.87 58.54 7.17
N PHE K 532 -8.97 58.20 8.45
CA PHE K 532 -8.19 57.12 9.04
C PHE K 532 -9.13 56.04 9.56
N GLU K 533 -8.75 54.78 9.33
CA GLU K 533 -9.54 53.63 9.69
C GLU K 533 -8.75 52.78 10.69
N ASN K 534 -9.45 52.17 11.64
CA ASN K 534 -8.82 51.21 12.54
C ASN K 534 -9.90 50.30 13.12
N VAL K 535 -9.46 49.27 13.83
CA VAL K 535 -10.34 48.26 14.41
C VAL K 535 -10.99 48.79 15.68
N VAL K 536 -12.03 48.08 16.16
CA VAL K 536 -12.66 48.47 17.42
C VAL K 536 -11.92 47.90 18.62
N ALA K 537 -11.17 46.81 18.45
CA ALA K 537 -10.50 46.13 19.55
C ALA K 537 -9.18 46.83 19.88
N MET K 538 -9.30 48.01 20.47
CA MET K 538 -8.14 48.77 20.93
C MET K 538 -8.32 49.14 22.39
N GLY K 539 -7.21 49.55 23.01
CA GLY K 539 -7.26 50.04 24.37
C GLY K 539 -7.88 51.42 24.46
N VAL K 540 -8.15 51.83 25.70
CA VAL K 540 -8.72 53.16 25.93
C VAL K 540 -7.67 54.23 25.70
N SER K 541 -6.45 54.00 26.19
CA SER K 541 -5.38 54.99 26.05
C SER K 541 -4.91 55.11 24.61
N ASP K 542 -4.90 54.00 23.87
CA ASP K 542 -4.52 54.02 22.46
C ASP K 542 -5.51 54.83 21.63
N LYS K 543 -6.81 54.52 21.78
CA LYS K 543 -7.85 55.25 21.06
C LYS K 543 -7.88 56.72 21.46
N ARG K 544 -7.65 57.00 22.75
CA ARG K 544 -7.61 58.37 23.24
C ARG K 544 -6.45 59.16 22.62
N ASP K 545 -5.27 58.55 22.56
CA ASP K 545 -4.10 59.21 21.97
C ASP K 545 -4.29 59.42 20.48
N ILE K 546 -4.86 58.43 19.77
CA ILE K 546 -5.14 58.60 18.33
C ILE K 546 -6.15 59.72 18.10
N SER K 547 -7.24 59.74 18.88
CA SER K 547 -8.25 60.78 18.75
C SER K 547 -7.70 62.16 19.08
N ARG K 548 -6.76 62.25 20.03
CA ARG K 548 -6.14 63.53 20.33
C ARG K 548 -5.18 63.96 19.22
N PHE K 549 -4.46 62.99 18.64
CA PHE K 549 -3.47 63.32 17.60
C PHE K 549 -4.14 63.72 16.29
N LEU K 550 -5.23 63.05 15.93
CA LEU K 550 -5.95 63.38 14.71
C LEU K 550 -6.96 64.50 14.89
N GLU K 551 -7.31 64.82 16.15
CA GLU K 551 -8.24 65.90 16.51
C GLU K 551 -9.61 65.73 15.87
N SER K 552 -10.16 64.53 15.95
CA SER K 552 -11.48 64.27 15.41
C SER K 552 -12.16 63.20 16.27
N ASN K 553 -13.49 63.15 16.17
CA ASN K 553 -14.27 62.17 16.90
C ASN K 553 -14.36 60.88 16.09
N PRO K 554 -13.90 59.76 16.62
CA PRO K 554 -13.99 58.49 15.87
C PRO K 554 -15.42 57.98 15.82
N VAL K 555 -15.97 57.87 14.64
CA VAL K 555 -17.30 57.27 14.52
C VAL K 555 -17.13 55.77 14.39
N MET K 556 -18.00 55.02 15.05
CA MET K 556 -17.98 53.57 14.97
C MET K 556 -18.98 53.15 13.91
N ILE K 557 -18.53 52.36 12.94
CA ILE K 557 -19.39 51.84 11.89
C ILE K 557 -19.26 50.33 11.88
N ASP K 558 -20.39 49.64 11.92
CA ASP K 558 -20.42 48.18 11.92
C ASP K 558 -20.88 47.73 10.54
N ALA K 559 -20.16 46.77 9.97
CA ALA K 559 -20.45 46.26 8.63
C ALA K 559 -21.80 45.54 8.54
N LYS K 560 -22.38 45.11 9.68
CA LYS K 560 -23.63 44.37 9.64
C LYS K 560 -24.83 45.25 9.28
N GLU K 561 -24.70 46.56 9.43
CA GLU K 561 -25.82 47.45 9.10
C GLU K 561 -25.96 47.68 7.60
N VAL K 562 -24.90 47.43 6.83
CA VAL K 562 -24.94 47.66 5.39
C VAL K 562 -24.46 46.47 4.59
N SER K 563 -23.74 45.52 5.16
CA SER K 563 -23.24 44.35 4.46
C SER K 563 -23.48 43.11 5.33
N ALA K 564 -22.85 42.00 4.96
CA ALA K 564 -23.05 40.72 5.64
C ALA K 564 -21.82 40.30 6.42
N ALA K 565 -21.16 41.25 7.08
CA ALA K 565 -19.96 40.97 7.87
C ALA K 565 -20.11 41.56 9.26
N HIS K 566 -19.46 40.91 10.23
CA HIS K 566 -19.43 41.38 11.61
C HIS K 566 -18.07 41.99 11.89
N ARG K 567 -17.92 43.28 11.59
CA ARG K 567 -16.75 44.01 12.03
C ARG K 567 -17.11 45.48 12.27
N ALA K 568 -16.80 45.94 13.47
CA ALA K 568 -16.95 47.35 13.84
C ALA K 568 -15.61 48.03 13.71
N ARG K 569 -15.59 49.18 13.03
CA ARG K 569 -14.37 49.91 12.79
C ARG K 569 -14.54 51.37 13.21
N TYR K 570 -13.47 51.93 13.77
CA TYR K 570 -13.41 53.34 14.07
C TYR K 570 -12.91 54.11 12.84
N PHE K 571 -13.55 55.25 12.59
CA PHE K 571 -13.24 56.11 11.46
C PHE K 571 -13.03 57.52 11.99
N TRP K 572 -11.79 57.98 11.97
CA TRP K 572 -11.47 59.38 12.17
C TRP K 572 -11.53 60.11 10.84
N GLY K 573 -11.99 61.35 10.88
CA GLY K 573 -12.06 62.14 9.67
C GLY K 573 -12.94 63.35 9.86
N ASN K 574 -12.96 64.18 8.82
CA ASN K 574 -13.71 65.43 8.80
C ASN K 574 -14.67 65.50 7.61
N LEU K 575 -15.18 64.36 7.17
CA LEU K 575 -16.16 64.34 6.11
C LEU K 575 -17.51 64.85 6.62
N PRO K 576 -18.29 65.54 5.78
CA PRO K 576 -19.63 65.96 6.19
C PRO K 576 -20.56 64.76 6.35
N GLY K 577 -21.36 64.79 7.40
CA GLY K 577 -22.18 63.64 7.74
C GLY K 577 -21.31 62.49 8.22
N MET K 578 -20.46 62.76 9.20
CA MET K 578 -19.52 61.75 9.68
C MET K 578 -20.22 60.70 10.52
N ASN K 579 -21.28 61.10 11.24
CA ASN K 579 -22.04 60.20 12.11
C ASN K 579 -23.51 60.07 11.68
N ARG K 580 -23.81 60.34 10.42
CA ARG K 580 -25.16 60.12 9.93
C ARG K 580 -25.41 58.62 9.81
N PRO K 581 -26.67 58.17 9.99
CA PRO K 581 -26.93 56.73 10.06
C PRO K 581 -26.73 56.03 8.73
N LEU K 582 -26.62 54.70 8.82
CA LEU K 582 -26.23 53.84 7.71
C LEU K 582 -27.36 53.74 6.70
N ALA K 583 -27.26 54.51 5.63
CA ALA K 583 -28.24 54.46 4.54
C ALA K 583 -27.98 53.18 3.74
N SER K 584 -28.76 52.15 4.01
CA SER K 584 -28.57 50.86 3.35
C SER K 584 -29.08 50.91 1.92
N THR K 585 -28.21 50.59 0.97
CA THR K 585 -28.56 50.55 -0.44
C THR K 585 -29.17 49.20 -0.77
N VAL K 586 -30.24 49.22 -1.59
CA VAL K 586 -30.90 47.98 -1.99
C VAL K 586 -30.01 47.14 -2.92
N ASN K 587 -29.06 47.76 -3.60
CA ASN K 587 -28.09 47.01 -4.40
C ASN K 587 -27.05 46.30 -3.55
N ASP K 588 -26.84 46.75 -2.31
CA ASP K 588 -25.92 46.08 -1.40
C ASP K 588 -26.53 44.80 -0.88
N LYS K 589 -25.70 43.77 -0.76
CA LYS K 589 -26.15 42.45 -0.30
C LYS K 589 -26.13 42.45 1.23
N LEU K 590 -27.32 42.60 1.83
CA LEU K 590 -27.41 42.65 3.28
C LEU K 590 -27.27 41.26 3.90
N GLU K 591 -28.04 40.29 3.40
CA GLU K 591 -27.98 38.95 3.94
C GLU K 591 -26.75 38.22 3.42
N LEU K 592 -26.45 37.09 4.08
CA LEU K 592 -25.30 36.29 3.66
C LEU K 592 -25.60 35.47 2.41
N GLN K 593 -26.83 34.96 2.29
CA GLN K 593 -27.20 34.04 1.23
C GLN K 593 -27.16 34.69 -0.15
N GLU K 594 -27.33 36.02 -0.23
CA GLU K 594 -27.16 36.73 -1.49
C GLU K 594 -25.70 36.76 -1.95
N CYS K 595 -24.76 36.58 -1.01
CA CYS K 595 -23.34 36.53 -1.34
C CYS K 595 -22.83 35.14 -1.69
N LEU K 596 -23.61 34.10 -1.38
CA LEU K 596 -23.21 32.74 -1.70
C LEU K 596 -23.35 32.46 -3.19
N GLU K 597 -22.71 31.37 -3.63
CA GLU K 597 -22.87 30.87 -4.98
C GLU K 597 -24.05 29.92 -5.02
N HIS K 598 -24.20 29.18 -6.12
CA HIS K 598 -25.28 28.20 -6.21
C HIS K 598 -24.88 26.91 -5.53
N GLY K 599 -25.87 26.25 -4.91
CA GLY K 599 -25.64 24.97 -4.27
C GLY K 599 -25.09 25.05 -2.86
N ARG K 600 -25.12 26.22 -2.23
CA ARG K 600 -24.56 26.41 -0.91
C ARG K 600 -25.58 27.13 -0.04
N ILE K 601 -25.76 26.64 1.19
CA ILE K 601 -26.76 27.17 2.12
C ILE K 601 -26.03 27.80 3.30
N ALA K 602 -26.41 29.03 3.64
CA ALA K 602 -25.79 29.74 4.74
C ALA K 602 -26.27 29.21 6.08
N LYS K 603 -25.33 28.82 6.93
CA LYS K 603 -25.67 28.36 8.27
C LYS K 603 -26.00 29.51 9.20
N PHE K 604 -25.28 30.62 9.10
CA PHE K 604 -25.50 31.79 9.93
C PHE K 604 -26.23 32.87 9.14
N SER K 605 -26.59 33.94 9.84
CA SER K 605 -27.20 35.09 9.17
C SER K 605 -26.15 35.98 8.54
N LYS K 606 -25.02 36.17 9.22
CA LYS K 606 -23.86 36.89 8.70
C LYS K 606 -22.61 36.18 9.20
N VAL K 607 -21.46 36.56 8.66
CA VAL K 607 -20.19 35.94 9.03
C VAL K 607 -19.38 36.88 9.90
N ARG K 608 -18.52 36.30 10.72
CA ARG K 608 -17.54 37.04 11.51
C ARG K 608 -16.32 37.37 10.65
N THR K 609 -15.40 38.13 11.23
CA THR K 609 -14.19 38.52 10.54
C THR K 609 -13.20 37.35 10.47
N ASP K 622 -16.94 26.81 17.80
CA ASP K 622 -17.27 25.50 17.27
C ASP K 622 -16.31 25.10 16.16
N GLN K 623 -16.04 23.80 16.04
CA GLN K 623 -15.19 23.28 14.96
C GLN K 623 -16.04 22.95 13.74
N HIS K 624 -16.71 23.97 13.21
CA HIS K 624 -17.57 23.80 12.06
C HIS K 624 -17.29 24.88 11.02
N PHE K 625 -18.15 24.96 10.00
CA PHE K 625 -17.96 25.90 8.90
C PHE K 625 -19.29 26.59 8.64
N PRO K 626 -19.28 27.89 8.33
CA PRO K 626 -20.53 28.65 8.27
C PRO K 626 -21.39 28.41 7.05
N VAL K 627 -21.02 27.51 6.14
CA VAL K 627 -21.78 27.24 4.92
C VAL K 627 -21.88 25.73 4.74
N PHE K 628 -23.11 25.23 4.60
CA PHE K 628 -23.31 23.86 4.15
C PHE K 628 -23.25 23.80 2.63
N MET K 629 -22.60 22.76 2.11
CA MET K 629 -22.52 22.55 0.66
C MET K 629 -22.70 21.06 0.40
N ASN K 630 -23.80 20.71 -0.25
CA ASN K 630 -24.21 19.33 -0.54
C ASN K 630 -24.26 18.48 0.73
N GLU K 631 -24.94 19.04 1.75
CA GLU K 631 -25.04 18.48 3.10
C GLU K 631 -23.66 18.20 3.70
N LYS K 632 -22.73 19.12 3.49
CA LYS K 632 -21.38 19.01 4.01
C LYS K 632 -20.86 20.41 4.31
N GLU K 633 -20.25 20.57 5.48
CA GLU K 633 -19.72 21.86 5.88
C GLU K 633 -18.48 22.19 5.07
N ASP K 634 -18.49 23.36 4.44
CA ASP K 634 -17.42 23.76 3.53
C ASP K 634 -16.91 25.14 3.91
N ILE K 635 -15.63 25.39 3.61
CA ILE K 635 -14.97 26.65 3.93
C ILE K 635 -15.59 27.76 3.09
N LEU K 636 -15.72 28.95 3.69
CA LEU K 636 -16.24 30.11 2.97
C LEU K 636 -15.30 30.53 1.85
N TRP K 637 -15.84 30.65 0.65
CA TRP K 637 -15.05 30.89 -0.55
C TRP K 637 -14.53 32.32 -0.59
N CYS K 638 -13.48 32.51 -1.40
CA CYS K 638 -12.83 33.81 -1.50
C CYS K 638 -13.66 34.81 -2.30
N THR K 639 -14.28 34.35 -3.38
CA THR K 639 -15.16 35.23 -4.16
C THR K 639 -16.42 35.56 -3.37
N GLU K 640 -16.90 34.60 -2.58
CA GLU K 640 -17.99 34.86 -1.65
C GLU K 640 -17.55 35.82 -0.55
N MET K 641 -16.29 35.75 -0.13
CA MET K 641 -15.77 36.72 0.83
C MET K 641 -15.69 38.11 0.22
N GLU K 642 -15.40 38.20 -1.08
CA GLU K 642 -15.42 39.48 -1.78
C GLU K 642 -16.83 40.04 -1.89
N ARG K 643 -17.80 39.16 -2.12
CA ARG K 643 -19.20 39.59 -2.16
C ARG K 643 -19.69 40.02 -0.78
N VAL K 644 -19.19 39.39 0.29
CA VAL K 644 -19.52 39.81 1.64
C VAL K 644 -18.91 41.18 1.93
N PHE K 645 -17.64 41.37 1.57
CA PHE K 645 -16.95 42.63 1.84
C PHE K 645 -17.28 43.72 0.83
N GLY K 646 -18.24 43.50 -0.06
CA GLY K 646 -18.71 44.53 -0.96
C GLY K 646 -17.93 44.68 -2.24
N PHE K 647 -16.85 43.91 -2.42
CA PHE K 647 -16.03 44.00 -3.62
C PHE K 647 -16.80 43.45 -4.82
N PRO K 648 -16.42 43.84 -6.03
CA PRO K 648 -16.99 43.20 -7.22
C PRO K 648 -16.60 41.74 -7.31
N VAL K 649 -17.37 41.00 -8.11
CA VAL K 649 -17.22 39.56 -8.18
C VAL K 649 -15.92 39.22 -8.90
N HIS K 650 -15.14 38.31 -8.31
CA HIS K 650 -13.79 37.91 -8.76
C HIS K 650 -12.85 39.11 -8.81
N TYR K 651 -12.68 39.79 -7.67
CA TYR K 651 -11.84 40.98 -7.61
C TYR K 651 -10.39 40.64 -7.32
N THR K 652 -10.12 39.92 -6.23
CA THR K 652 -8.75 39.63 -5.81
C THR K 652 -8.33 38.26 -6.34
N ASP K 653 -8.34 38.15 -7.66
CA ASP K 653 -7.74 37.02 -8.38
C ASP K 653 -6.90 37.68 -9.47
N VAL K 654 -5.67 38.06 -9.11
CA VAL K 654 -4.87 38.88 -10.01
C VAL K 654 -3.58 38.18 -10.39
N SER K 655 -3.12 37.23 -9.58
CA SER K 655 -1.84 36.58 -9.86
C SER K 655 -1.92 35.13 -9.37
N ASN K 656 -0.75 34.50 -9.30
CA ASN K 656 -0.65 33.11 -8.86
C ASN K 656 -0.41 33.03 -7.35
N MET K 657 -1.36 33.61 -6.61
CA MET K 657 -1.35 33.54 -5.16
C MET K 657 -2.30 32.46 -4.68
N SER K 658 -2.04 31.95 -3.47
CA SER K 658 -2.76 30.83 -2.92
C SER K 658 -4.05 31.30 -2.25
N ARG K 659 -4.73 30.38 -1.55
CA ARG K 659 -5.92 30.74 -0.80
C ARG K 659 -5.57 31.58 0.42
N LEU K 660 -4.46 31.24 1.09
CA LEU K 660 -4.05 31.96 2.29
C LEU K 660 -3.65 33.39 1.99
N ALA K 661 -3.03 33.64 0.83
CA ALA K 661 -2.69 35.01 0.45
C ALA K 661 -3.93 35.84 0.17
N ARG K 662 -4.95 35.23 -0.45
CA ARG K 662 -6.19 35.95 -0.71
C ARG K 662 -6.94 36.22 0.58
N GLN K 663 -6.88 35.30 1.54
CA GLN K 663 -7.41 35.56 2.88
C GLN K 663 -6.68 36.71 3.56
N ARG K 664 -5.34 36.73 3.49
CA ARG K 664 -4.56 37.79 4.13
C ARG K 664 -4.82 39.15 3.50
N LEU K 665 -5.08 39.18 2.18
CA LEU K 665 -5.40 40.44 1.54
C LEU K 665 -6.82 40.90 1.85
N LEU K 666 -7.80 40.00 1.74
CA LEU K 666 -9.20 40.38 1.98
C LEU K 666 -9.50 40.70 3.45
N GLY K 667 -8.80 40.06 4.39
CA GLY K 667 -8.98 40.38 5.80
C GLY K 667 -8.62 41.82 6.14
N ARG K 668 -7.46 42.27 5.67
CA ARG K 668 -6.99 43.62 5.95
C ARG K 668 -7.71 44.69 5.15
N SER K 669 -8.53 44.32 4.18
CA SER K 669 -9.13 45.30 3.29
C SER K 669 -10.31 45.99 3.95
N TRP K 670 -10.65 47.16 3.41
CA TRP K 670 -11.82 47.90 3.86
C TRP K 670 -13.10 47.25 3.37
N SER K 671 -14.21 47.64 3.99
CA SER K 671 -15.54 47.25 3.53
C SER K 671 -16.03 48.25 2.50
N VAL K 672 -16.29 47.76 1.29
CA VAL K 672 -16.76 48.64 0.20
C VAL K 672 -18.04 49.42 0.51
N PRO K 673 -19.13 48.81 1.03
CA PRO K 673 -20.33 49.62 1.33
C PRO K 673 -20.11 50.71 2.37
N VAL K 674 -19.32 50.41 3.41
CA VAL K 674 -19.01 51.38 4.47
C VAL K 674 -18.28 52.58 3.89
N ILE K 675 -17.34 52.33 2.97
CA ILE K 675 -16.60 53.40 2.33
C ILE K 675 -17.52 54.19 1.42
N ARG K 676 -18.32 53.49 0.60
CA ARG K 676 -19.31 54.10 -0.30
C ARG K 676 -20.23 55.05 0.46
N HIS K 677 -20.65 54.65 1.66
CA HIS K 677 -21.38 55.54 2.56
C HIS K 677 -20.53 56.75 2.95
N LEU K 678 -19.27 56.49 3.33
CA LEU K 678 -18.39 57.58 3.77
C LEU K 678 -18.03 58.53 2.62
N PHE K 679 -17.71 57.98 1.45
CA PHE K 679 -17.31 58.84 0.33
C PHE K 679 -18.48 59.51 -0.38
N ALA K 680 -19.73 59.11 -0.06
CA ALA K 680 -20.94 59.63 -0.68
C ALA K 680 -21.06 61.17 -0.73
N PRO K 681 -20.87 61.95 0.36
CA PRO K 681 -21.07 63.40 0.23
C PRO K 681 -19.97 64.13 -0.53
N LEU K 682 -18.83 63.48 -0.80
CA LEU K 682 -17.79 64.06 -1.66
C LEU K 682 -18.28 64.33 -3.09
N LYS K 683 -19.36 63.66 -3.52
CA LYS K 683 -19.88 63.81 -4.87
C LYS K 683 -20.34 65.23 -5.16
N GLU K 684 -20.91 65.92 -4.17
CA GLU K 684 -21.35 67.30 -4.36
C GLU K 684 -20.23 68.31 -4.17
N TYR K 685 -19.08 67.91 -3.66
CA TYR K 685 -17.93 68.80 -3.50
C TYR K 685 -16.92 68.67 -4.62
N PHE K 686 -17.04 67.67 -5.50
CA PHE K 686 -16.02 67.41 -6.50
C PHE K 686 -16.68 66.94 -7.79
N ALA K 687 -15.84 66.61 -8.76
CA ALA K 687 -16.29 66.33 -10.12
C ALA K 687 -17.05 65.01 -10.21
N CYS K 688 -17.92 64.91 -11.21
CA CYS K 688 -18.78 63.76 -11.41
C CYS K 688 -18.63 63.22 -12.82
N VAL K 689 -18.67 61.90 -12.95
CA VAL K 689 -18.65 61.25 -14.26
C VAL K 689 -19.59 60.07 -14.28
N LYS L 542 21.78 74.38 7.18
CA LYS L 542 20.68 75.32 7.33
C LYS L 542 21.10 76.54 8.16
N LEU L 543 21.02 77.71 7.55
CA LEU L 543 21.43 78.96 8.19
C LEU L 543 20.32 80.00 8.02
N TYR L 544 20.03 80.71 9.11
CA TYR L 544 19.02 81.75 9.14
C TYR L 544 19.66 83.12 9.38
N PRO L 545 19.10 84.18 8.83
CA PRO L 545 19.63 85.52 9.09
C PRO L 545 19.39 85.96 10.53
N ALA L 546 20.33 86.76 11.04
CA ALA L 546 20.32 87.17 12.43
C ALA L 546 19.56 88.48 12.61
N ILE L 547 18.81 88.57 13.71
CA ILE L 547 18.12 89.79 14.09
C ILE L 547 19.14 90.64 14.87
N PRO L 548 19.05 91.97 14.83
CA PRO L 548 19.86 92.77 15.77
C PRO L 548 19.41 92.54 17.20
N ALA L 549 20.39 92.62 18.11
CA ALA L 549 20.17 92.28 19.52
C ALA L 549 19.50 93.40 20.31
N ALA L 550 19.14 94.51 19.67
CA ALA L 550 18.44 95.58 20.38
C ALA L 550 17.00 95.23 20.68
N ARG L 551 16.41 94.28 19.93
CA ARG L 551 15.04 93.84 20.16
C ARG L 551 15.05 92.87 21.34
N ARG L 552 14.81 93.40 22.54
CA ARG L 552 14.81 92.60 23.76
C ARG L 552 13.37 92.19 24.06
N ARG L 553 13.01 90.97 23.65
CA ARG L 553 11.70 90.41 23.87
C ARG L 553 11.80 89.18 24.77
N PRO L 554 10.80 88.93 25.62
CA PRO L 554 10.85 87.74 26.48
C PRO L 554 10.63 86.47 25.68
N ILE L 555 11.12 85.36 26.23
CA ILE L 555 11.15 84.08 25.55
C ILE L 555 9.94 83.26 25.99
N ARG L 556 9.19 82.74 25.02
CA ARG L 556 8.08 81.83 25.27
C ARG L 556 8.59 80.41 25.14
N VAL L 557 8.50 79.64 26.22
CA VAL L 557 9.10 78.31 26.29
C VAL L 557 7.99 77.26 26.38
N LEU L 558 8.06 76.28 25.49
CA LEU L 558 7.23 75.08 25.54
C LEU L 558 8.14 73.92 25.91
N SER L 559 8.17 73.58 27.20
CA SER L 559 8.97 72.47 27.69
C SER L 559 8.07 71.25 27.86
N LEU L 560 8.49 70.12 27.29
CA LEU L 560 7.66 68.93 27.25
C LEU L 560 8.33 67.78 27.98
N PHE L 561 7.50 67.00 28.70
CA PHE L 561 7.83 65.86 29.56
C PHE L 561 9.06 66.06 30.44
N ASP L 562 9.27 67.30 30.90
CA ASP L 562 10.47 67.63 31.64
C ASP L 562 10.38 67.18 33.09
N GLY L 563 9.25 67.42 33.75
CA GLY L 563 9.12 67.07 35.15
C GLY L 563 9.67 68.16 36.05
N ILE L 564 10.90 67.96 36.54
CA ILE L 564 11.63 69.02 37.20
C ILE L 564 11.93 70.11 36.16
N ALA L 565 11.56 71.35 36.49
CA ALA L 565 11.61 72.45 35.54
C ALA L 565 13.06 72.83 35.25
N THR L 566 13.58 72.31 34.13
CA THR L 566 14.95 72.60 33.72
C THR L 566 15.03 73.91 32.94
N GLY L 567 14.08 74.13 32.03
CA GLY L 567 14.19 75.24 31.11
C GLY L 567 14.04 76.60 31.77
N TYR L 568 13.06 76.73 32.66
CA TYR L 568 12.81 77.98 33.37
C TYR L 568 14.00 78.38 34.25
N LEU L 569 14.54 77.42 35.00
CA LEU L 569 15.66 77.69 35.90
C LEU L 569 16.94 78.00 35.13
N VAL L 570 17.26 77.17 34.12
CA VAL L 570 18.49 77.36 33.36
C VAL L 570 18.42 78.64 32.51
N LEU L 571 17.23 79.03 32.03
CA LEU L 571 17.11 80.31 31.34
C LEU L 571 17.10 81.50 32.29
N LYS L 572 16.67 81.31 33.54
CA LYS L 572 16.90 82.34 34.55
C LYS L 572 18.38 82.56 34.83
N GLU L 573 19.16 81.48 34.94
CA GLU L 573 20.61 81.65 35.09
C GLU L 573 21.37 81.66 33.77
N LEU L 574 20.69 81.91 32.64
CA LEU L 574 21.42 82.23 31.42
C LEU L 574 21.74 83.72 31.35
N GLY L 575 20.89 84.57 31.93
CA GLY L 575 21.08 86.01 31.91
C GLY L 575 20.04 86.78 31.13
N ILE L 576 19.01 86.11 30.59
CA ILE L 576 17.94 86.78 29.89
C ILE L 576 16.63 86.52 30.64
N LYS L 577 15.65 87.38 30.38
CA LYS L 577 14.35 87.29 31.03
C LYS L 577 13.42 86.40 30.21
N VAL L 578 12.98 85.31 30.81
CA VAL L 578 12.01 84.42 30.19
C VAL L 578 10.61 84.91 30.53
N GLY L 579 9.71 84.88 29.54
CA GLY L 579 8.38 85.39 29.75
C GLY L 579 7.48 84.49 30.57
N LYS L 580 7.10 83.35 30.00
CA LYS L 580 6.21 82.39 30.67
C LYS L 580 6.74 80.98 30.43
N TYR L 581 6.53 80.11 31.41
CA TYR L 581 6.99 78.73 31.34
C TYR L 581 5.80 77.78 31.50
N VAL L 582 5.87 76.65 30.81
CA VAL L 582 4.81 75.64 30.82
C VAL L 582 5.39 74.35 31.38
N ALA L 583 4.70 73.74 32.34
CA ALA L 583 5.15 72.48 32.92
C ALA L 583 4.00 71.49 33.03
N SER L 584 4.28 70.23 32.67
CA SER L 584 3.32 69.15 32.78
C SER L 584 4.06 67.83 32.79
N GLU L 585 3.62 66.91 33.66
CA GLU L 585 4.21 65.59 33.78
C GLU L 585 3.21 64.68 34.48
N VAL L 586 3.15 63.41 34.04
CA VAL L 586 2.23 62.44 34.61
C VAL L 586 2.63 62.10 36.05
N CYS L 587 3.92 61.88 36.29
CA CYS L 587 4.39 61.52 37.62
C CYS L 587 4.31 62.71 38.58
N GLU L 588 4.17 62.39 39.86
CA GLU L 588 3.87 63.41 40.87
C GLU L 588 5.09 63.94 41.61
N GLU L 589 6.20 63.19 41.60
CA GLU L 589 7.38 63.60 42.38
C GLU L 589 8.04 64.84 41.80
N SER L 590 8.28 64.83 40.48
CA SER L 590 8.94 65.97 39.85
C SER L 590 7.99 67.16 39.73
N ILE L 591 6.69 66.91 39.68
CA ILE L 591 5.72 68.01 39.73
C ILE L 591 5.71 68.64 41.12
N ALA L 592 5.85 67.83 42.17
CA ALA L 592 5.97 68.37 43.53
C ALA L 592 7.25 69.18 43.70
N VAL L 593 8.36 68.70 43.14
CA VAL L 593 9.63 69.43 43.18
C VAL L 593 9.51 70.75 42.42
N GLY L 594 8.80 70.74 41.28
CA GLY L 594 8.64 71.95 40.50
C GLY L 594 7.66 72.95 41.08
N THR L 595 6.67 72.48 41.85
CA THR L 595 5.73 73.40 42.48
C THR L 595 6.19 73.88 43.86
N VAL L 596 7.18 73.22 44.46
CA VAL L 596 7.79 73.75 45.68
C VAL L 596 8.96 74.67 45.36
N LYS L 597 9.78 74.31 44.36
CA LYS L 597 11.04 75.02 44.11
C LYS L 597 10.82 76.38 43.45
N HIS L 598 10.08 76.42 42.35
CA HIS L 598 10.07 77.59 41.46
C HIS L 598 9.00 78.61 41.80
N GLU L 599 8.38 78.50 42.99
CA GLU L 599 7.53 79.53 43.60
C GLU L 599 6.26 79.86 42.81
N GLY L 600 5.86 79.01 41.89
CA GLY L 600 4.58 79.17 41.22
C GLY L 600 4.50 80.27 40.18
N ASN L 601 5.58 80.54 39.46
CA ASN L 601 5.57 81.46 38.32
C ASN L 601 5.43 80.70 37.00
N ILE L 602 4.76 79.55 37.03
CA ILE L 602 4.73 78.60 35.92
C ILE L 602 3.27 78.25 35.63
N LYS L 603 2.89 78.29 34.35
CA LYS L 603 1.63 77.70 33.95
C LYS L 603 1.76 76.17 33.97
N TYR L 604 0.97 75.54 34.83
CA TYR L 604 1.00 74.09 34.98
C TYR L 604 -0.19 73.46 34.29
N VAL L 605 0.05 72.33 33.63
CA VAL L 605 -1.00 71.52 33.04
C VAL L 605 -1.02 70.20 33.78
N ASN L 606 -2.23 69.71 34.08
CA ASN L 606 -2.38 68.53 34.93
C ASN L 606 -1.89 67.25 34.24
N ASP L 607 -1.95 67.20 32.92
CA ASP L 607 -1.53 66.01 32.20
C ASP L 607 -1.06 66.42 30.81
N VAL L 608 -0.07 65.68 30.29
CA VAL L 608 0.43 65.95 28.95
C VAL L 608 -0.56 65.48 27.88
N ARG L 609 -1.50 64.61 28.25
CA ARG L 609 -2.55 64.15 27.35
C ARG L 609 -3.74 65.11 27.27
N ASN L 610 -3.57 66.37 27.66
CA ASN L 610 -4.66 67.34 27.62
C ASN L 610 -4.38 68.57 26.78
N ILE L 611 -3.13 68.78 26.33
CA ILE L 611 -2.79 69.96 25.56
C ILE L 611 -3.33 69.79 24.14
N THR L 612 -4.16 70.74 23.70
CA THR L 612 -4.71 70.77 22.35
C THR L 612 -4.09 71.93 21.58
N LYS L 613 -4.60 72.15 20.37
CA LYS L 613 -4.14 73.28 19.55
C LYS L 613 -4.57 74.60 20.17
N LYS L 614 -5.75 74.61 20.83
CA LYS L 614 -6.21 75.81 21.53
C LYS L 614 -5.29 76.16 22.70
N ASN L 615 -4.75 75.14 23.38
CA ASN L 615 -3.77 75.38 24.43
C ASN L 615 -2.45 75.92 23.88
N ILE L 616 -2.14 75.63 22.61
CA ILE L 616 -0.94 76.19 21.99
C ILE L 616 -1.17 77.65 21.61
N GLU L 617 -2.29 77.94 20.94
CA GLU L 617 -2.54 79.30 20.48
C GLU L 617 -3.05 80.23 21.57
N GLU L 618 -3.43 79.70 22.74
CA GLU L 618 -3.92 80.56 23.81
C GLU L 618 -2.78 81.18 24.60
N TRP L 619 -1.70 80.42 24.81
CA TRP L 619 -0.56 80.88 25.60
C TRP L 619 0.55 81.45 24.73
N GLY L 620 0.20 81.99 23.56
CA GLY L 620 1.16 82.63 22.70
C GLY L 620 1.97 81.67 21.87
N PRO L 621 2.45 82.12 20.71
CA PRO L 621 3.36 81.29 19.91
C PRO L 621 4.72 81.18 20.60
N PHE L 622 5.23 79.96 20.69
CA PHE L 622 6.43 79.68 21.46
C PHE L 622 7.67 79.89 20.61
N ASP L 623 8.62 80.67 21.15
CA ASP L 623 9.89 80.87 20.45
C ASP L 623 10.84 79.71 20.69
N LEU L 624 10.82 79.14 21.89
CA LEU L 624 11.69 78.02 22.25
C LEU L 624 10.82 76.83 22.62
N VAL L 625 11.11 75.68 22.02
CA VAL L 625 10.42 74.43 22.31
C VAL L 625 11.47 73.38 22.65
N ILE L 626 11.44 72.88 23.88
CA ILE L 626 12.45 71.94 24.35
C ILE L 626 11.79 70.67 24.87
N GLY L 627 12.48 69.54 24.67
CA GLY L 627 12.04 68.30 25.28
C GLY L 627 13.08 67.75 26.22
N GLY L 628 12.79 67.76 27.52
CA GLY L 628 13.73 67.35 28.54
C GLY L 628 13.45 65.95 29.01
N SER L 629 14.40 65.05 28.76
CA SER L 629 14.20 63.64 29.07
C SER L 629 14.30 63.39 30.57
N PRO L 630 13.36 62.64 31.17
CA PRO L 630 13.47 62.26 32.58
C PRO L 630 14.43 61.09 32.79
N GLU L 646 6.97 51.11 27.73
CA GLU L 646 7.54 51.49 26.44
C GLU L 646 7.21 52.94 26.11
N GLY L 647 7.41 53.84 27.07
CA GLY L 647 7.02 55.22 26.88
C GLY L 647 8.03 56.13 26.23
N THR L 648 9.09 55.58 25.63
CA THR L 648 10.12 56.39 24.99
C THR L 648 9.57 57.02 23.71
N GLY L 649 9.07 56.19 22.80
CA GLY L 649 8.36 56.68 21.63
C GLY L 649 7.11 57.45 21.99
N ARG L 650 6.49 57.15 23.13
CA ARG L 650 5.37 57.95 23.61
C ARG L 650 5.77 59.40 23.86
N LEU L 651 6.85 59.60 24.63
CA LEU L 651 7.31 60.95 24.92
C LEU L 651 7.81 61.65 23.66
N PHE L 652 8.52 60.93 22.78
CA PHE L 652 8.98 61.54 21.53
C PHE L 652 7.82 61.97 20.63
N PHE L 653 6.84 61.09 20.43
CA PHE L 653 5.77 61.47 19.52
C PHE L 653 4.82 62.49 20.12
N GLU L 654 4.70 62.56 21.46
CA GLU L 654 4.06 63.72 22.09
C GLU L 654 4.81 65.01 21.77
N PHE L 655 6.15 64.97 21.89
CA PHE L 655 6.98 66.12 21.55
C PHE L 655 6.83 66.52 20.09
N TYR L 656 6.81 65.54 19.19
CA TYR L 656 6.72 65.83 17.76
C TYR L 656 5.33 66.35 17.38
N HIS L 657 4.29 65.80 18.01
CA HIS L 657 2.92 66.27 17.77
C HIS L 657 2.73 67.70 18.24
N LEU L 658 3.31 68.06 19.39
CA LEU L 658 3.20 69.45 19.82
C LEU L 658 4.17 70.36 19.09
N LEU L 659 5.28 69.83 18.58
CA LEU L 659 6.20 70.61 17.76
C LEU L 659 5.59 70.96 16.40
N ASN L 660 4.74 70.08 15.86
CA ASN L 660 4.10 70.35 14.58
C ASN L 660 3.11 71.51 14.67
N TYR L 661 2.51 71.73 15.83
CA TYR L 661 1.55 72.80 16.01
C TYR L 661 2.18 74.09 16.53
N SER L 662 3.43 74.03 17.02
CA SER L 662 4.16 75.21 17.42
C SER L 662 5.11 75.73 16.32
N ARG L 663 5.26 74.96 15.25
CA ARG L 663 6.11 75.39 14.14
C ARG L 663 5.43 76.53 13.38
N PRO L 664 6.17 77.59 13.05
CA PRO L 664 5.56 78.70 12.30
C PRO L 664 5.24 78.31 10.86
N LYS L 665 4.14 78.87 10.36
CA LYS L 665 3.64 78.54 9.03
C LYS L 665 4.49 79.19 7.95
N GLU L 666 4.17 78.89 6.69
CA GLU L 666 4.86 79.46 5.55
C GLU L 666 4.45 80.91 5.39
N GLY L 667 5.34 81.83 5.77
CA GLY L 667 5.02 83.24 5.75
C GLY L 667 5.52 83.95 6.99
N ASP L 668 5.68 83.19 8.08
CA ASP L 668 6.18 83.73 9.34
C ASP L 668 7.69 83.62 9.37
N ASP L 669 8.38 84.76 9.50
CA ASP L 669 9.83 84.81 9.62
C ASP L 669 10.28 84.87 11.07
N ARG L 670 9.50 84.28 11.98
CA ARG L 670 9.85 84.29 13.39
C ARG L 670 11.00 83.32 13.65
N PRO L 671 12.01 83.71 14.42
CA PRO L 671 13.09 82.76 14.75
C PRO L 671 12.62 81.68 15.71
N PHE L 672 12.46 80.47 15.19
CA PHE L 672 11.92 79.34 15.94
C PHE L 672 13.04 78.39 16.29
N PHE L 673 13.19 78.09 17.58
CA PHE L 673 14.25 77.22 18.07
C PHE L 673 13.64 76.10 18.88
N TRP L 674 14.09 74.87 18.61
CA TRP L 674 13.61 73.69 19.31
C TRP L 674 14.78 72.78 19.63
N MET L 675 14.52 71.76 20.46
CA MET L 675 15.58 70.89 20.95
C MET L 675 14.99 69.56 21.37
N PHE L 676 15.57 68.47 20.87
CA PHE L 676 15.24 67.14 21.37
C PHE L 676 16.52 66.35 21.65
N GLU L 677 16.48 65.62 22.77
CA GLU L 677 17.56 64.82 23.30
C GLU L 677 17.03 63.45 23.70
N ASN L 678 17.86 62.42 23.54
CA ASN L 678 17.41 61.07 23.87
C ASN L 678 18.61 60.21 24.24
N VAL L 679 18.32 59.12 24.94
CA VAL L 679 19.32 58.19 25.47
C VAL L 679 19.91 57.34 24.36
N VAL L 680 21.01 56.64 24.65
CA VAL L 680 21.74 55.85 23.66
C VAL L 680 21.21 54.42 23.57
N ALA L 681 20.06 54.16 24.19
CA ALA L 681 19.41 52.86 24.12
C ALA L 681 18.48 52.74 22.91
N MET L 682 18.71 53.53 21.88
CA MET L 682 17.81 53.61 20.73
C MET L 682 18.10 52.53 19.70
N LYS L 683 17.03 51.87 19.25
CA LYS L 683 17.08 50.89 18.17
C LYS L 683 17.51 51.57 16.86
N VAL L 684 18.19 50.79 16.01
CA VAL L 684 18.59 51.27 14.69
C VAL L 684 17.38 51.65 13.85
N GLY L 685 16.29 50.88 13.97
CA GLY L 685 15.05 51.23 13.31
C GLY L 685 14.43 52.50 13.87
N ASP L 686 14.45 52.65 15.21
CA ASP L 686 14.04 53.90 15.84
C ASP L 686 14.90 55.06 15.36
N LYS L 687 16.20 54.83 15.23
CA LYS L 687 17.15 55.87 14.81
C LYS L 687 16.82 56.35 13.40
N ARG L 688 16.70 55.43 12.44
CA ARG L 688 16.48 55.86 11.06
C ARG L 688 15.07 56.37 10.84
N ASP L 689 14.06 55.83 11.55
CA ASP L 689 12.70 56.31 11.37
C ASP L 689 12.51 57.68 11.98
N ILE L 690 13.02 57.90 13.20
CA ILE L 690 12.95 59.21 13.83
C ILE L 690 13.79 60.24 13.09
N SER L 691 14.93 59.85 12.52
CA SER L 691 15.70 60.75 11.68
C SER L 691 14.96 61.08 10.38
N ARG L 692 14.09 60.19 9.92
CA ARG L 692 13.18 60.56 8.83
C ARG L 692 12.09 61.51 9.31
N PHE L 693 11.60 61.33 10.55
CA PHE L 693 10.52 62.16 11.06
C PHE L 693 10.96 63.61 11.25
N LEU L 694 12.12 63.81 11.85
CA LEU L 694 12.58 65.17 12.12
C LEU L 694 13.31 65.80 10.94
N GLU L 695 13.63 65.01 9.91
CA GLU L 695 14.35 65.45 8.70
C GLU L 695 15.71 66.08 9.03
N CYS L 696 16.36 65.63 10.10
CA CYS L 696 17.63 66.17 10.53
C CYS L 696 18.51 65.03 11.05
N ASN L 697 19.75 65.36 11.41
CA ASN L 697 20.69 64.40 11.95
C ASN L 697 21.21 64.92 13.28
N PRO L 698 21.22 64.11 14.33
CA PRO L 698 21.63 64.59 15.64
C PRO L 698 23.15 64.61 15.75
N VAL L 699 23.64 65.25 16.82
CA VAL L 699 25.07 65.23 17.11
C VAL L 699 25.30 64.57 18.47
N MET L 700 26.36 63.77 18.54
CA MET L 700 26.78 63.11 19.78
C MET L 700 27.63 64.05 20.63
N ILE L 701 27.11 64.45 21.78
CA ILE L 701 27.89 65.08 22.83
C ILE L 701 28.08 64.05 23.95
N ASP L 702 29.34 63.78 24.29
CA ASP L 702 29.72 62.69 25.17
C ASP L 702 30.36 63.26 26.43
N ALA L 703 30.44 62.44 27.48
CA ALA L 703 31.12 62.80 28.73
C ALA L 703 32.36 61.96 28.93
N ILE L 704 33.10 61.71 27.86
CA ILE L 704 34.43 61.11 27.95
C ILE L 704 35.53 62.16 27.80
N LYS L 705 35.25 63.30 27.18
CA LYS L 705 36.19 64.40 27.09
C LYS L 705 35.94 65.50 28.12
N VAL L 706 34.81 65.44 28.83
CA VAL L 706 34.43 66.52 29.74
C VAL L 706 34.18 66.03 31.17
N SER L 707 33.81 64.77 31.38
CA SER L 707 33.45 64.28 32.70
C SER L 707 34.02 62.89 32.92
N ALA L 708 33.83 62.38 34.14
CA ALA L 708 34.28 61.04 34.50
C ALA L 708 33.17 60.00 34.30
N ALA L 709 31.97 60.29 34.79
CA ALA L 709 30.85 59.38 34.62
C ALA L 709 30.36 59.40 33.17
N HIS L 710 29.73 58.30 32.76
CA HIS L 710 29.32 58.16 31.37
C HIS L 710 28.00 58.89 31.14
N ARG L 711 28.03 59.88 30.25
CA ARG L 711 26.82 60.56 29.77
C ARG L 711 27.00 60.82 28.29
N ALA L 712 26.12 60.25 27.47
CA ALA L 712 26.21 60.42 26.03
C ALA L 712 24.82 60.75 25.51
N ARG L 713 24.70 61.84 24.75
CA ARG L 713 23.41 62.27 24.25
C ARG L 713 23.58 62.67 22.79
N TYR L 714 22.53 62.50 22.01
CA TYR L 714 22.50 63.03 20.66
C TYR L 714 21.37 64.05 20.56
N PHE L 715 21.67 65.17 19.90
CA PHE L 715 20.81 66.33 19.91
C PHE L 715 20.32 66.67 18.51
N TRP L 716 19.00 66.88 18.39
CA TRP L 716 18.38 67.52 17.25
C TRP L 716 17.94 68.92 17.65
N GLY L 717 17.96 69.83 16.70
CA GLY L 717 17.42 71.16 16.92
C GLY L 717 17.89 72.15 15.88
N ASN L 718 17.52 73.40 16.12
CA ASN L 718 17.87 74.53 15.24
C ASN L 718 18.94 75.40 15.89
N LEU L 719 19.79 74.78 16.71
CA LEU L 719 20.74 75.52 17.54
C LEU L 719 22.12 75.41 16.93
N PRO L 720 22.69 76.50 16.40
CA PRO L 720 23.98 76.41 15.71
C PRO L 720 25.15 76.24 16.68
N GLY L 721 26.32 76.02 16.10
CA GLY L 721 27.51 75.74 16.88
C GLY L 721 27.57 74.28 17.29
N MET L 722 27.35 73.39 16.33
CA MET L 722 27.14 71.99 16.62
C MET L 722 27.80 71.03 15.63
N ASN L 723 28.58 71.53 14.67
CA ASN L 723 29.18 70.68 13.64
C ASN L 723 30.62 70.29 13.99
N ARG L 724 31.51 71.28 14.11
CA ARG L 724 32.93 71.00 14.32
C ARG L 724 33.57 71.87 15.38
N ILE L 725 33.02 73.06 15.70
CA ILE L 725 33.69 74.01 16.56
C ILE L 725 33.67 73.55 18.01
N PHE L 726 32.58 72.91 18.43
CA PHE L 726 32.41 72.52 19.82
C PHE L 726 33.33 71.36 20.18
N GLY L 727 34.05 71.50 21.29
CA GLY L 727 34.92 70.47 21.81
C GLY L 727 34.45 70.02 23.18
N PHE L 728 35.19 70.39 24.22
CA PHE L 728 34.79 70.10 25.59
C PHE L 728 34.91 71.38 26.42
N PRO L 729 33.90 71.71 27.22
CA PRO L 729 34.04 72.83 28.15
C PRO L 729 34.84 72.45 29.37
N VAL L 730 35.38 73.48 30.04
CA VAL L 730 36.36 73.30 31.10
C VAL L 730 35.88 73.84 32.44
N HIS L 731 35.18 74.97 32.45
CA HIS L 731 34.95 75.69 33.72
C HIS L 731 33.68 75.23 34.43
N TYR L 732 32.54 75.21 33.74
CA TYR L 732 31.27 74.95 34.38
C TYR L 732 31.11 73.49 34.78
N THR L 733 31.84 72.58 34.13
CA THR L 733 31.77 71.18 34.50
C THR L 733 32.51 70.94 35.80
N ASP L 734 33.66 71.60 35.98
CA ASP L 734 34.45 71.44 37.19
C ASP L 734 33.93 72.30 38.34
N VAL L 735 33.11 73.31 38.07
CA VAL L 735 32.46 74.06 39.14
C VAL L 735 31.01 73.63 39.35
N SER L 736 30.54 72.63 38.59
CA SER L 736 29.14 72.23 38.68
C SER L 736 28.84 71.50 39.98
N ASN L 737 29.48 70.36 40.22
CA ASN L 737 29.14 69.53 41.37
C ASN L 737 30.33 68.66 41.78
N MET L 738 30.22 68.10 42.98
CA MET L 738 31.18 67.14 43.51
C MET L 738 30.60 65.73 43.36
N GLY L 739 31.47 64.76 43.08
CA GLY L 739 31.01 63.41 42.79
C GLY L 739 30.96 62.46 43.97
N ARG L 740 29.76 62.25 44.52
CA ARG L 740 29.48 61.21 45.50
C ARG L 740 28.26 60.43 45.03
N GLY L 741 27.93 59.36 45.77
CA GLY L 741 26.94 58.40 45.26
C GLY L 741 25.52 58.93 45.24
N ALA L 742 25.11 59.58 46.33
CA ALA L 742 23.82 60.29 46.34
C ALA L 742 23.82 61.41 45.32
N ARG L 743 24.95 62.12 45.20
CA ARG L 743 25.07 63.15 44.17
C ARG L 743 25.16 62.53 42.77
N GLN L 744 25.70 61.32 42.65
CA GLN L 744 25.61 60.59 41.38
C GLN L 744 24.16 60.28 41.02
N LYS L 745 23.34 59.99 42.04
CA LYS L 745 21.92 59.74 41.79
C LYS L 745 21.18 61.02 41.43
N LEU L 746 21.52 62.14 42.07
CA LEU L 746 20.75 63.36 41.90
C LEU L 746 21.29 64.28 40.80
N LEU L 747 22.53 64.76 40.94
CA LEU L 747 23.09 65.76 40.04
C LEU L 747 24.02 65.17 38.99
N GLY L 748 24.44 63.92 39.14
CA GLY L 748 25.25 63.26 38.13
C GLY L 748 24.37 62.65 37.07
N ARG L 749 23.21 62.15 37.50
CA ARG L 749 22.16 61.72 36.58
C ARG L 749 21.44 62.90 35.95
N SER L 750 21.50 64.08 36.57
CA SER L 750 20.79 65.26 36.08
C SER L 750 21.36 65.73 34.76
N TRP L 751 20.46 66.03 33.82
CA TRP L 751 20.79 66.46 32.47
C TRP L 751 20.51 67.94 32.25
N SER L 752 20.50 68.73 33.32
CA SER L 752 20.15 70.14 33.28
C SER L 752 21.35 71.04 33.02
N VAL L 753 22.42 70.87 33.79
CA VAL L 753 23.63 71.67 33.68
C VAL L 753 24.55 71.41 32.46
N PRO L 754 24.80 70.17 31.96
CA PRO L 754 26.05 69.96 31.19
C PRO L 754 26.13 70.63 29.82
N VAL L 755 25.11 70.46 28.96
CA VAL L 755 25.21 70.89 27.56
C VAL L 755 24.11 71.92 27.27
N ILE L 756 23.04 71.89 28.08
CA ILE L 756 21.85 72.70 27.85
C ILE L 756 22.15 74.20 27.90
N ARG L 757 23.12 74.61 28.73
CA ARG L 757 23.57 76.00 28.71
C ARG L 757 24.28 76.35 27.40
N HIS L 758 25.01 75.41 26.80
CA HIS L 758 25.64 75.67 25.51
C HIS L 758 24.62 75.68 24.39
N LEU L 759 23.54 74.91 24.53
CA LEU L 759 22.51 74.90 23.52
C LEU L 759 21.62 76.12 23.64
N PHE L 760 21.52 76.71 24.83
CA PHE L 760 20.83 77.98 25.01
C PHE L 760 21.77 79.17 24.84
N ALA L 761 23.06 78.92 24.62
CA ALA L 761 24.01 80.01 24.36
C ALA L 761 23.68 80.82 23.09
N PRO L 762 23.50 80.26 21.90
CA PRO L 762 23.20 81.13 20.75
C PRO L 762 21.79 81.71 20.71
N LEU L 763 20.98 81.49 21.74
CA LEU L 763 19.63 82.02 21.80
C LEU L 763 19.59 83.41 22.44
N LYS L 764 20.51 83.69 23.37
CA LYS L 764 20.54 85.00 24.02
C LYS L 764 21.06 86.10 23.10
N ASP L 765 21.70 85.75 21.98
CA ASP L 765 22.13 86.76 21.02
C ASP L 765 20.95 87.33 20.26
N TYR L 766 19.93 86.51 19.98
CA TYR L 766 18.75 87.01 19.29
C TYR L 766 17.86 87.82 20.21
N PHE L 767 17.83 87.48 21.49
CA PHE L 767 17.00 88.20 22.45
C PHE L 767 17.76 88.49 23.74
N HIS M 390 -2.94 9.43 -44.67
CA HIS M 390 -3.05 8.07 -44.16
C HIS M 390 -4.42 7.48 -44.41
N ASP M 391 -4.49 6.54 -45.36
CA ASP M 391 -5.73 5.85 -45.71
C ASP M 391 -5.57 4.38 -45.37
N GLN M 392 -5.85 4.05 -44.11
CA GLN M 392 -5.86 2.66 -43.66
C GLN M 392 -7.26 2.07 -43.62
N GLU M 393 -8.25 2.87 -43.23
CA GLU M 393 -9.64 2.46 -43.22
C GLU M 393 -10.44 3.37 -44.15
N PHE M 394 -11.64 2.92 -44.51
CA PHE M 394 -12.46 3.65 -45.48
C PHE M 394 -13.93 3.46 -45.12
N ASP M 395 -14.61 4.57 -44.83
CA ASP M 395 -16.02 4.57 -44.48
C ASP M 395 -16.63 5.95 -44.70
N PRO M 396 -17.82 6.03 -45.30
CA PRO M 396 -18.45 7.33 -45.52
C PRO M 396 -19.07 7.88 -44.25
N PRO M 397 -18.94 9.18 -44.00
CA PRO M 397 -19.60 9.76 -42.82
C PRO M 397 -21.10 9.89 -43.02
N LYS M 398 -21.87 9.51 -42.01
CA LYS M 398 -23.32 9.56 -42.10
C LYS M 398 -23.80 11.00 -41.92
N VAL M 399 -24.44 11.53 -42.96
CA VAL M 399 -24.97 12.89 -42.94
C VAL M 399 -26.47 12.81 -42.74
N TYR M 400 -26.96 13.46 -41.68
CA TYR M 400 -28.36 13.47 -41.34
C TYR M 400 -29.10 14.58 -42.08
N PRO M 401 -30.35 14.34 -42.46
CA PRO M 401 -31.14 15.39 -43.13
C PRO M 401 -31.47 16.52 -42.18
N PRO M 402 -31.49 17.76 -42.66
CA PRO M 402 -31.83 18.90 -41.79
C PRO M 402 -33.31 18.89 -41.43
N VAL M 403 -33.60 19.13 -40.15
CA VAL M 403 -34.97 19.20 -39.65
C VAL M 403 -35.43 20.65 -39.73
N PRO M 404 -36.66 20.93 -40.17
CA PRO M 404 -37.15 22.31 -40.21
C PRO M 404 -37.50 22.81 -38.80
N ALA M 405 -37.91 24.08 -38.76
CA ALA M 405 -38.11 24.77 -37.49
C ALA M 405 -39.38 24.34 -36.77
N GLU M 406 -40.35 23.75 -37.48
CA GLU M 406 -41.59 23.35 -36.83
C GLU M 406 -41.45 22.03 -36.06
N LYS M 407 -40.45 21.22 -36.40
CA LYS M 407 -40.15 19.99 -35.67
C LYS M 407 -38.84 20.11 -34.92
N ARG M 408 -38.55 21.30 -34.42
CA ARG M 408 -37.27 21.63 -33.80
C ARG M 408 -37.36 21.45 -32.29
N LYS M 409 -36.39 20.74 -31.73
CA LYS M 409 -36.39 20.34 -30.33
C LYS M 409 -35.09 20.75 -29.66
N PRO M 410 -35.11 20.99 -28.35
CA PRO M 410 -33.85 21.25 -27.63
C PRO M 410 -33.01 19.99 -27.50
N ILE M 411 -31.75 20.19 -27.10
CA ILE M 411 -30.76 19.12 -27.11
C ILE M 411 -30.75 18.40 -25.76
N ARG M 412 -30.52 17.09 -25.83
CA ARG M 412 -30.19 16.29 -24.66
C ARG M 412 -28.73 15.87 -24.83
N VAL M 413 -27.91 16.20 -23.84
CA VAL M 413 -26.46 16.09 -23.96
C VAL M 413 -25.94 15.16 -22.86
N LEU M 414 -25.21 14.13 -23.28
CA LEU M 414 -24.43 13.29 -22.38
C LEU M 414 -22.96 13.67 -22.53
N SER M 415 -22.32 13.96 -21.41
CA SER M 415 -20.94 14.45 -21.39
C SER M 415 -20.18 13.53 -20.43
N LEU M 416 -19.35 12.67 -20.98
CA LEU M 416 -18.79 11.61 -20.15
C LEU M 416 -17.61 12.10 -19.34
N PHE M 417 -16.54 12.49 -20.00
CA PHE M 417 -15.36 13.00 -19.30
C PHE M 417 -15.40 14.52 -19.42
N ASP M 418 -16.28 15.11 -18.60
CA ASP M 418 -16.58 16.53 -18.70
C ASP M 418 -15.43 17.37 -18.14
N GLY M 419 -15.06 17.13 -16.88
CA GLY M 419 -14.05 17.97 -16.25
C GLY M 419 -14.61 19.36 -16.03
N ILE M 420 -13.83 20.37 -16.45
CA ILE M 420 -14.39 21.70 -16.62
C ILE M 420 -15.48 21.65 -17.67
N ALA M 421 -16.66 22.17 -17.33
CA ALA M 421 -17.83 22.03 -18.19
C ALA M 421 -17.71 22.92 -19.43
N THR M 422 -16.86 22.53 -20.36
CA THR M 422 -16.61 23.33 -21.56
C THR M 422 -17.74 23.18 -22.57
N GLY M 423 -18.29 21.95 -22.67
CA GLY M 423 -19.34 21.69 -23.64
C GLY M 423 -20.61 22.49 -23.41
N LEU M 424 -21.12 22.47 -22.17
CA LEU M 424 -22.33 23.22 -21.86
C LEU M 424 -22.08 24.72 -21.88
N LEU M 425 -20.84 25.14 -21.58
CA LEU M 425 -20.45 26.55 -21.72
C LEU M 425 -20.55 27.00 -23.16
N VAL M 426 -20.00 26.21 -24.08
CA VAL M 426 -20.05 26.52 -25.51
C VAL M 426 -21.49 26.49 -26.02
N LEU M 427 -22.29 25.54 -25.54
CA LEU M 427 -23.69 25.45 -25.94
C LEU M 427 -24.50 26.65 -25.46
N LYS M 428 -24.29 27.09 -24.22
CA LYS M 428 -24.92 28.33 -23.74
C LYS M 428 -24.39 29.56 -24.48
N ASP M 429 -23.12 29.55 -24.92
CA ASP M 429 -22.61 30.70 -25.65
C ASP M 429 -23.16 30.77 -27.07
N LEU M 430 -23.48 29.63 -27.68
CA LEU M 430 -24.07 29.64 -29.01
C LEU M 430 -25.57 29.91 -28.99
N GLY M 431 -26.19 29.98 -27.82
CA GLY M 431 -27.61 30.22 -27.73
C GLY M 431 -28.43 29.03 -28.18
N ILE M 432 -28.23 27.89 -27.54
CA ILE M 432 -28.94 26.65 -27.87
C ILE M 432 -29.66 26.18 -26.61
N GLN M 433 -30.96 25.91 -26.74
CA GLN M 433 -31.75 25.45 -25.61
C GLN M 433 -31.33 24.03 -25.22
N VAL M 434 -31.00 23.84 -23.95
CA VAL M 434 -30.54 22.56 -23.42
C VAL M 434 -31.66 22.00 -22.55
N ASP M 435 -32.26 20.88 -22.99
CA ASP M 435 -33.30 20.24 -22.19
C ASP M 435 -32.71 19.42 -21.05
N ARG M 436 -31.59 18.75 -21.30
CA ARG M 436 -30.97 17.91 -20.29
C ARG M 436 -29.48 17.79 -20.56
N TYR M 437 -28.67 18.01 -19.53
CA TYR M 437 -27.22 17.89 -19.59
C TYR M 437 -26.78 16.98 -18.47
N ILE M 438 -26.15 15.85 -18.81
CA ILE M 438 -25.74 14.84 -17.85
C ILE M 438 -24.22 14.68 -17.94
N ALA M 439 -23.52 15.03 -16.86
CA ALA M 439 -22.06 14.95 -16.81
C ALA M 439 -21.65 13.88 -15.80
N SER M 440 -20.85 12.91 -16.25
CA SER M 440 -20.37 11.84 -15.37
C SER M 440 -18.94 12.13 -14.92
N GLU M 441 -18.80 12.96 -13.90
CA GLU M 441 -17.49 13.45 -13.47
C GLU M 441 -17.14 12.92 -12.08
N VAL M 442 -15.87 12.55 -11.90
CA VAL M 442 -15.36 12.04 -10.63
C VAL M 442 -14.82 13.16 -9.75
N CYS M 443 -13.98 14.03 -10.33
CA CYS M 443 -13.21 14.99 -9.54
C CYS M 443 -14.11 16.08 -8.97
N GLU M 444 -13.98 16.31 -7.65
CA GLU M 444 -14.88 17.22 -6.96
C GLU M 444 -14.66 18.68 -7.33
N ASP M 445 -13.43 19.02 -7.74
CA ASP M 445 -13.16 20.39 -8.17
C ASP M 445 -13.87 20.70 -9.49
N SER M 446 -13.90 19.73 -10.41
CA SER M 446 -14.60 19.91 -11.67
C SER M 446 -16.12 19.97 -11.46
N ILE M 447 -16.64 19.15 -10.55
CA ILE M 447 -18.04 19.20 -10.16
C ILE M 447 -18.38 20.56 -9.54
N THR M 448 -17.43 21.12 -8.78
CA THR M 448 -17.64 22.45 -8.20
C THR M 448 -17.64 23.53 -9.27
N VAL M 449 -16.75 23.40 -10.28
CA VAL M 449 -16.75 24.29 -11.45
C VAL M 449 -18.10 24.27 -12.14
N GLY M 450 -18.65 23.07 -12.33
CA GLY M 450 -19.94 22.95 -13.00
C GLY M 450 -21.10 23.51 -12.18
N MET M 451 -21.09 23.24 -10.86
CA MET M 451 -22.16 23.73 -9.99
C MET M 451 -22.13 25.24 -9.86
N VAL M 452 -20.96 25.86 -9.89
CA VAL M 452 -20.90 27.32 -9.85
C VAL M 452 -21.29 27.91 -11.19
N ARG M 453 -20.72 27.41 -12.28
CA ARG M 453 -20.87 28.07 -13.57
C ARG M 453 -22.14 27.68 -14.31
N HIS M 454 -22.94 26.75 -13.80
CA HIS M 454 -24.17 26.38 -14.49
C HIS M 454 -25.38 26.29 -13.58
N GLN M 455 -25.21 26.45 -12.26
CA GLN M 455 -26.30 26.66 -11.30
C GLN M 455 -27.28 25.49 -11.25
N GLY M 456 -26.76 24.29 -11.03
CA GLY M 456 -27.60 23.12 -10.85
C GLY M 456 -28.27 22.59 -12.10
N LYS M 457 -27.93 23.12 -13.27
CA LYS M 457 -28.46 22.58 -14.51
C LYS M 457 -27.87 21.21 -14.82
N ILE M 458 -26.64 20.98 -14.38
CA ILE M 458 -25.93 19.74 -14.70
C ILE M 458 -26.43 18.62 -13.80
N MET M 459 -26.85 17.51 -14.41
CA MET M 459 -27.16 16.30 -13.70
C MET M 459 -25.87 15.49 -13.54
N TYR M 460 -25.44 15.28 -12.30
CA TYR M 460 -24.14 14.67 -12.04
C TYR M 460 -24.28 13.17 -11.85
N VAL M 461 -23.42 12.42 -12.53
CA VAL M 461 -23.14 11.03 -12.21
C VAL M 461 -21.75 10.99 -11.59
N GLY M 462 -21.45 9.90 -10.90
CA GLY M 462 -20.12 9.70 -10.35
C GLY M 462 -19.18 9.13 -11.39
N ASP M 463 -18.57 7.98 -11.09
CA ASP M 463 -17.66 7.36 -12.04
C ASP M 463 -18.43 6.82 -13.26
N VAL M 464 -17.74 6.78 -14.40
CA VAL M 464 -18.36 6.27 -15.62
C VAL M 464 -18.58 4.76 -15.57
N ARG M 465 -17.86 4.05 -14.70
CA ARG M 465 -18.10 2.62 -14.54
C ARG M 465 -19.43 2.33 -13.85
N SER M 466 -19.95 3.28 -13.07
CA SER M 466 -21.24 3.11 -12.43
C SER M 466 -22.41 3.26 -13.40
N VAL M 467 -22.17 3.73 -14.62
CA VAL M 467 -23.23 3.92 -15.60
C VAL M 467 -23.45 2.61 -16.33
N THR M 468 -24.70 2.16 -16.39
CA THR M 468 -25.08 0.95 -17.11
C THR M 468 -25.97 1.32 -18.29
N GLN M 469 -26.45 0.29 -18.99
CA GLN M 469 -27.39 0.50 -20.09
C GLN M 469 -28.75 0.94 -19.56
N LYS M 470 -29.10 0.51 -18.35
CA LYS M 470 -30.37 0.91 -17.74
C LYS M 470 -30.38 2.41 -17.44
N HIS M 471 -29.26 2.96 -16.98
CA HIS M 471 -29.16 4.39 -16.73
C HIS M 471 -29.25 5.20 -18.01
N ILE M 472 -28.77 4.65 -19.13
CA ILE M 472 -28.88 5.34 -20.41
C ILE M 472 -30.31 5.30 -20.92
N GLN M 473 -30.95 4.14 -20.82
CA GLN M 473 -32.30 4.02 -21.36
C GLN M 473 -33.37 4.64 -20.46
N GLU M 474 -33.05 4.93 -19.19
CA GLU M 474 -34.04 5.59 -18.34
C GLU M 474 -33.92 7.10 -18.35
N TRP M 475 -32.78 7.65 -18.80
CA TRP M 475 -32.55 9.08 -18.84
C TRP M 475 -32.88 9.70 -20.19
N GLY M 476 -33.72 9.02 -20.98
CA GLY M 476 -34.15 9.54 -22.26
C GLY M 476 -33.12 9.34 -23.36
N PRO M 477 -33.56 9.43 -24.61
CA PRO M 477 -32.62 9.33 -25.73
C PRO M 477 -31.81 10.62 -25.86
N PHE M 478 -30.52 10.46 -26.16
CA PHE M 478 -29.61 11.58 -26.19
C PHE M 478 -29.46 12.12 -27.61
N ASP M 479 -29.18 13.41 -27.72
CA ASP M 479 -28.95 14.07 -28.99
C ASP M 479 -27.49 14.42 -29.24
N LEU M 480 -26.68 14.52 -28.20
CA LEU M 480 -25.27 14.85 -28.36
C LEU M 480 -24.47 14.14 -27.27
N VAL M 481 -23.50 13.33 -27.68
CA VAL M 481 -22.61 12.64 -26.75
C VAL M 481 -21.20 13.18 -26.96
N ILE M 482 -20.55 13.60 -25.87
CA ILE M 482 -19.23 14.22 -25.98
C ILE M 482 -18.30 13.65 -24.92
N GLY M 483 -17.00 13.77 -25.20
CA GLY M 483 -16.01 13.39 -24.20
C GLY M 483 -14.57 13.33 -24.68
N GLY M 484 -13.64 13.48 -23.75
CA GLY M 484 -12.24 13.27 -24.02
C GLY M 484 -11.59 12.46 -22.91
N SER M 485 -11.06 11.28 -23.24
CA SER M 485 -10.51 10.38 -22.25
C SER M 485 -9.21 10.95 -21.65
N PRO M 486 -8.89 10.61 -20.40
CA PRO M 486 -7.63 11.09 -19.82
C PRO M 486 -6.43 10.44 -20.50
N CYS M 487 -5.50 11.29 -20.95
CA CYS M 487 -4.36 10.88 -21.77
C CYS M 487 -3.08 10.73 -20.94
N ASN M 488 -3.21 10.21 -19.71
CA ASN M 488 -2.04 9.93 -18.89
C ASN M 488 -1.17 8.85 -19.53
N ASP M 489 -1.79 7.80 -20.07
CA ASP M 489 -1.05 6.72 -20.71
C ASP M 489 -1.24 6.69 -22.22
N LEU M 490 -2.14 7.51 -22.77
CA LEU M 490 -2.27 7.62 -24.22
C LEU M 490 -1.21 8.51 -24.83
N SER M 491 -0.71 9.48 -24.07
CA SER M 491 0.30 10.38 -24.58
C SER M 491 1.65 9.67 -24.68
N ILE M 492 2.38 9.94 -25.76
CA ILE M 492 3.68 9.32 -25.99
C ILE M 492 4.78 10.22 -25.47
N VAL M 493 4.41 11.29 -24.76
CA VAL M 493 5.40 12.11 -24.09
C VAL M 493 5.96 11.41 -22.85
N ASN M 494 5.23 10.43 -22.33
CA ASN M 494 5.77 9.59 -21.27
C ASN M 494 6.77 8.60 -21.86
N PRO M 495 7.99 8.52 -21.31
CA PRO M 495 8.88 7.43 -21.74
C PRO M 495 8.38 6.07 -21.31
N ALA M 496 7.91 5.95 -20.06
CA ALA M 496 7.30 4.71 -19.56
C ALA M 496 5.78 4.89 -19.59
N ARG M 497 5.22 4.80 -20.80
CA ARG M 497 3.77 4.86 -20.97
C ARG M 497 3.18 3.47 -20.84
N LYS M 498 1.94 3.39 -20.35
CA LYS M 498 1.30 2.12 -20.12
C LYS M 498 0.35 1.72 -21.24
N GLY M 499 -0.06 2.65 -22.08
CA GLY M 499 -0.78 2.34 -23.29
C GLY M 499 -2.27 2.55 -23.20
N LEU M 500 -2.96 2.02 -24.21
CA LEU M 500 -4.41 2.15 -24.32
C LEU M 500 -5.15 1.29 -23.30
N TYR M 501 -4.58 0.16 -22.90
CA TYR M 501 -5.31 -0.85 -22.15
C TYR M 501 -4.99 -0.82 -20.66
N GLU M 502 -4.66 0.37 -20.14
CA GLU M 502 -4.51 0.62 -18.72
C GLU M 502 -5.71 1.46 -18.27
N GLY M 503 -5.97 1.47 -16.96
CA GLY M 503 -7.13 2.09 -16.34
C GLY M 503 -7.32 3.58 -16.59
N THR M 504 -6.30 4.27 -17.13
CA THR M 504 -6.48 5.63 -17.60
C THR M 504 -6.90 5.68 -19.07
N GLY M 505 -6.40 4.75 -19.88
CA GLY M 505 -6.74 4.72 -21.29
C GLY M 505 -8.00 3.95 -21.61
N ARG M 506 -8.20 2.80 -20.94
CA ARG M 506 -9.33 1.91 -21.20
C ARG M 506 -10.68 2.54 -20.85
N LEU M 507 -10.68 3.67 -20.14
CA LEU M 507 -11.90 4.44 -19.91
C LEU M 507 -12.54 4.90 -21.22
N PHE M 508 -11.72 5.09 -22.27
CA PHE M 508 -12.21 5.29 -23.63
C PHE M 508 -13.23 4.21 -24.03
N PHE M 509 -12.94 2.95 -23.71
CA PHE M 509 -13.86 1.87 -24.07
C PHE M 509 -15.17 1.99 -23.29
N GLU M 510 -15.10 2.53 -22.06
CA GLU M 510 -16.29 2.91 -21.32
C GLU M 510 -17.14 3.87 -22.14
N PHE M 511 -16.47 4.85 -22.75
CA PHE M 511 -17.10 5.78 -23.68
C PHE M 511 -17.79 5.03 -24.81
N TYR M 512 -17.05 4.10 -25.45
CA TYR M 512 -17.61 3.29 -26.53
C TYR M 512 -18.83 2.52 -26.07
N ARG M 513 -18.79 2.00 -24.83
CA ARG M 513 -19.94 1.28 -24.28
C ARG M 513 -21.13 2.21 -24.13
N LEU M 514 -20.89 3.42 -23.63
CA LEU M 514 -21.96 4.40 -23.55
C LEU M 514 -22.27 4.96 -24.93
N LEU M 515 -21.31 4.94 -25.85
CA LEU M 515 -21.63 5.22 -27.24
C LEU M 515 -22.56 4.15 -27.81
N HIS M 516 -22.40 2.90 -27.36
CA HIS M 516 -23.25 1.83 -27.88
C HIS M 516 -24.65 1.87 -27.27
N ASP M 517 -24.78 2.40 -26.06
CA ASP M 517 -26.07 2.45 -25.39
C ASP M 517 -26.89 3.67 -25.80
N ALA M 518 -26.24 4.82 -25.99
CA ALA M 518 -26.94 6.04 -26.36
C ALA M 518 -27.24 6.12 -27.85
N ARG M 519 -26.67 5.25 -28.67
CA ARG M 519 -26.94 5.27 -30.10
C ARG M 519 -28.33 4.71 -30.37
N PRO M 520 -29.15 5.37 -31.18
CA PRO M 520 -30.47 4.82 -31.51
C PRO M 520 -30.37 3.59 -32.40
N LYS M 521 -31.38 2.74 -32.32
CA LYS M 521 -31.42 1.52 -33.11
C LYS M 521 -31.77 1.83 -34.56
N GLU M 522 -31.74 0.78 -35.38
CA GLU M 522 -32.03 0.93 -36.80
C GLU M 522 -33.51 1.22 -37.02
N GLY M 523 -33.79 2.09 -38.00
CA GLY M 523 -35.13 2.56 -38.25
C GLY M 523 -35.43 3.92 -37.67
N ASP M 524 -34.62 4.40 -36.73
CA ASP M 524 -34.82 5.70 -36.11
C ASP M 524 -34.03 6.74 -36.87
N ASP M 525 -34.72 7.73 -37.45
CA ASP M 525 -34.10 8.81 -38.20
C ASP M 525 -33.83 10.04 -37.33
N ARG M 526 -33.69 9.87 -36.03
CA ARG M 526 -33.38 10.99 -35.15
C ARG M 526 -31.92 11.39 -35.34
N PRO M 527 -31.62 12.70 -35.46
CA PRO M 527 -30.21 13.11 -35.59
C PRO M 527 -29.41 12.91 -34.31
N PHE M 528 -28.52 11.93 -34.32
CA PHE M 528 -27.68 11.59 -33.19
C PHE M 528 -26.24 11.94 -33.52
N PHE M 529 -25.60 12.72 -32.66
CA PHE M 529 -24.26 13.21 -32.91
C PHE M 529 -23.34 12.86 -31.74
N TRP M 530 -22.07 12.64 -32.05
CA TRP M 530 -21.11 12.22 -31.04
C TRP M 530 -19.76 12.84 -31.35
N LEU M 531 -18.94 13.00 -30.31
CA LEU M 531 -17.66 13.69 -30.44
C LEU M 531 -16.69 13.14 -29.40
N PHE M 532 -15.55 12.63 -29.87
CA PHE M 532 -14.47 12.22 -29.00
C PHE M 532 -13.23 13.06 -29.29
N GLU M 533 -12.53 13.45 -28.23
CA GLU M 533 -11.36 14.30 -28.30
C GLU M 533 -10.16 13.54 -27.75
N ASN M 534 -8.98 13.77 -28.34
CA ASN M 534 -7.75 13.23 -27.78
C ASN M 534 -6.58 14.05 -28.29
N VAL M 535 -5.40 13.80 -27.75
CA VAL M 535 -4.18 14.53 -28.08
C VAL M 535 -3.61 14.05 -29.40
N VAL M 536 -2.66 14.81 -29.95
CA VAL M 536 -1.99 14.40 -31.19
C VAL M 536 -0.84 13.43 -30.91
N ALA M 537 -0.26 13.46 -29.70
CA ALA M 537 0.90 12.65 -29.37
C ALA M 537 0.47 11.24 -28.99
N MET M 538 0.06 10.49 -30.00
CA MET M 538 -0.30 9.08 -29.82
C MET M 538 0.46 8.23 -30.82
N GLY M 539 0.47 6.93 -30.57
CA GLY M 539 1.06 6.00 -31.48
C GLY M 539 0.21 5.79 -32.73
N VAL M 540 0.80 5.11 -33.71
CA VAL M 540 0.07 4.82 -34.94
C VAL M 540 -0.98 3.74 -34.70
N SER M 541 -0.61 2.69 -33.94
CA SER M 541 -1.54 1.59 -33.68
C SER M 541 -2.67 2.02 -32.76
N ASP M 542 -2.38 2.91 -31.80
CA ASP M 542 -3.41 3.42 -30.89
C ASP M 542 -4.45 4.23 -31.65
N LYS M 543 -3.99 5.21 -32.45
CA LYS M 543 -4.88 6.04 -33.24
C LYS M 543 -5.65 5.21 -34.27
N ARG M 544 -4.99 4.20 -34.85
CA ARG M 544 -5.64 3.31 -35.82
C ARG M 544 -6.76 2.51 -35.16
N ASP M 545 -6.50 1.95 -33.97
CA ASP M 545 -7.51 1.19 -33.25
C ASP M 545 -8.68 2.05 -32.81
N ILE M 546 -8.39 3.28 -32.34
CA ILE M 546 -9.46 4.22 -31.96
C ILE M 546 -10.32 4.58 -33.17
N SER M 547 -9.67 4.91 -34.30
CA SER M 547 -10.39 5.25 -35.53
C SER M 547 -11.21 4.09 -36.06
N ARG M 548 -10.73 2.85 -35.89
CA ARG M 548 -11.51 1.69 -36.29
C ARG M 548 -12.68 1.45 -35.35
N PHE M 549 -12.49 1.69 -34.05
CA PHE M 549 -13.53 1.42 -33.08
C PHE M 549 -14.65 2.46 -33.17
N LEU M 550 -14.31 3.72 -33.38
CA LEU M 550 -15.30 4.77 -33.50
C LEU M 550 -15.85 4.92 -34.91
N GLU M 551 -15.18 4.32 -35.90
CA GLU M 551 -15.59 4.31 -37.31
C GLU M 551 -15.77 5.71 -37.88
N SER M 552 -14.78 6.57 -37.63
CA SER M 552 -14.82 7.93 -38.17
C SER M 552 -13.39 8.38 -38.44
N ASN M 553 -13.27 9.40 -39.28
CA ASN M 553 -11.97 9.97 -39.62
C ASN M 553 -11.61 11.03 -38.60
N PRO M 554 -10.49 10.90 -37.90
CA PRO M 554 -10.08 11.92 -36.92
C PRO M 554 -9.59 13.17 -37.62
N VAL M 555 -10.27 14.28 -37.40
CA VAL M 555 -9.77 15.54 -37.94
C VAL M 555 -8.79 16.14 -36.93
N MET M 556 -7.71 16.70 -37.43
CA MET M 556 -6.73 17.36 -36.58
C MET M 556 -7.05 18.85 -36.56
N ILE M 557 -7.21 19.40 -35.35
CA ILE M 557 -7.46 20.82 -35.18
C ILE M 557 -6.40 21.38 -34.25
N ASP M 558 -5.75 22.46 -34.68
CA ASP M 558 -4.71 23.10 -33.90
C ASP M 558 -5.28 24.40 -33.33
N ALA M 559 -5.06 24.61 -32.03
CA ALA M 559 -5.58 25.79 -31.35
C ALA M 559 -4.98 27.10 -31.84
N LYS M 560 -3.82 27.06 -32.52
CA LYS M 560 -3.18 28.29 -32.98
C LYS M 560 -3.92 28.96 -34.13
N GLU M 561 -4.78 28.22 -34.85
CA GLU M 561 -5.51 28.81 -35.95
C GLU M 561 -6.69 29.66 -35.49
N VAL M 562 -7.16 29.46 -34.26
CA VAL M 562 -8.32 30.19 -33.76
C VAL M 562 -8.07 30.81 -32.38
N SER M 563 -7.07 30.38 -31.63
CA SER M 563 -6.77 30.93 -30.31
C SER M 563 -5.27 31.13 -30.20
N ALA M 564 -4.80 31.37 -28.99
CA ALA M 564 -3.39 31.68 -28.73
C ALA M 564 -2.68 30.54 -28.00
N ALA M 565 -2.99 29.30 -28.36
CA ALA M 565 -2.38 28.14 -27.74
C ALA M 565 -1.83 27.20 -28.80
N HIS M 566 -0.78 26.48 -28.44
CA HIS M 566 -0.16 25.48 -29.32
C HIS M 566 -0.56 24.10 -28.83
N ARG M 567 -1.70 23.61 -29.30
CA ARG M 567 -2.06 22.21 -29.09
C ARG M 567 -2.89 21.71 -30.26
N ALA M 568 -2.44 20.62 -30.86
CA ALA M 568 -3.17 19.93 -31.91
C ALA M 568 -3.91 18.75 -31.29
N ARG M 569 -5.19 18.62 -31.61
CA ARG M 569 -6.02 17.58 -31.04
C ARG M 569 -6.75 16.84 -32.15
N TYR M 570 -6.89 15.53 -31.98
CA TYR M 570 -7.71 14.71 -32.85
C TYR M 570 -9.15 14.72 -32.36
N PHE M 571 -10.07 14.83 -33.32
CA PHE M 571 -11.51 14.88 -33.07
C PHE M 571 -12.18 13.83 -33.95
N TRP M 572 -12.65 12.76 -33.32
CA TRP M 572 -13.56 11.82 -33.96
C TRP M 572 -14.98 12.30 -33.80
N GLY M 573 -15.80 12.08 -34.82
CA GLY M 573 -17.19 12.45 -34.75
C GLY M 573 -17.83 12.46 -36.12
N ASN M 574 -19.15 12.70 -36.11
CA ASN M 574 -19.95 12.72 -37.31
C ASN M 574 -20.72 14.02 -37.48
N LEU M 575 -20.14 15.13 -37.00
CA LEU M 575 -20.76 16.43 -37.19
C LEU M 575 -20.62 16.88 -38.64
N PRO M 576 -21.59 17.61 -39.17
CA PRO M 576 -21.46 18.15 -40.53
C PRO M 576 -20.40 19.23 -40.58
N GLY M 577 -19.60 19.21 -41.65
CA GLY M 577 -18.45 20.08 -41.73
C GLY M 577 -17.40 19.69 -40.71
N MET M 578 -17.00 18.41 -40.72
CA MET M 578 -16.06 17.92 -39.73
C MET M 578 -14.65 18.40 -40.04
N ASN M 579 -14.32 18.57 -41.31
CA ASN M 579 -13.00 19.01 -41.74
C ASN M 579 -13.02 20.33 -42.50
N ARG M 580 -14.05 21.14 -42.28
CA ARG M 580 -14.09 22.48 -42.88
C ARG M 580 -13.07 23.37 -42.16
N PRO M 581 -12.48 24.34 -42.87
CA PRO M 581 -11.36 25.10 -42.29
C PRO M 581 -11.80 26.02 -41.15
N LEU M 582 -10.80 26.44 -40.39
CA LEU M 582 -11.00 27.16 -39.13
C LEU M 582 -11.49 28.56 -39.41
N ALA M 583 -12.80 28.77 -39.26
CA ALA M 583 -13.39 30.10 -39.41
C ALA M 583 -13.06 30.91 -38.16
N SER M 584 -12.04 31.75 -38.25
CA SER M 584 -11.60 32.54 -37.10
C SER M 584 -12.57 33.68 -36.84
N THR M 585 -13.08 33.73 -35.61
CA THR M 585 -14.00 34.78 -35.20
C THR M 585 -13.19 35.99 -34.72
N VAL M 586 -13.64 37.19 -35.09
CA VAL M 586 -12.96 38.41 -34.69
C VAL M 586 -13.10 38.66 -33.19
N ASN M 587 -14.12 38.10 -32.54
CA ASN M 587 -14.24 38.19 -31.09
C ASN M 587 -13.26 37.27 -30.37
N ASP M 588 -12.75 36.24 -31.04
CA ASP M 588 -11.76 35.37 -30.45
C ASP M 588 -10.41 36.06 -30.40
N LYS M 589 -9.67 35.84 -29.31
CA LYS M 589 -8.37 36.46 -29.11
C LYS M 589 -7.32 35.59 -29.79
N LEU M 590 -6.88 36.03 -30.98
CA LEU M 590 -5.90 35.26 -31.74
C LEU M 590 -4.50 35.41 -31.17
N GLU M 591 -4.06 36.64 -30.92
CA GLU M 591 -2.74 36.88 -30.40
C GLU M 591 -2.70 36.61 -28.89
N LEU M 592 -1.49 36.52 -28.37
CA LEU M 592 -1.32 36.27 -26.93
C LEU M 592 -1.57 37.53 -26.12
N GLN M 593 -1.15 38.70 -26.63
CA GLN M 593 -1.19 39.95 -25.89
C GLN M 593 -2.61 40.41 -25.59
N GLU M 594 -3.59 40.02 -26.41
CA GLU M 594 -4.98 40.30 -26.09
C GLU M 594 -5.48 39.50 -24.89
N CYS M 595 -4.81 38.39 -24.56
CA CYS M 595 -5.17 37.58 -23.41
C CYS M 595 -4.47 38.02 -22.13
N LEU M 596 -3.42 38.84 -22.24
CA LEU M 596 -2.72 39.31 -21.05
C LEU M 596 -3.52 40.37 -20.31
N GLU M 597 -3.12 40.62 -19.07
CA GLU M 597 -3.67 41.70 -18.28
C GLU M 597 -2.89 42.99 -18.57
N HIS M 598 -3.09 44.02 -17.76
CA HIS M 598 -2.35 45.25 -17.93
C HIS M 598 -0.99 45.15 -17.24
N GLY M 599 0.01 45.78 -17.84
CA GLY M 599 1.35 45.80 -17.28
C GLY M 599 2.20 44.59 -17.59
N ARG M 600 1.80 43.75 -18.54
CA ARG M 600 2.52 42.54 -18.87
C ARG M 600 2.71 42.46 -20.37
N ILE M 601 3.93 42.11 -20.80
CA ILE M 601 4.31 42.08 -22.21
C ILE M 601 4.59 40.63 -22.59
N ALA M 602 3.98 40.18 -23.70
CA ALA M 602 4.15 38.81 -24.15
C ALA M 602 5.52 38.64 -24.81
N LYS M 603 6.28 37.65 -24.33
CA LYS M 603 7.57 37.35 -24.93
C LYS M 603 7.42 36.57 -26.23
N PHE M 604 6.48 35.63 -26.29
CA PHE M 604 6.24 34.82 -27.47
C PHE M 604 5.00 35.33 -28.21
N SER M 605 4.75 34.73 -29.37
CA SER M 605 3.55 35.06 -30.12
C SER M 605 2.35 34.28 -29.60
N LYS M 606 2.56 33.01 -29.22
CA LYS M 606 1.56 32.17 -28.58
C LYS M 606 2.27 31.31 -27.54
N VAL M 607 1.49 30.63 -26.71
CA VAL M 607 2.04 29.80 -25.65
C VAL M 607 1.87 28.33 -26.01
N ARG M 608 2.76 27.50 -25.46
CA ARG M 608 2.67 26.06 -25.56
C ARG M 608 1.70 25.54 -24.50
N THR M 609 1.46 24.23 -24.54
CA THR M 609 0.56 23.59 -23.58
C THR M 609 1.23 23.43 -22.23
N ASP M 622 14.26 26.47 -22.38
CA ASP M 622 14.87 27.57 -21.65
C ASP M 622 14.28 27.67 -20.25
N GLN M 623 15.10 28.10 -19.28
CA GLN M 623 14.63 28.33 -17.92
C GLN M 623 14.12 29.76 -17.76
N HIS M 624 13.11 30.09 -18.54
CA HIS M 624 12.53 31.43 -18.53
C HIS M 624 11.01 31.35 -18.44
N PHE M 625 10.34 32.49 -18.62
CA PHE M 625 8.89 32.57 -18.50
C PHE M 625 8.37 33.36 -19.69
N PRO M 626 7.22 32.98 -20.25
CA PRO M 626 6.78 33.57 -21.52
C PRO M 626 6.20 34.98 -21.42
N VAL M 627 6.19 35.60 -20.24
CA VAL M 627 5.62 36.93 -20.06
C VAL M 627 6.58 37.76 -19.22
N PHE M 628 6.99 38.93 -19.74
CA PHE M 628 7.68 39.90 -18.92
C PHE M 628 6.67 40.74 -18.15
N MET M 629 6.98 41.01 -16.88
CA MET M 629 6.13 41.86 -16.03
C MET M 629 7.03 42.76 -15.21
N ASN M 630 6.96 44.07 -15.49
CA ASN M 630 7.80 45.11 -14.88
C ASN M 630 9.28 44.80 -15.04
N GLU M 631 9.67 44.47 -16.28
CA GLU M 631 11.01 44.03 -16.66
C GLU M 631 11.47 42.84 -15.82
N LYS M 632 10.55 41.89 -15.59
CA LYS M 632 10.85 40.69 -14.83
C LYS M 632 9.99 39.55 -15.37
N GLU M 633 10.61 38.40 -15.59
CA GLU M 633 9.90 37.24 -16.11
C GLU M 633 8.96 36.67 -15.05
N ASP M 634 7.69 36.54 -15.41
CA ASP M 634 6.66 36.12 -14.47
C ASP M 634 5.88 34.95 -15.06
N ILE M 635 5.35 34.10 -14.16
CA ILE M 635 4.59 32.92 -14.55
C ILE M 635 3.29 33.36 -15.21
N LEU M 636 2.86 32.61 -16.23
CA LEU M 636 1.60 32.87 -16.91
C LEU M 636 0.42 32.66 -15.96
N TRP M 637 -0.43 33.68 -15.86
CA TRP M 637 -1.52 33.67 -14.88
C TRP M 637 -2.63 32.72 -15.29
N CYS M 638 -3.45 32.35 -14.31
CA CYS M 638 -4.51 31.38 -14.52
C CYS M 638 -5.69 31.99 -15.27
N THR M 639 -6.04 33.24 -14.96
CA THR M 639 -7.10 33.91 -15.71
C THR M 639 -6.65 34.23 -17.12
N GLU M 640 -5.37 34.55 -17.29
CA GLU M 640 -4.79 34.68 -18.61
C GLU M 640 -4.77 33.35 -19.35
N MET M 641 -4.57 32.24 -18.63
CA MET M 641 -4.67 30.92 -19.24
C MET M 641 -6.09 30.61 -19.68
N GLU M 642 -7.08 31.09 -18.93
CA GLU M 642 -8.48 30.95 -19.32
C GLU M 642 -8.80 31.78 -20.56
N ARG M 643 -8.21 32.97 -20.65
CA ARG M 643 -8.39 33.80 -21.84
C ARG M 643 -7.69 33.19 -23.06
N VAL M 644 -6.56 32.52 -22.84
CA VAL M 644 -5.89 31.80 -23.92
C VAL M 644 -6.74 30.62 -24.39
N PHE M 645 -7.27 29.84 -23.45
CA PHE M 645 -8.06 28.67 -23.78
C PHE M 645 -9.50 29.00 -24.16
N GLY M 646 -9.85 30.27 -24.29
CA GLY M 646 -11.16 30.67 -24.77
C GLY M 646 -12.24 30.77 -23.72
N PHE M 647 -11.94 30.43 -22.48
CA PHE M 647 -12.91 30.48 -21.40
C PHE M 647 -13.26 31.94 -21.08
N PRO M 648 -14.43 32.18 -20.47
CA PRO M 648 -14.72 33.53 -19.97
C PRO M 648 -13.77 33.92 -18.84
N VAL M 649 -13.70 35.23 -18.60
CA VAL M 649 -12.74 35.79 -17.67
C VAL M 649 -13.15 35.40 -16.25
N HIS M 650 -12.17 34.91 -15.47
CA HIS M 650 -12.35 34.37 -14.12
C HIS M 650 -13.35 33.22 -14.10
N TYR M 651 -13.06 32.18 -14.88
CA TYR M 651 -13.98 31.05 -14.98
C TYR M 651 -13.70 29.99 -13.91
N THR M 652 -12.45 29.50 -13.84
CA THR M 652 -12.11 28.41 -12.92
C THR M 652 -11.54 29.00 -11.62
N ASP M 653 -12.37 29.80 -10.96
CA ASP M 653 -12.14 30.27 -9.59
C ASP M 653 -13.45 29.99 -8.86
N VAL M 654 -13.61 28.76 -8.39
CA VAL M 654 -14.91 28.34 -7.87
C VAL M 654 -14.81 27.93 -6.40
N SER M 655 -13.63 27.57 -5.93
CA SER M 655 -13.50 27.10 -4.56
C SER M 655 -12.12 27.49 -4.04
N ASN M 656 -11.74 26.89 -2.91
CA ASN M 656 -10.47 27.17 -2.27
C ASN M 656 -9.40 26.19 -2.76
N MET M 657 -9.18 26.20 -4.07
CA MET M 657 -8.14 25.41 -4.70
C MET M 657 -6.93 26.27 -4.98
N SER M 658 -5.77 25.63 -5.08
CA SER M 658 -4.50 26.31 -5.20
C SER M 658 -4.23 26.65 -6.67
N ARG M 659 -3.02 27.12 -6.96
CA ARG M 659 -2.62 27.40 -8.34
C ARG M 659 -2.41 26.10 -9.11
N LEU M 660 -1.85 25.08 -8.46
CA LEU M 660 -1.57 23.81 -9.12
C LEU M 660 -2.85 23.09 -9.50
N ALA M 661 -3.90 23.20 -8.68
CA ALA M 661 -5.18 22.59 -9.02
C ALA M 661 -5.82 23.28 -10.22
N ARG M 662 -5.70 24.61 -10.29
CA ARG M 662 -6.26 25.32 -11.44
C ARG M 662 -5.48 25.01 -12.72
N GLN M 663 -4.16 24.82 -12.60
CA GLN M 663 -3.37 24.33 -13.73
C GLN M 663 -3.80 22.94 -14.17
N ARG M 664 -4.02 22.03 -13.21
CA ARG M 664 -4.42 20.66 -13.54
C ARG M 664 -5.80 20.61 -14.19
N LEU M 665 -6.69 21.53 -13.78
CA LEU M 665 -8.01 21.58 -14.40
C LEU M 665 -7.96 22.22 -15.79
N LEU M 666 -7.27 23.36 -15.93
CA LEU M 666 -7.23 24.04 -17.22
C LEU M 666 -6.41 23.29 -18.27
N GLY M 667 -5.38 22.55 -17.86
CA GLY M 667 -4.62 21.75 -18.82
C GLY M 667 -5.45 20.69 -19.51
N ARG M 668 -6.24 19.94 -18.75
CA ARG M 668 -7.06 18.87 -19.29
C ARG M 668 -8.30 19.36 -20.02
N SER M 669 -8.62 20.65 -19.93
CA SER M 669 -9.86 21.17 -20.48
C SER M 669 -9.77 21.34 -21.99
N TRP M 670 -10.94 21.39 -22.63
CA TRP M 670 -11.03 21.63 -24.06
C TRP M 670 -10.76 23.10 -24.36
N SER M 671 -10.48 23.37 -25.63
CA SER M 671 -10.35 24.74 -26.13
C SER M 671 -11.74 25.23 -26.55
N VAL M 672 -12.20 26.31 -25.91
CA VAL M 672 -13.52 26.87 -26.21
C VAL M 672 -13.72 27.27 -27.68
N PRO M 673 -12.80 28.02 -28.35
CA PRO M 673 -13.04 28.36 -29.77
C PRO M 673 -13.13 27.15 -30.69
N VAL M 674 -12.28 26.13 -30.46
CA VAL M 674 -12.29 24.92 -31.26
C VAL M 674 -13.63 24.20 -31.15
N ILE M 675 -14.18 24.16 -29.93
CA ILE M 675 -15.48 23.53 -29.71
C ILE M 675 -16.57 24.36 -30.38
N ARG M 676 -16.54 25.68 -30.16
CA ARG M 676 -17.48 26.63 -30.77
C ARG M 676 -17.54 26.45 -32.29
N HIS M 677 -16.37 26.24 -32.91
CA HIS M 677 -16.32 25.88 -34.33
C HIS M 677 -17.00 24.55 -34.58
N LEU M 678 -16.70 23.54 -33.74
CA LEU M 678 -17.28 22.21 -33.93
C LEU M 678 -18.78 22.20 -33.67
N PHE M 679 -19.24 22.86 -32.61
CA PHE M 679 -20.67 22.83 -32.30
C PHE M 679 -21.50 23.78 -33.15
N ALA M 680 -20.86 24.64 -33.95
CA ALA M 680 -21.52 25.63 -34.79
C ALA M 680 -22.64 25.08 -35.70
N PRO M 681 -22.47 24.01 -36.49
CA PRO M 681 -23.58 23.60 -37.38
C PRO M 681 -24.74 22.94 -36.66
N LEU M 682 -24.60 22.55 -35.39
CA LEU M 682 -25.72 22.06 -34.60
C LEU M 682 -26.84 23.09 -34.43
N LYS M 683 -26.54 24.38 -34.60
CA LYS M 683 -27.53 25.44 -34.43
C LYS M 683 -28.69 25.33 -35.41
N GLU M 684 -28.43 24.87 -36.64
CA GLU M 684 -29.50 24.71 -37.62
C GLU M 684 -30.22 23.37 -37.49
N TYR M 685 -29.70 22.45 -36.70
CA TYR M 685 -30.36 21.17 -36.47
C TYR M 685 -31.17 21.13 -35.17
N PHE M 686 -31.03 22.13 -34.31
CA PHE M 686 -31.66 22.08 -32.99
C PHE M 686 -32.13 23.47 -32.60
N ALA M 687 -32.66 23.57 -31.38
CA ALA M 687 -33.35 24.77 -30.92
C ALA M 687 -32.37 25.92 -30.68
N CYS M 688 -32.89 27.14 -30.77
CA CYS M 688 -32.11 28.35 -30.64
C CYS M 688 -32.72 29.26 -29.59
N VAL M 689 -31.85 29.93 -28.82
CA VAL M 689 -32.30 30.92 -27.85
C VAL M 689 -31.35 32.12 -27.84
N LYS N 542 -32.53 -15.57 -16.44
CA LYS N 542 -33.05 -15.38 -17.79
C LYS N 542 -32.99 -16.69 -18.58
N LEU N 543 -34.12 -17.08 -19.17
CA LEU N 543 -34.23 -18.30 -19.95
C LEU N 543 -34.70 -17.95 -21.36
N TYR N 544 -34.05 -18.54 -22.35
CA TYR N 544 -34.35 -18.34 -23.76
C TYR N 544 -35.19 -19.49 -24.30
N PRO N 545 -36.14 -19.21 -25.19
CA PRO N 545 -36.98 -20.29 -25.73
C PRO N 545 -36.21 -21.16 -26.70
N ALA N 546 -36.50 -22.45 -26.68
CA ALA N 546 -35.80 -23.44 -27.48
C ALA N 546 -36.61 -23.76 -28.74
N ILE N 547 -36.01 -23.53 -29.90
CA ILE N 547 -36.63 -23.94 -31.17
C ILE N 547 -36.60 -25.46 -31.24
N PRO N 548 -37.63 -26.11 -31.80
CA PRO N 548 -37.57 -27.57 -31.96
C PRO N 548 -36.50 -28.01 -32.94
N ALA N 549 -36.12 -29.28 -32.80
CA ALA N 549 -35.03 -29.87 -33.56
C ALA N 549 -35.42 -30.23 -35.00
N ALA N 550 -36.67 -29.98 -35.40
CA ALA N 550 -37.03 -30.20 -36.81
C ALA N 550 -36.40 -29.14 -37.71
N ARG N 551 -36.15 -27.95 -37.17
CA ARG N 551 -35.48 -26.88 -37.91
C ARG N 551 -33.98 -27.04 -37.72
N ARG N 552 -33.34 -27.71 -38.68
CA ARG N 552 -31.91 -27.97 -38.62
C ARG N 552 -31.19 -26.95 -39.49
N ARG N 553 -30.87 -25.81 -38.89
CA ARG N 553 -30.04 -24.80 -39.55
C ARG N 553 -28.61 -24.89 -39.02
N PRO N 554 -27.62 -24.76 -39.90
CA PRO N 554 -26.23 -24.88 -39.44
C PRO N 554 -25.78 -23.66 -38.65
N ILE N 555 -24.83 -23.88 -37.75
CA ILE N 555 -24.41 -22.89 -36.78
C ILE N 555 -23.32 -22.01 -37.39
N ARG N 556 -23.48 -20.69 -37.25
CA ARG N 556 -22.50 -19.71 -37.70
C ARG N 556 -21.69 -19.27 -36.49
N VAL N 557 -20.38 -19.55 -36.52
CA VAL N 557 -19.49 -19.33 -35.40
C VAL N 557 -18.48 -18.25 -35.76
N LEU N 558 -18.17 -17.38 -34.79
CA LEU N 558 -17.07 -16.42 -34.88
C LEU N 558 -16.13 -16.69 -33.70
N SER N 559 -15.04 -17.39 -33.96
CA SER N 559 -14.00 -17.64 -32.97
C SER N 559 -12.87 -16.65 -33.20
N LEU N 560 -12.52 -15.89 -32.17
CA LEU N 560 -11.61 -14.78 -32.41
C LEU N 560 -10.15 -15.08 -32.08
N PHE N 561 -9.86 -15.62 -30.90
CA PHE N 561 -8.48 -15.88 -30.51
C PHE N 561 -8.37 -17.31 -29.98
N ASP N 562 -7.52 -18.10 -30.63
CA ASP N 562 -7.33 -19.50 -30.28
C ASP N 562 -6.03 -19.99 -30.90
N GLY N 563 -5.16 -20.57 -30.08
CA GLY N 563 -3.90 -21.09 -30.58
C GLY N 563 -4.06 -22.31 -31.46
N ILE N 564 -4.47 -23.43 -30.86
CA ILE N 564 -4.90 -24.60 -31.61
C ILE N 564 -6.42 -24.50 -31.76
N ALA N 565 -6.90 -24.55 -33.01
CA ALA N 565 -8.29 -24.22 -33.34
C ALA N 565 -9.23 -25.25 -32.74
N THR N 566 -9.91 -24.86 -31.65
CA THR N 566 -10.74 -25.76 -30.87
C THR N 566 -12.19 -25.76 -31.34
N GLY N 567 -12.73 -24.59 -31.71
CA GLY N 567 -14.17 -24.46 -31.89
C GLY N 567 -14.72 -25.21 -33.08
N TYR N 568 -14.00 -25.19 -34.21
CA TYR N 568 -14.45 -25.89 -35.40
C TYR N 568 -14.36 -27.40 -35.23
N LEU N 569 -13.31 -27.88 -34.55
CA LEU N 569 -13.15 -29.30 -34.30
C LEU N 569 -14.20 -29.79 -33.30
N VAL N 570 -14.47 -29.03 -32.24
CA VAL N 570 -15.50 -29.41 -31.28
C VAL N 570 -16.88 -29.33 -31.93
N LEU N 571 -17.09 -28.41 -32.86
CA LEU N 571 -18.35 -28.37 -33.60
C LEU N 571 -18.48 -29.52 -34.57
N LYS N 572 -17.34 -30.02 -35.10
CA LYS N 572 -17.37 -31.25 -35.87
C LYS N 572 -17.77 -32.44 -35.02
N GLU N 573 -17.36 -32.46 -33.75
CA GLU N 573 -17.83 -33.51 -32.85
C GLU N 573 -19.02 -33.07 -31.98
N LEU N 574 -19.76 -32.03 -32.39
CA LEU N 574 -21.11 -31.83 -31.86
C LEU N 574 -22.14 -32.71 -32.54
N GLY N 575 -21.85 -33.20 -33.75
CA GLY N 575 -22.83 -33.91 -34.53
C GLY N 575 -23.66 -33.03 -35.44
N ILE N 576 -23.36 -31.73 -35.50
CA ILE N 576 -24.11 -30.78 -36.32
C ILE N 576 -23.13 -30.05 -37.24
N LYS N 577 -23.69 -29.48 -38.31
CA LYS N 577 -22.90 -28.84 -39.34
C LYS N 577 -22.67 -27.37 -39.02
N VAL N 578 -21.69 -26.79 -39.70
CA VAL N 578 -21.31 -25.39 -39.53
C VAL N 578 -21.92 -24.57 -40.66
N GLY N 579 -22.46 -23.40 -40.32
CA GLY N 579 -22.84 -22.45 -41.34
C GLY N 579 -21.66 -21.65 -41.83
N LYS N 580 -21.09 -20.84 -40.94
CA LYS N 580 -19.94 -20.01 -41.23
C LYS N 580 -18.98 -20.08 -40.04
N TYR N 581 -17.73 -20.42 -40.30
CA TYR N 581 -16.70 -20.36 -39.26
C TYR N 581 -15.59 -19.45 -39.75
N VAL N 582 -15.43 -18.31 -39.07
CA VAL N 582 -14.47 -17.28 -39.41
C VAL N 582 -13.44 -17.19 -38.31
N ALA N 583 -12.17 -17.32 -38.69
CA ALA N 583 -11.07 -17.25 -37.74
C ALA N 583 -10.10 -16.15 -38.15
N SER N 584 -9.27 -15.73 -37.19
CA SER N 584 -8.26 -14.71 -37.43
C SER N 584 -7.22 -14.80 -36.33
N GLU N 585 -6.00 -14.38 -36.66
CA GLU N 585 -4.88 -14.44 -35.73
C GLU N 585 -3.81 -13.47 -36.21
N VAL N 586 -3.18 -12.78 -35.26
CA VAL N 586 -2.08 -11.87 -35.60
C VAL N 586 -0.86 -12.65 -36.08
N CYS N 587 -0.50 -13.71 -35.34
CA CYS N 587 0.62 -14.54 -35.73
C CYS N 587 0.20 -15.51 -36.84
N GLU N 588 1.19 -16.20 -37.41
CA GLU N 588 0.97 -17.14 -38.50
C GLU N 588 0.92 -18.59 -38.06
N GLU N 589 1.02 -18.85 -36.75
CA GLU N 589 1.00 -20.23 -36.26
C GLU N 589 -0.36 -20.87 -36.43
N SER N 590 -1.43 -20.14 -36.06
CA SER N 590 -2.78 -20.66 -36.24
C SER N 590 -3.15 -20.74 -37.72
N ILE N 591 -2.55 -19.88 -38.55
CA ILE N 591 -2.78 -19.95 -39.99
C ILE N 591 -2.11 -21.20 -40.57
N ALA N 592 -0.92 -21.54 -40.08
CA ALA N 592 -0.24 -22.76 -40.51
C ALA N 592 -0.99 -24.01 -40.05
N VAL N 593 -1.46 -24.02 -38.80
CA VAL N 593 -2.23 -25.15 -38.28
C VAL N 593 -3.54 -25.30 -39.05
N GLY N 594 -4.15 -24.19 -39.46
CA GLY N 594 -5.39 -24.26 -40.22
C GLY N 594 -5.18 -24.70 -41.66
N THR N 595 -4.09 -24.26 -42.29
CA THR N 595 -3.85 -24.66 -43.68
C THR N 595 -3.25 -26.07 -43.78
N VAL N 596 -2.77 -26.64 -42.67
CA VAL N 596 -2.36 -28.04 -42.68
C VAL N 596 -3.52 -28.96 -42.30
N LYS N 597 -4.23 -28.66 -41.21
CA LYS N 597 -5.13 -29.63 -40.61
C LYS N 597 -6.59 -29.50 -41.08
N HIS N 598 -7.14 -28.29 -41.04
CA HIS N 598 -8.59 -28.10 -41.05
C HIS N 598 -9.21 -28.06 -42.45
N GLU N 599 -8.47 -28.45 -43.48
CA GLU N 599 -8.95 -28.77 -44.83
C GLU N 599 -9.56 -27.58 -45.58
N GLY N 600 -9.42 -26.36 -45.07
CA GLY N 600 -9.86 -25.19 -45.81
C GLY N 600 -11.35 -24.94 -45.87
N ASN N 601 -12.10 -25.36 -44.86
CA ASN N 601 -13.52 -25.04 -44.75
C ASN N 601 -13.77 -23.84 -43.85
N ILE N 602 -12.74 -23.01 -43.63
CA ILE N 602 -12.77 -21.93 -42.65
C ILE N 602 -12.39 -20.64 -43.38
N LYS N 603 -13.15 -19.57 -43.15
CA LYS N 603 -12.79 -18.27 -43.70
C LYS N 603 -11.84 -17.55 -42.74
N TYR N 604 -10.61 -17.33 -43.19
CA TYR N 604 -9.59 -16.71 -42.35
C TYR N 604 -9.42 -15.25 -42.71
N VAL N 605 -9.09 -14.46 -41.69
CA VAL N 605 -8.66 -13.08 -41.87
C VAL N 605 -7.21 -13.00 -41.44
N ASN N 606 -6.40 -12.21 -42.17
CA ASN N 606 -4.98 -12.13 -41.88
C ASN N 606 -4.70 -11.40 -40.56
N ASP N 607 -5.55 -10.47 -40.17
CA ASP N 607 -5.33 -9.70 -38.95
C ASP N 607 -6.68 -9.45 -38.28
N VAL N 608 -6.66 -9.38 -36.94
CA VAL N 608 -7.88 -9.08 -36.21
C VAL N 608 -8.26 -7.60 -36.35
N ARG N 609 -7.30 -6.74 -36.68
CA ARG N 609 -7.53 -5.33 -36.94
C ARG N 609 -8.12 -5.04 -38.32
N ASN N 610 -8.57 -6.07 -39.03
CA ASN N 610 -9.13 -5.93 -40.37
C ASN N 610 -10.64 -6.10 -40.41
N ILE N 611 -11.22 -6.81 -39.44
CA ILE N 611 -12.64 -7.12 -39.46
C ILE N 611 -13.42 -5.86 -39.09
N THR N 612 -14.28 -5.42 -40.00
CA THR N 612 -15.12 -4.25 -39.80
C THR N 612 -16.58 -4.67 -39.72
N LYS N 613 -17.48 -3.68 -39.65
CA LYS N 613 -18.91 -3.96 -39.65
C LYS N 613 -19.37 -4.49 -41.01
N LYS N 614 -18.72 -4.06 -42.09
CA LYS N 614 -19.07 -4.52 -43.43
C LYS N 614 -18.73 -5.99 -43.62
N ASN N 615 -17.64 -6.45 -43.01
CA ASN N 615 -17.28 -7.86 -43.11
C ASN N 615 -18.26 -8.74 -42.35
N ILE N 616 -18.74 -8.26 -41.20
CA ILE N 616 -19.73 -9.00 -40.42
C ILE N 616 -21.06 -9.05 -41.15
N GLU N 617 -21.49 -7.91 -41.73
CA GLU N 617 -22.74 -7.89 -42.46
C GLU N 617 -22.66 -8.60 -43.82
N GLU N 618 -21.46 -8.79 -44.34
CA GLU N 618 -21.28 -9.49 -45.62
C GLU N 618 -21.16 -10.99 -45.43
N TRP N 619 -20.49 -11.44 -44.36
CA TRP N 619 -20.24 -12.86 -44.13
C TRP N 619 -21.35 -13.53 -43.32
N GLY N 620 -22.56 -13.00 -43.36
CA GLY N 620 -23.69 -13.62 -42.69
C GLY N 620 -23.74 -13.32 -41.21
N PRO N 621 -24.93 -13.40 -40.63
CA PRO N 621 -25.06 -13.21 -39.18
C PRO N 621 -24.53 -14.41 -38.43
N PHE N 622 -23.86 -14.14 -37.30
CA PHE N 622 -23.24 -15.19 -36.51
C PHE N 622 -24.14 -15.59 -35.36
N ASP N 623 -24.17 -16.90 -35.07
CA ASP N 623 -24.97 -17.43 -33.97
C ASP N 623 -24.15 -17.57 -32.69
N LEU N 624 -22.88 -17.94 -32.83
CA LEU N 624 -21.99 -18.12 -31.69
C LEU N 624 -20.79 -17.19 -31.84
N VAL N 625 -20.34 -16.61 -30.74
CA VAL N 625 -19.12 -15.80 -30.70
C VAL N 625 -18.30 -16.26 -29.49
N ILE N 626 -17.06 -16.69 -29.72
CA ILE N 626 -16.22 -17.22 -28.66
C ILE N 626 -14.84 -16.56 -28.67
N GLY N 627 -14.36 -16.23 -27.48
CA GLY N 627 -13.04 -15.66 -27.25
C GLY N 627 -12.27 -16.35 -26.12
N GLY N 628 -11.13 -16.91 -26.48
CA GLY N 628 -10.25 -17.57 -25.54
C GLY N 628 -8.80 -17.24 -25.85
N SER N 629 -7.86 -18.06 -25.38
CA SER N 629 -6.45 -17.82 -25.60
C SER N 629 -5.70 -19.13 -25.39
N PRO N 630 -4.55 -19.33 -26.07
CA PRO N 630 -3.75 -20.53 -25.80
C PRO N 630 -3.01 -20.45 -24.47
N GLU N 646 1.26 -7.40 -21.62
CA GLU N 646 -0.05 -7.51 -20.99
C GLU N 646 -1.15 -7.40 -22.03
N GLY N 647 -1.21 -8.38 -22.94
CA GLY N 647 -2.12 -8.37 -24.06
C GLY N 647 -3.50 -8.95 -23.82
N THR N 648 -3.77 -9.47 -22.61
CA THR N 648 -5.07 -10.06 -22.31
C THR N 648 -6.19 -9.03 -22.36
N GLY N 649 -5.94 -7.83 -21.84
CA GLY N 649 -6.90 -6.75 -21.96
C GLY N 649 -7.17 -6.35 -23.40
N ARG N 650 -6.11 -6.34 -24.22
CA ARG N 650 -6.25 -6.10 -25.65
C ARG N 650 -7.13 -7.15 -26.32
N LEU N 651 -6.92 -8.42 -25.96
CA LEU N 651 -7.73 -9.51 -26.51
C LEU N 651 -9.19 -9.36 -26.10
N PHE N 652 -9.44 -9.02 -24.84
CA PHE N 652 -10.82 -8.83 -24.37
C PHE N 652 -11.49 -7.66 -25.07
N PHE N 653 -10.81 -6.53 -25.23
CA PHE N 653 -11.48 -5.38 -25.81
C PHE N 653 -11.70 -5.54 -27.32
N GLU N 654 -10.77 -6.23 -28.01
CA GLU N 654 -11.05 -6.59 -29.40
C GLU N 654 -12.22 -7.56 -29.51
N PHE N 655 -12.32 -8.49 -28.54
CA PHE N 655 -13.44 -9.42 -28.48
C PHE N 655 -14.76 -8.70 -28.27
N TYR N 656 -14.80 -7.76 -27.31
CA TYR N 656 -16.04 -7.04 -27.01
C TYR N 656 -16.46 -6.13 -28.16
N HIS N 657 -15.48 -5.53 -28.86
CA HIS N 657 -15.81 -4.69 -29.99
C HIS N 657 -16.35 -5.51 -31.16
N LEU N 658 -15.75 -6.67 -31.44
CA LEU N 658 -16.31 -7.53 -32.48
C LEU N 658 -17.61 -8.19 -32.03
N LEU N 659 -17.81 -8.32 -30.71
CA LEU N 659 -19.05 -8.84 -30.17
C LEU N 659 -20.21 -7.87 -30.35
N ASN N 660 -19.93 -6.57 -30.28
CA ASN N 660 -20.98 -5.57 -30.50
C ASN N 660 -21.44 -5.56 -31.96
N TYR N 661 -20.58 -5.95 -32.89
CA TYR N 661 -20.99 -6.03 -34.29
C TYR N 661 -21.85 -7.25 -34.57
N SER N 662 -21.63 -8.35 -33.83
CA SER N 662 -22.34 -9.60 -34.09
C SER N 662 -23.60 -9.75 -33.27
N ARG N 663 -23.84 -8.88 -32.31
CA ARG N 663 -25.05 -8.97 -31.49
C ARG N 663 -26.26 -8.52 -32.31
N PRO N 664 -27.36 -9.27 -32.29
CA PRO N 664 -28.54 -8.85 -33.04
C PRO N 664 -29.22 -7.65 -32.39
N LYS N 665 -29.91 -6.87 -33.21
CA LYS N 665 -30.59 -5.67 -32.74
C LYS N 665 -31.87 -6.05 -32.00
N GLU N 666 -32.51 -5.03 -31.43
CA GLU N 666 -33.75 -5.22 -30.68
C GLU N 666 -34.89 -5.48 -31.67
N GLY N 667 -35.33 -6.73 -31.73
CA GLY N 667 -36.38 -7.12 -32.66
C GLY N 667 -36.10 -8.44 -33.35
N ASP N 668 -34.84 -8.86 -33.36
CA ASP N 668 -34.44 -10.11 -33.99
C ASP N 668 -34.64 -11.26 -33.01
N ASP N 669 -35.26 -12.34 -33.50
CA ASP N 669 -35.49 -13.54 -32.71
C ASP N 669 -34.40 -14.59 -32.90
N ARG N 670 -33.24 -14.19 -33.39
CA ARG N 670 -32.16 -15.15 -33.61
C ARG N 670 -31.49 -15.50 -32.28
N PRO N 671 -31.29 -16.79 -32.00
CA PRO N 671 -30.62 -17.18 -30.75
C PRO N 671 -29.14 -16.83 -30.79
N PHE N 672 -28.71 -16.01 -29.84
CA PHE N 672 -27.34 -15.52 -29.77
C PHE N 672 -26.64 -16.11 -28.56
N PHE N 673 -25.38 -16.52 -28.76
CA PHE N 673 -24.58 -17.12 -27.70
C PHE N 673 -23.15 -16.62 -27.81
N TRP N 674 -22.56 -16.27 -26.66
CA TRP N 674 -21.20 -15.79 -26.63
C TRP N 674 -20.47 -16.39 -25.43
N MET N 675 -19.14 -16.28 -25.45
CA MET N 675 -18.32 -16.89 -24.40
C MET N 675 -16.96 -16.19 -24.38
N PHE N 676 -16.48 -15.89 -23.17
CA PHE N 676 -15.14 -15.35 -22.96
C PHE N 676 -14.45 -16.11 -21.84
N GLU N 677 -13.14 -16.32 -22.01
CA GLU N 677 -12.34 -17.19 -21.16
C GLU N 677 -11.06 -16.49 -20.72
N ASN N 678 -10.73 -16.62 -19.42
CA ASN N 678 -9.45 -16.26 -18.84
C ASN N 678 -9.40 -16.82 -17.42
N VAL N 679 -8.18 -17.09 -16.94
CA VAL N 679 -7.94 -17.75 -15.67
C VAL N 679 -8.08 -16.79 -14.50
N VAL N 680 -8.06 -17.33 -13.26
CA VAL N 680 -8.26 -16.54 -12.05
C VAL N 680 -7.04 -15.74 -11.62
N ALA N 681 -5.95 -15.77 -12.38
CA ALA N 681 -4.78 -14.97 -12.08
C ALA N 681 -4.91 -13.53 -12.56
N MET N 682 -6.09 -13.15 -13.06
CA MET N 682 -6.38 -11.78 -13.44
C MET N 682 -6.39 -10.87 -12.20
N LYS N 683 -6.03 -9.61 -12.41
CA LYS N 683 -6.25 -8.59 -11.39
C LYS N 683 -7.75 -8.42 -11.15
N VAL N 684 -8.12 -8.19 -9.89
CA VAL N 684 -9.53 -8.14 -9.51
C VAL N 684 -10.20 -6.88 -10.07
N GLY N 685 -9.43 -5.82 -10.32
CA GLY N 685 -9.98 -4.64 -10.97
C GLY N 685 -10.35 -4.90 -12.43
N ASP N 686 -9.50 -5.66 -13.13
CA ASP N 686 -9.84 -6.08 -14.49
C ASP N 686 -11.05 -7.02 -14.49
N LYS N 687 -11.17 -7.86 -13.46
CA LYS N 687 -12.33 -8.75 -13.34
C LYS N 687 -13.62 -7.98 -13.16
N ARG N 688 -13.64 -7.01 -12.23
CA ARG N 688 -14.87 -6.24 -12.01
C ARG N 688 -15.16 -5.32 -13.20
N ASP N 689 -14.12 -4.87 -13.91
CA ASP N 689 -14.37 -4.07 -15.11
C ASP N 689 -14.98 -4.92 -16.23
N ILE N 690 -14.47 -6.14 -16.44
CA ILE N 690 -15.03 -7.04 -17.44
C ILE N 690 -16.45 -7.47 -17.06
N SER N 691 -16.72 -7.62 -15.77
CA SER N 691 -18.08 -7.86 -15.30
C SER N 691 -19.01 -6.68 -15.59
N ARG N 692 -18.48 -5.46 -15.54
CA ARG N 692 -19.27 -4.30 -15.93
C ARG N 692 -19.51 -4.25 -17.44
N PHE N 693 -18.48 -4.58 -18.24
CA PHE N 693 -18.61 -4.47 -19.69
C PHE N 693 -19.56 -5.53 -20.24
N LEU N 694 -19.49 -6.75 -19.73
CA LEU N 694 -20.27 -7.83 -20.30
C LEU N 694 -21.66 -7.97 -19.68
N GLU N 695 -21.92 -7.26 -18.58
CA GLU N 695 -23.17 -7.31 -17.81
C GLU N 695 -23.50 -8.73 -17.34
N CYS N 696 -22.46 -9.53 -17.07
CA CYS N 696 -22.63 -10.91 -16.65
C CYS N 696 -21.55 -11.25 -15.62
N ASN N 697 -21.91 -12.09 -14.66
CA ASN N 697 -20.92 -12.43 -13.65
C ASN N 697 -20.16 -13.69 -14.07
N PRO N 698 -18.84 -13.71 -13.84
CA PRO N 698 -18.07 -14.92 -14.14
C PRO N 698 -18.37 -16.02 -13.14
N VAL N 699 -18.05 -17.25 -13.52
CA VAL N 699 -18.09 -18.38 -12.59
C VAL N 699 -16.66 -18.90 -12.42
N MET N 700 -16.24 -19.03 -11.16
CA MET N 700 -14.93 -19.57 -10.80
C MET N 700 -15.03 -21.09 -10.75
N ILE N 701 -14.59 -21.74 -11.82
CA ILE N 701 -14.52 -23.20 -11.89
C ILE N 701 -13.06 -23.60 -11.72
N ASP N 702 -12.80 -24.42 -10.71
CA ASP N 702 -11.45 -24.84 -10.38
C ASP N 702 -11.13 -26.18 -11.03
N ALA N 703 -9.84 -26.40 -11.29
CA ALA N 703 -9.35 -27.71 -11.69
C ALA N 703 -9.00 -28.55 -10.47
N ILE N 704 -10.00 -28.77 -9.61
CA ILE N 704 -9.82 -29.55 -8.40
C ILE N 704 -10.69 -30.81 -8.40
N LYS N 705 -11.79 -30.83 -9.14
CA LYS N 705 -12.62 -32.02 -9.25
C LYS N 705 -11.97 -33.06 -10.15
N VAL N 706 -11.45 -32.64 -11.30
CA VAL N 706 -10.81 -33.55 -12.23
C VAL N 706 -9.28 -33.53 -12.11
N SER N 707 -8.71 -32.50 -11.47
CA SER N 707 -7.28 -32.32 -11.43
C SER N 707 -6.86 -32.00 -10.00
N ALA N 708 -5.58 -31.70 -9.82
CA ALA N 708 -5.06 -31.23 -8.54
C ALA N 708 -4.28 -29.94 -8.65
N ALA N 709 -4.10 -29.41 -9.86
CA ALA N 709 -3.34 -28.18 -10.05
C ALA N 709 -4.13 -26.98 -9.56
N HIS N 710 -3.40 -25.94 -9.17
CA HIS N 710 -4.01 -24.71 -8.66
C HIS N 710 -4.31 -23.70 -9.78
N ARG N 711 -4.96 -24.19 -10.84
CA ARG N 711 -5.28 -23.38 -12.00
C ARG N 711 -6.79 -23.35 -12.16
N ALA N 712 -7.41 -22.37 -11.50
CA ALA N 712 -8.84 -22.14 -11.63
C ALA N 712 -9.10 -21.11 -12.72
N ARG N 713 -10.35 -21.00 -13.14
CA ARG N 713 -10.71 -20.20 -14.30
C ARG N 713 -12.03 -19.49 -14.06
N TYR N 714 -12.11 -18.23 -14.47
CA TYR N 714 -13.38 -17.54 -14.57
C TYR N 714 -13.97 -17.73 -15.96
N PHE N 715 -15.28 -17.91 -16.01
CA PHE N 715 -16.01 -18.01 -17.27
C PHE N 715 -16.99 -16.85 -17.39
N TRP N 716 -17.12 -16.31 -18.60
CA TRP N 716 -18.18 -15.37 -18.95
C TRP N 716 -18.93 -15.91 -20.15
N GLY N 717 -20.25 -15.71 -20.18
CA GLY N 717 -20.98 -16.07 -21.38
C GLY N 717 -22.47 -16.06 -21.16
N ASN N 718 -23.17 -16.51 -22.20
CA ASN N 718 -24.62 -16.58 -22.26
C ASN N 718 -25.05 -18.04 -22.37
N LEU N 719 -24.43 -18.90 -21.58
CA LEU N 719 -24.65 -20.33 -21.73
C LEU N 719 -25.69 -20.81 -20.73
N PRO N 720 -26.70 -21.56 -21.18
CA PRO N 720 -27.67 -22.12 -20.22
C PRO N 720 -27.07 -23.24 -19.40
N GLY N 721 -27.19 -23.13 -18.08
CA GLY N 721 -26.68 -24.16 -17.19
C GLY N 721 -25.18 -24.16 -17.03
N MET N 722 -24.64 -23.12 -16.40
CA MET N 722 -23.20 -22.96 -16.25
C MET N 722 -22.78 -22.58 -14.83
N ASN N 723 -23.68 -22.71 -13.84
CA ASN N 723 -23.36 -22.27 -12.48
C ASN N 723 -22.62 -23.34 -11.69
N ARG N 724 -23.28 -24.48 -11.42
CA ARG N 724 -22.72 -25.50 -10.55
C ARG N 724 -22.89 -26.91 -11.13
N ILE N 725 -23.18 -27.02 -12.42
CA ILE N 725 -23.49 -28.30 -13.03
C ILE N 725 -22.23 -29.13 -13.23
N PHE N 726 -21.09 -28.47 -13.50
CA PHE N 726 -19.81 -29.15 -13.70
C PHE N 726 -19.36 -29.88 -12.45
N GLY N 727 -19.05 -31.17 -12.61
CA GLY N 727 -18.59 -32.01 -11.53
C GLY N 727 -17.47 -32.93 -11.99
N PHE N 728 -17.11 -33.92 -11.16
CA PHE N 728 -16.03 -34.79 -11.60
C PHE N 728 -16.60 -36.07 -12.22
N PRO N 729 -16.14 -36.44 -13.42
CA PRO N 729 -16.46 -37.77 -13.95
C PRO N 729 -15.35 -38.77 -13.62
N VAL N 730 -15.73 -40.04 -13.68
CA VAL N 730 -14.78 -41.13 -13.47
C VAL N 730 -14.48 -41.87 -14.78
N HIS N 731 -15.47 -42.00 -15.67
CA HIS N 731 -15.26 -42.68 -16.94
C HIS N 731 -14.46 -41.83 -17.91
N TYR N 732 -14.82 -40.54 -18.02
CA TYR N 732 -14.07 -39.63 -18.88
C TYR N 732 -12.67 -39.41 -18.35
N THR N 733 -12.51 -39.38 -17.03
CA THR N 733 -11.19 -39.28 -16.43
C THR N 733 -10.36 -40.51 -16.73
N ASP N 734 -10.97 -41.70 -16.58
CA ASP N 734 -10.29 -42.97 -16.85
C ASP N 734 -9.84 -43.08 -18.30
N VAL N 735 -10.72 -42.73 -19.24
CA VAL N 735 -10.35 -42.81 -20.66
C VAL N 735 -9.29 -41.74 -20.99
N SER N 736 -9.32 -40.58 -20.31
CA SER N 736 -8.33 -39.54 -20.57
C SER N 736 -7.01 -39.74 -19.81
N ASN N 737 -6.93 -40.75 -18.92
CA ASN N 737 -5.68 -40.95 -18.18
C ASN N 737 -4.59 -41.61 -19.02
N MET N 738 -4.96 -42.43 -20.01
CA MET N 738 -4.01 -43.34 -20.65
C MET N 738 -3.12 -42.60 -21.65
N GLY N 739 -2.10 -41.94 -21.09
CA GLY N 739 -1.06 -41.25 -21.84
C GLY N 739 0.14 -41.06 -20.92
N ARG N 740 1.34 -41.09 -21.49
CA ARG N 740 2.53 -40.67 -20.76
C ARG N 740 2.66 -39.16 -20.70
N GLY N 741 1.90 -38.46 -21.53
CA GLY N 741 1.77 -37.02 -21.48
C GLY N 741 0.36 -36.73 -21.01
N ALA N 742 -0.03 -37.43 -19.94
CA ALA N 742 -1.39 -37.31 -19.42
C ALA N 742 -1.63 -35.93 -18.82
N ARG N 743 -0.68 -35.42 -18.02
CA ARG N 743 -0.96 -34.11 -17.46
C ARG N 743 -0.58 -32.94 -18.38
N GLN N 744 0.03 -33.19 -19.54
CA GLN N 744 0.22 -32.08 -20.46
C GLN N 744 -1.07 -31.92 -21.27
N LYS N 745 -1.72 -33.04 -21.58
CA LYS N 745 -3.08 -33.00 -22.12
C LYS N 745 -4.06 -32.52 -21.07
N LEU N 746 -3.77 -32.75 -19.79
CA LEU N 746 -4.60 -32.15 -18.75
C LEU N 746 -4.43 -30.63 -18.72
N LEU N 747 -3.21 -30.14 -18.91
CA LEU N 747 -3.02 -28.69 -18.92
C LEU N 747 -3.59 -28.03 -20.18
N GLY N 748 -3.54 -28.72 -21.33
CA GLY N 748 -4.07 -28.11 -22.55
C GLY N 748 -5.38 -28.67 -23.11
N ARG N 749 -5.37 -29.98 -23.36
CA ARG N 749 -6.50 -30.64 -23.99
C ARG N 749 -7.70 -30.70 -23.06
N SER N 750 -7.47 -30.88 -21.75
CA SER N 750 -8.59 -30.90 -20.81
C SER N 750 -9.24 -29.53 -20.68
N TRP N 751 -8.50 -28.46 -20.96
CA TRP N 751 -9.11 -27.15 -21.10
C TRP N 751 -9.70 -26.93 -22.49
N SER N 752 -9.30 -27.74 -23.47
CA SER N 752 -9.77 -27.55 -24.84
C SER N 752 -11.05 -28.34 -25.14
N VAL N 753 -11.00 -29.66 -25.08
CA VAL N 753 -12.14 -30.49 -25.50
C VAL N 753 -13.23 -30.65 -24.44
N PRO N 754 -12.99 -31.17 -23.22
CA PRO N 754 -14.14 -31.61 -22.40
C PRO N 754 -14.94 -30.48 -21.78
N VAL N 755 -14.26 -29.45 -21.27
CA VAL N 755 -14.96 -28.34 -20.62
C VAL N 755 -15.79 -27.56 -21.65
N ILE N 756 -15.27 -27.42 -22.87
CA ILE N 756 -15.98 -26.65 -23.89
C ILE N 756 -17.18 -27.42 -24.43
N ARG N 757 -17.04 -28.74 -24.63
CA ARG N 757 -18.22 -29.52 -25.01
C ARG N 757 -19.20 -29.65 -23.85
N HIS N 758 -18.72 -29.59 -22.61
CA HIS N 758 -19.60 -29.60 -21.44
C HIS N 758 -20.42 -28.32 -21.35
N LEU N 759 -19.83 -27.19 -21.71
CA LEU N 759 -20.55 -25.93 -21.61
C LEU N 759 -21.42 -25.67 -22.82
N PHE N 760 -20.96 -26.06 -24.00
CA PHE N 760 -21.74 -25.95 -25.24
C PHE N 760 -22.51 -27.22 -25.56
N ALA N 761 -22.83 -28.02 -24.53
CA ALA N 761 -23.67 -29.20 -24.71
C ALA N 761 -25.09 -28.90 -25.21
N PRO N 762 -25.91 -28.01 -24.61
CA PRO N 762 -27.32 -27.96 -25.01
C PRO N 762 -27.62 -27.28 -26.34
N LEU N 763 -26.62 -27.03 -27.18
CA LEU N 763 -26.87 -26.34 -28.44
C LEU N 763 -27.45 -27.27 -29.50
N LYS N 764 -27.28 -28.59 -29.33
CA LYS N 764 -27.81 -29.55 -30.30
C LYS N 764 -29.33 -29.65 -30.21
N ASP N 765 -29.93 -29.28 -29.07
CA ASP N 765 -31.38 -29.20 -28.98
C ASP N 765 -31.91 -28.01 -29.77
N TYR N 766 -31.15 -26.93 -29.83
CA TYR N 766 -31.49 -25.82 -30.72
C TYR N 766 -31.31 -26.22 -32.17
N PHE N 767 -30.10 -26.60 -32.55
CA PHE N 767 -29.82 -26.98 -33.93
C PHE N 767 -28.93 -28.21 -33.99
CL CL O . 15.06 -15.08 22.38
CL CL P . 26.13 -64.82 13.50
CL CL Q . 1.56 -60.31 -12.99
N SAH R . -7.13 48.71 5.86
CA SAH R . -6.22 48.90 4.73
CB SAH R . -4.99 48.00 4.86
CG SAH R . -4.68 47.61 6.33
SD SAH R . -3.00 46.92 6.45
C SAH R . -6.95 48.63 3.40
O SAH R . -6.68 47.56 2.74
OXT SAH R . -7.81 49.43 2.96
C5' SAH R . -1.82 48.07 5.66
C4' SAH R . -1.34 47.49 4.32
O4' SAH R . -0.13 48.16 3.91
C3' SAH R . -1.04 45.99 4.46
O3' SAH R . -1.64 45.25 3.39
C2' SAH R . 0.50 45.86 4.41
O2' SAH R . 0.89 44.82 3.50
C1' SAH R . 0.97 47.23 3.88
N9 SAH R . 2.05 47.73 4.60
C8 SAH R . 2.69 47.16 5.60
N7 SAH R . 3.64 47.96 5.99
C5 SAH R . 3.59 49.03 5.26
C6 SAH R . 4.32 50.15 5.22
N6 SAH R . 5.39 50.33 6.15
N1 SAH R . 4.04 51.08 4.35
C2 SAH R . 3.05 50.94 3.48
N3 SAH R . 2.33 49.82 3.51
C4 SAH R . 2.60 48.88 4.39
N SAH S . -10.76 16.84 -22.16
CA SAH S . -11.79 16.75 -21.11
CB SAH S . -11.17 16.20 -19.81
CG SAH S . -9.92 15.32 -20.07
SD SAH S . -9.54 14.35 -18.56
C SAH S . -12.41 18.13 -20.85
O SAH S . -12.13 18.77 -19.77
OXT SAH S . -13.20 18.64 -21.69
C5' SAH S . -11.03 13.47 -18.02
C4' SAH S . -11.59 14.12 -16.74
O4' SAH S . -12.49 13.21 -16.08
C3' SAH S . -10.45 14.47 -15.78
O3' SAH S . -10.60 15.82 -15.29
C2' SAH S . -10.58 13.46 -14.60
O2' SAH S . -10.51 14.14 -13.33
C1' SAH S . -11.96 12.84 -14.79
N9 SAH S . -11.95 11.45 -14.65
C8 SAH S . -10.94 10.70 -14.35
N7 SAH S . -11.34 9.45 -14.31
C5 SAH S . -12.61 9.45 -14.59
C6 SAH S . -13.52 8.47 -14.70
N6 SAH S . -13.14 7.10 -14.48
N1 SAH S . -14.76 8.76 -15.00
C2 SAH S . -15.13 10.01 -15.21
N3 SAH S . -14.23 10.98 -15.11
C4 SAH S . -13.00 10.70 -14.80
#